data_8IHN
#
_entry.id   8IHN
#
_cell.length_a   1.00
_cell.length_b   1.00
_cell.length_c   1.00
_cell.angle_alpha   90.00
_cell.angle_beta   90.00
_cell.angle_gamma   90.00
#
_symmetry.space_group_name_H-M   'P 1'
#
loop_
_entity.id
_entity.type
_entity.pdbx_description
1 polymer 'Histone H3'
2 polymer 'Transcriptional regulatory protein SIN3'
3 polymer 'Histone deacetylase RPD3'
4 polymer 'RCO1 isoform 1'
5 polymer 'Chromatin modification-related protein EAF3'
6 non-polymer 'ZINC ION'
7 non-polymer 'CALCIUM ION'
#
loop_
_entity_poly.entity_id
_entity_poly.type
_entity_poly.pdbx_seq_one_letter_code
_entity_poly.pdbx_strand_id
1 'polypeptide(L)' ARTKQTARKSTGGKAPRKQLATKA A
2 'polypeptide(L)'
;MSQVWHNSNSQSNDVATSNDATGSNERNEKEPSLQGNKPGFVQQQQRITLPSLSALSTKEEDRRDSNGQQALTSHAAHIL
GYPPPHSNAMPSIATDSALKQPHEYHPRPKSSSSSPSINASLMNAGPAPLPTVGAASFSLSRFDNPLPIKAPVHTEEPKS
YNGLQEEEKATQRPQDCKEVPAGVQPADAPDPSSNHADANDDNNNNENSHDEDADYRPLNVKDALSYLEQVKFQFSSRPD
IYNLFLDIMKDFKSQAIDTPGVIERVSTLFRGYPILIQGFNTFLPQGYRIECSSNPDDPIRVTTPMGTTTVNNNISPSGR
GTTDAQELGSFPESDGNGVQQPSNVPMVPSSVYQSEQNQDQQQSLPLLATSSGLPSIQQPEMPAHRQIPQSQSLVPQEDA
KKNVDVEFSQAISYVNKIKTRFADQPDIYKHFLEILQTYQREQKPINEVYAQVTHLFQNAPDLLEDFKKFLPDSSASANQ
QVQHAQQHAQQQHEAQMHAQAQAQAQAQAQVEQQKQQQQFLYPASGYYGHPSNRGIPQQNLPPIGSFSPPTNGSTVHEAY
QDQQHMQPPHFMPLPSIVQHGPNMVHQGIANENPPLSDLRTSLTEQYAPSSIQHQQQHPQSISPIANTQYGDIPVRPEID
LDPSIVPVVPEPTEPIENNISLNEEVTFFEKAKRYIGNKHLYTEFLKILNLYSQDILDLDDLVEKVDFYLGSNKELFTWF
KNFVGYQEKTKCIENIVHEKHRLDLDLCEAFGPSYKRLPKSDTFMPCSGRDDMCWEVLNDEWVGHPVWASEDSGFIAHRK
NQYEETLFKIEEERHEYDFYIESNLRTIQCLETIVNKIENMTENEKANFKLPPGLGHTSMTIYKKVIRKVYDKERGFEII
DALHEHPAVTAPVVLKRLKQKDEEWRRAQREWNKVWRELEQKVFFKSLDHLGLTFKQADKKLLTTKQLISEISSIKVDQT
NKKIHWLTPKPKSQLDFDFPDKNIFYDILCLADTFITHTTAYSNPDKERLKDLLKYFISLFFSISFEKIEESLYSHKQNV
SESSGSDDGSSIASRKRPYQQEMSLLDILHRSRYQKLKRSNDEDGKVPQLSEPPEEEPNTIEEEELIDEEAKNPWLTGNL
VEEANSQGIIQNRSIFNLFANTNIYIFFRHWTTIYERLLEIKQMNERVTKEINTRSTVTFAKDLDLLSSQLSEMGLDFVG
EDAYKQVLRLSRRLINGDLEHQWFEESLRQAYNNKAFKLYTIDKVTQSLVKHAHTLMTDAKTAEIMALFVKDRNASTTSA
KDQIIYRLQVRSHMSNTENMFRIEFDKRTLHVSIQYIALDDLTLKEPKADEDKWKYYVTSYALPHPTEGIPHEKLKIPFL
ERLIEFGQDIDGTEVDEEFSPEGISVSTLKIKIQPITYQLHIENGSYDVFTRKATNKYPTIANDNTQKGMVSQKKELISK
FLDCAVGLRNNLDEAQKLSMQKKWENLKDSIAKTSAGNQGIESETEKGKITKQEQSDNLDSSTASVLPASITTVPQDDNI
ETTGNTESSDKGAKIQ
;
K
3 'polypeptide(L)'
;MVYEATPFDPITVKPSDKRRVAYFYDADVGNYAYGAGHPMKPHRIRMAHSLIMNYGLYKKMEIYRAKPATKQEMCQFHTD
EYIDFLSRVTPDNLEMFKRESVKFNVGDDCPVFDGLYEYCSISGGGSMEGAARLNRGKCDVAVNYAGGLHHAKKSEASGF
CYLNDIVLGIIELLRYHPRVLYIDIDVHHGDGVEEAFYTTDRVMTCSFHKYGEFFPGTGELRDIGVGAGKNYAVNVPLRD
GIDDATYRSVFEPVIKKIMEWYQPSAVVLQCGGDSLSGDRLGCFNLSMEGHANCVNYVKSFGIPMMVVGGGGYTMRNVAR
TWCFETGLLNNVVLDKDLPYNEYYEYYGPDYKLSVRPSNMFNVNTPEYLDKVMTNIFANLENTKYAPSVQLNHTPRDAED
LGDVEEDSAEAKDTKGGSQYARDLHVEHDNEFY
;
L
4 'polypeptide(L)'
;MDTSKKDTTRSPSHSNSSSPSSSSLSSSSSKEKKRPKRLSSQNVNYDLKRRKIITSEGIERSFKNEHSNLAVEDNIPEEE
PKELLEKDSKGNIIKLNEPSTISEDSKVSVTGLPLNKGPSEKIKRESLWNYRKNLGGQSNNSEMTLVPSKRFTQVPKNFQ
DLNRNDLKTFLTENMTEESNIRSTIGWNGDIINRTRDREPESDRDNKKLSNIRTKIILSTNATYDSKSKLFGQNSIKSTS
NASEKIFRDKNNSTIDFENEDFCSACNQSGSFLCCDTCPKSFHFLCLDPPIDPNNLPKGDWHCNECKFKIFINNSMATLK
KIESNFIKQNNNVKIFAKLLFNIDSHNPKQFQLPNYIKETFPAVKTGSRGQYSDENDKIPLTDRQLFNTSYGQSITKLDS
YNPDTHIDSNSGKFLICYKCNQTRLGSWSHPENSRLIMTCDYCQTPWHLDCVPRASFKNLGSKWKCPLHSPTKVYKKIHH
CQEDNSVNYKVWKKQRLINKKNQLYYEPLQKIGYQNNGNIQIIPTTSHTDYDFNQDFKITQIDENSIKYDFFDKIYKSKM
VQKRKLFQFQESLIDKLVSNGSQNGNSEDNMVKDIASLIYFQVSNNDKSSNNKSASKSNNLRKLWDLKELTNVVVPNELD
SIQFNDFSSDEIKHLLYLKKIIESKPKEELLKFLNIENPENQSE
;
M,O
5 'polypeptide(L)'
;MVDLEQEFALGGRCLAFHGPLMYEAKILKIWDPSSKMYTSIPNDKPGGSSQATKEIKPQKLGEDESIPEEIINGKCFFIH
YQGWKSSWDEWVGYDRIRAYNEENIAMKKRLANEAKEAKKSLLEQQKKKKLSTSLGGPSNGGKRKGDSRSNASISKSTSQ
SFLTSSVSGRKSGRSSANSLHPGSSLRSSSDQNGNDDRRRSSSLSPNMLHHIAGYPTPKISLQIPIKLKSVLVDDWEYVT
KDKKICRLPADVTVEMVLNKYEHEVSQELESPGSQSQLSEYCAGLKLYFDKCLGNMLLYRLERLQYDELLKKSSKDQKPL
VPIRIYGAIHLLRLISVLPELISSTTMDLQSCQLLIKQTEDFLVWLLMHVDEYFNDKDPNRSDDALYVNTSSQYEGVALG
M
;
N,P
#
# COMPACT_ATOMS: atom_id res chain seq x y z
N ALA A 1 27.50 35.41 18.60
CA ALA A 1 27.53 33.95 18.61
C ALA A 1 27.89 33.57 17.18
N ARG A 2 28.44 32.37 17.03
CA ARG A 2 28.76 31.86 15.70
C ARG A 2 27.89 30.66 15.41
N THR A 3 27.19 30.68 14.28
CA THR A 3 26.24 29.64 13.91
C THR A 3 26.83 29.00 12.66
N LYS A 4 26.97 27.70 12.65
CA LYS A 4 27.57 27.13 11.48
C LYS A 4 26.67 27.47 10.34
N GLN A 5 25.98 26.50 9.83
CA GLN A 5 24.97 26.69 8.79
C GLN A 5 24.16 25.41 8.65
N THR A 6 23.17 25.41 7.77
CA THR A 6 22.63 24.19 7.19
C THR A 6 23.15 24.08 5.76
N ALA A 7 23.56 22.86 5.38
CA ALA A 7 24.06 22.66 4.02
C ALA A 7 22.93 22.63 3.00
N ARG A 8 21.78 22.07 3.37
CA ARG A 8 20.70 21.80 2.44
C ARG A 8 19.39 22.36 2.97
N LYS A 9 18.63 22.99 2.06
CA LYS A 9 17.44 23.77 2.44
C LYS A 9 16.18 23.10 1.91
N SER A 10 15.71 22.08 2.63
CA SER A 10 14.40 21.47 2.43
C SER A 10 14.17 20.47 3.56
N THR A 11 12.89 20.25 3.88
CA THR A 11 12.57 19.27 4.92
C THR A 11 12.47 17.86 4.35
N GLY A 12 12.12 17.74 3.08
CA GLY A 12 11.95 16.43 2.49
C GLY A 12 13.27 15.68 2.33
N GLY A 13 14.36 16.43 2.26
CA GLY A 13 15.63 15.83 1.92
C GLY A 13 15.80 15.53 0.46
N LYS A 14 14.82 15.88 -0.37
CA LYS A 14 14.80 15.74 -1.82
C LYS A 14 14.63 14.28 -2.23
N ALA A 15 14.65 13.34 -1.30
CA ALA A 15 14.17 12.01 -1.62
C ALA A 15 12.76 12.02 -2.18
N PRO A 16 11.81 12.80 -1.66
CA PRO A 16 10.51 12.91 -2.32
C PRO A 16 10.34 14.09 -3.27
N ARG A 17 11.38 14.86 -3.57
CA ARG A 17 11.28 15.97 -4.50
C ARG A 17 12.05 15.65 -5.76
N LYS A 18 11.42 15.83 -6.93
CA LYS A 18 12.06 15.46 -8.18
C LYS A 18 13.11 16.48 -8.58
N GLN A 19 14.03 16.04 -9.45
CA GLN A 19 15.34 16.67 -9.58
C GLN A 19 15.95 16.94 -8.22
N LEU A 20 16.17 15.85 -7.48
CA LEU A 20 16.63 15.92 -6.10
C LEU A 20 18.03 16.51 -6.01
N ALA A 21 18.31 17.09 -4.86
CA ALA A 21 19.66 17.52 -4.63
C ALA A 21 20.25 16.23 -4.14
N THR A 22 19.49 15.47 -3.35
CA THR A 22 20.02 14.24 -2.76
C THR A 22 19.50 12.93 -3.33
N LYS A 23 18.63 12.98 -4.33
CA LYS A 23 18.17 11.75 -5.00
C LYS A 23 18.32 11.97 -6.48
N ALA A 24 19.55 11.95 -6.97
CA ALA A 24 19.79 12.24 -8.38
C ALA A 24 19.20 13.61 -8.76
N ILE B 660 -30.04 -31.66 2.15
CA ILE B 660 -30.85 -30.67 2.83
C ILE B 660 -30.03 -29.39 2.96
N SER B 661 -30.70 -28.26 3.19
CA SER B 661 -29.98 -27.00 3.36
C SER B 661 -29.05 -27.05 4.56
N LEU B 662 -29.37 -27.87 5.56
CA LEU B 662 -28.49 -28.01 6.71
C LEU B 662 -27.16 -28.65 6.33
N ASN B 663 -27.15 -29.46 5.27
CA ASN B 663 -25.96 -30.25 4.95
C ASN B 663 -24.78 -29.36 4.59
N GLU B 664 -25.06 -28.28 3.88
CA GLU B 664 -24.01 -27.37 3.49
C GLU B 664 -23.48 -26.62 4.67
N GLU B 665 -24.37 -26.09 5.49
CA GLU B 665 -23.92 -25.26 6.59
C GLU B 665 -23.05 -26.04 7.56
N VAL B 666 -23.41 -27.27 7.86
CA VAL B 666 -22.57 -28.06 8.75
C VAL B 666 -21.25 -28.40 8.08
N THR B 667 -21.11 -28.11 6.79
CA THR B 667 -19.88 -28.37 6.06
C THR B 667 -19.28 -27.12 5.44
N PHE B 668 -19.84 -25.94 5.70
CA PHE B 668 -19.33 -24.73 5.08
C PHE B 668 -17.87 -24.48 5.45
N PHE B 669 -17.51 -24.74 6.71
CA PHE B 669 -16.13 -24.52 7.12
C PHE B 669 -15.21 -25.59 6.55
N GLU B 670 -15.73 -26.80 6.32
CA GLU B 670 -14.94 -27.82 5.64
C GLU B 670 -14.72 -27.44 4.18
N LYS B 671 -15.77 -26.99 3.50
CA LYS B 671 -15.62 -26.52 2.13
C LYS B 671 -14.70 -25.31 2.07
N ALA B 672 -14.81 -24.41 3.05
CA ALA B 672 -13.92 -23.27 3.11
C ALA B 672 -12.49 -23.69 3.38
N LYS B 673 -12.29 -24.67 4.27
CA LYS B 673 -10.95 -25.10 4.62
C LYS B 673 -10.21 -25.67 3.41
N ARG B 674 -10.90 -26.45 2.59
CA ARG B 674 -10.27 -27.06 1.43
C ARG B 674 -9.79 -26.00 0.45
N TYR B 675 -10.62 -25.01 0.16
CA TYR B 675 -10.26 -24.03 -0.85
C TYR B 675 -9.13 -23.12 -0.38
N ILE B 676 -9.20 -22.64 0.87
CA ILE B 676 -8.18 -21.71 1.36
C ILE B 676 -6.81 -22.36 1.34
N GLY B 677 -6.77 -23.69 1.46
CA GLY B 677 -5.52 -24.40 1.32
C GLY B 677 -4.66 -24.36 2.56
N ASN B 678 -3.57 -23.58 2.52
CA ASN B 678 -2.63 -23.57 3.62
C ASN B 678 -3.27 -23.05 4.90
N LYS B 679 -2.83 -23.56 6.04
CA LYS B 679 -3.44 -23.16 7.29
C LYS B 679 -3.23 -21.69 7.61
N HIS B 680 -2.05 -21.17 7.29
CA HIS B 680 -1.77 -19.79 7.65
C HIS B 680 -2.78 -18.82 7.04
N LEU B 681 -3.33 -19.17 5.88
CA LEU B 681 -4.39 -18.34 5.31
C LEU B 681 -5.74 -18.67 5.92
N TYR B 682 -5.93 -19.92 6.34
CA TYR B 682 -7.19 -20.30 6.97
C TYR B 682 -7.35 -19.66 8.34
N THR B 683 -6.24 -19.51 9.07
CA THR B 683 -6.31 -18.85 10.37
C THR B 683 -6.81 -17.42 10.23
N GLU B 684 -6.27 -16.67 9.28
CA GLU B 684 -6.75 -15.31 9.05
C GLU B 684 -8.22 -15.30 8.67
N PHE B 685 -8.67 -16.32 7.94
CA PHE B 685 -10.09 -16.43 7.63
C PHE B 685 -10.92 -16.63 8.88
N LEU B 686 -10.36 -17.34 9.87
CA LEU B 686 -11.08 -17.52 11.12
C LEU B 686 -11.05 -16.24 11.96
N LYS B 687 -9.91 -15.55 11.97
CA LYS B 687 -9.82 -14.30 12.71
C LYS B 687 -10.81 -13.27 12.17
N ILE B 688 -10.93 -13.17 10.85
CA ILE B 688 -11.90 -12.25 10.26
C ILE B 688 -13.30 -12.64 10.65
N LEU B 689 -13.62 -13.93 10.58
CA LEU B 689 -14.93 -14.40 11.01
C LEU B 689 -15.17 -14.11 12.49
N ASN B 690 -14.10 -14.11 13.29
CA ASN B 690 -14.23 -13.77 14.69
C ASN B 690 -14.67 -12.32 14.86
N LEU B 691 -13.96 -11.39 14.22
CA LEU B 691 -14.23 -9.97 14.43
C LEU B 691 -15.68 -9.62 14.15
N TYR B 692 -16.30 -10.27 13.17
CA TYR B 692 -17.72 -10.05 12.93
C TYR B 692 -18.56 -10.53 14.09
N SER B 693 -18.22 -11.69 14.67
CA SER B 693 -19.02 -12.23 15.75
C SER B 693 -18.77 -11.48 17.06
N GLN B 694 -17.68 -10.70 17.11
CA GLN B 694 -17.43 -9.86 18.28
C GLN B 694 -18.03 -8.47 18.11
N ASP B 695 -18.75 -8.25 17.02
CA ASP B 695 -19.40 -6.98 16.73
C ASP B 695 -18.39 -5.88 16.48
N ILE B 696 -17.13 -6.25 16.24
CA ILE B 696 -16.10 -5.27 15.90
C ILE B 696 -16.17 -4.93 14.42
N LEU B 697 -16.52 -5.91 13.58
CA LEU B 697 -16.47 -5.77 12.14
C LEU B 697 -17.89 -5.81 11.58
N ASP B 698 -18.22 -4.84 10.74
CA ASP B 698 -19.55 -4.77 10.16
C ASP B 698 -19.75 -5.88 9.14
N LEU B 699 -21.02 -6.20 8.89
CA LEU B 699 -21.36 -7.30 7.99
C LEU B 699 -20.85 -7.04 6.58
N ASP B 700 -21.05 -5.84 6.05
CA ASP B 700 -20.60 -5.53 4.70
C ASP B 700 -19.09 -5.65 4.60
N ASP B 701 -18.37 -5.21 5.64
CA ASP B 701 -16.91 -5.34 5.62
C ASP B 701 -16.49 -6.80 5.70
N LEU B 702 -17.27 -7.63 6.40
CA LEU B 702 -16.96 -9.05 6.46
C LEU B 702 -17.10 -9.70 5.09
N VAL B 703 -18.19 -9.41 4.39
CA VAL B 703 -18.42 -10.02 3.07
C VAL B 703 -17.35 -9.56 2.09
N GLU B 704 -16.92 -8.29 2.21
CA GLU B 704 -15.88 -7.79 1.32
C GLU B 704 -14.56 -8.51 1.54
N LYS B 705 -14.23 -8.81 2.80
CA LYS B 705 -12.99 -9.52 3.08
C LYS B 705 -13.07 -10.98 2.68
N VAL B 706 -14.23 -11.61 2.91
CA VAL B 706 -14.41 -13.01 2.51
C VAL B 706 -14.28 -13.14 1.00
N ASP B 707 -14.65 -12.09 0.26
CA ASP B 707 -14.53 -12.11 -1.19
C ASP B 707 -13.12 -12.43 -1.64
N PHE B 708 -12.11 -11.90 -0.93
CA PHE B 708 -10.73 -12.18 -1.32
C PHE B 708 -10.37 -13.64 -1.05
N TYR B 709 -11.05 -14.27 -0.09
CA TYR B 709 -10.83 -15.70 0.15
C TYR B 709 -11.62 -16.55 -0.83
N LEU B 710 -12.94 -16.46 -0.80
CA LEU B 710 -13.81 -17.36 -1.54
C LEU B 710 -14.35 -16.75 -2.83
N GLY B 711 -13.57 -15.88 -3.48
CA GLY B 711 -14.07 -15.21 -4.67
C GLY B 711 -14.29 -16.15 -5.84
N SER B 712 -13.38 -17.09 -6.04
CA SER B 712 -13.44 -17.94 -7.23
C SER B 712 -14.61 -18.93 -7.15
N ASN B 713 -14.83 -19.52 -5.98
CA ASN B 713 -15.91 -20.50 -5.82
C ASN B 713 -17.24 -19.74 -5.80
N LYS B 714 -17.75 -19.42 -6.99
CA LYS B 714 -18.97 -18.63 -7.08
C LYS B 714 -20.14 -19.36 -6.44
N GLU B 715 -20.22 -20.67 -6.62
CA GLU B 715 -21.31 -21.43 -6.01
C GLU B 715 -21.22 -21.41 -4.49
N LEU B 716 -19.99 -21.30 -3.96
CA LEU B 716 -19.82 -21.23 -2.51
C LEU B 716 -20.02 -19.80 -2.00
N PHE B 717 -19.35 -18.83 -2.62
CA PHE B 717 -19.47 -17.45 -2.19
C PHE B 717 -20.90 -16.97 -2.24
N THR B 718 -21.64 -17.35 -3.28
CA THR B 718 -23.05 -16.99 -3.36
C THR B 718 -23.82 -17.55 -2.18
N TRP B 719 -23.52 -18.80 -1.80
CA TRP B 719 -24.18 -19.37 -0.63
C TRP B 719 -23.83 -18.59 0.64
N PHE B 720 -22.57 -18.21 0.79
CA PHE B 720 -22.18 -17.43 1.97
C PHE B 720 -22.87 -16.09 1.99
N LYS B 721 -22.95 -15.41 0.84
CA LYS B 721 -23.67 -14.16 0.77
C LYS B 721 -25.14 -14.36 1.10
N ASN B 722 -25.72 -15.48 0.66
CA ASN B 722 -27.09 -15.81 1.03
C ASN B 722 -27.23 -16.05 2.52
N PHE B 723 -26.25 -16.73 3.12
CA PHE B 723 -26.36 -17.12 4.53
C PHE B 723 -26.35 -15.92 5.44
N VAL B 724 -25.37 -15.02 5.27
CA VAL B 724 -25.24 -13.90 6.20
C VAL B 724 -26.35 -12.88 5.98
N GLY B 725 -27.02 -12.95 4.84
CA GLY B 725 -28.07 -12.01 4.51
C GLY B 725 -27.61 -10.74 3.82
N TYR B 726 -26.41 -10.75 3.24
CA TYR B 726 -25.90 -9.58 2.56
C TYR B 726 -26.81 -9.20 1.39
N GLN B 727 -27.11 -7.90 1.29
CA GLN B 727 -27.96 -7.37 0.23
C GLN B 727 -27.22 -6.26 -0.50
N GLU B 728 -27.07 -6.41 -1.81
CA GLU B 728 -26.35 -5.47 -2.64
C GLU B 728 -27.32 -4.59 -3.41
N LYS B 729 -27.00 -3.31 -3.52
CA LYS B 729 -27.82 -2.33 -4.23
C LYS B 729 -29.26 -2.32 -3.70
N CYS B 748 -17.18 11.28 2.99
CA CYS B 748 -17.61 10.14 3.79
C CYS B 748 -16.40 9.31 4.24
N GLU B 749 -16.62 8.01 4.43
CA GLU B 749 -15.55 7.15 4.92
C GLU B 749 -14.60 6.75 3.80
N ALA B 750 -14.93 7.10 2.56
CA ALA B 750 -14.02 6.90 1.43
C ALA B 750 -13.07 8.10 1.34
N PHE B 751 -12.19 8.18 2.35
CA PHE B 751 -11.31 9.34 2.46
C PHE B 751 -10.19 9.29 1.43
N GLY B 752 -9.59 8.13 1.23
CA GLY B 752 -8.44 8.01 0.38
C GLY B 752 -7.15 8.03 1.19
N PRO B 753 -6.10 7.41 0.65
CA PRO B 753 -4.85 7.30 1.44
C PRO B 753 -3.98 8.55 1.37
N SER B 754 -4.14 9.38 0.35
CA SER B 754 -3.17 10.43 0.09
C SER B 754 -3.34 11.61 1.06
N TYR B 755 -4.57 12.00 1.35
CA TYR B 755 -4.85 13.29 1.97
C TYR B 755 -5.20 13.14 3.43
N LYS B 756 -4.70 14.06 4.25
CA LYS B 756 -4.93 14.09 5.69
C LYS B 756 -5.56 15.44 6.05
N ARG B 757 -6.39 15.44 7.09
CA ARG B 757 -7.07 16.67 7.50
C ARG B 757 -6.18 17.51 8.41
N LEU B 758 -6.19 18.82 8.18
CA LEU B 758 -5.54 19.77 9.07
C LEU B 758 -6.49 20.21 10.16
N PRO B 759 -5.98 20.69 11.29
CA PRO B 759 -6.86 21.26 12.32
C PRO B 759 -7.50 22.54 11.83
N LYS B 760 -8.50 23.00 12.58
CA LYS B 760 -9.26 24.17 12.17
C LYS B 760 -8.43 25.45 12.30
N SER B 761 -7.55 25.50 13.30
CA SER B 761 -6.83 26.74 13.56
C SER B 761 -5.86 27.09 12.43
N ASP B 762 -5.20 26.09 11.85
CA ASP B 762 -4.15 26.36 10.87
C ASP B 762 -4.72 26.91 9.58
N THR B 763 -6.03 26.77 9.36
CA THR B 763 -6.63 27.24 8.12
C THR B 763 -6.86 28.74 8.10
N PHE B 764 -6.39 29.46 9.12
CA PHE B 764 -6.73 30.87 9.24
C PHE B 764 -5.67 31.78 8.64
N MET B 765 -4.58 31.23 8.11
CA MET B 765 -3.50 32.07 7.60
C MET B 765 -3.99 32.83 6.36
N PRO B 766 -3.84 34.15 6.34
CA PRO B 766 -4.71 34.99 5.51
C PRO B 766 -4.35 34.99 4.04
N CYS B 767 -5.35 35.30 3.21
CA CYS B 767 -5.19 35.59 1.79
C CYS B 767 -5.84 36.94 1.51
N SER B 768 -5.07 37.84 0.89
CA SER B 768 -5.55 39.20 0.73
C SER B 768 -6.69 39.29 -0.28
N GLY B 769 -6.56 38.61 -1.41
CA GLY B 769 -7.48 38.84 -2.50
C GLY B 769 -8.44 37.69 -2.78
N ARG B 770 -8.90 37.01 -1.74
CA ARG B 770 -9.87 35.94 -1.88
C ARG B 770 -11.27 36.51 -1.74
N ASP B 771 -12.04 36.44 -2.83
CA ASP B 771 -13.43 36.85 -2.80
C ASP B 771 -14.25 35.86 -1.97
N ASP B 772 -15.51 36.22 -1.70
CA ASP B 772 -16.39 35.32 -0.98
C ASP B 772 -16.55 34.00 -1.73
N MET B 773 -16.61 34.06 -3.06
CA MET B 773 -16.74 32.85 -3.85
C MET B 773 -15.56 31.91 -3.66
N CYS B 774 -14.35 32.46 -3.58
CA CYS B 774 -13.16 31.63 -3.47
C CYS B 774 -13.19 30.78 -2.20
N TRP B 775 -13.82 31.29 -1.14
CA TRP B 775 -13.81 30.56 0.12
C TRP B 775 -14.61 29.26 0.03
N GLU B 776 -15.73 29.29 -0.69
CA GLU B 776 -16.54 28.08 -0.81
C GLU B 776 -15.87 27.04 -1.70
N VAL B 777 -15.19 27.50 -2.76
CA VAL B 777 -14.69 26.57 -3.76
C VAL B 777 -13.38 25.93 -3.31
N LEU B 778 -12.41 26.75 -2.93
CA LEU B 778 -11.06 26.24 -2.68
C LEU B 778 -11.02 25.35 -1.45
N ASN B 779 -9.96 24.57 -1.35
CA ASN B 779 -9.76 23.61 -0.27
C ASN B 779 -8.68 24.13 0.66
N ASP B 780 -9.00 24.19 1.95
CA ASP B 780 -8.05 24.61 2.97
C ASP B 780 -7.81 23.56 4.05
N GLU B 781 -8.79 22.69 4.31
CA GLU B 781 -8.67 21.74 5.40
C GLU B 781 -7.82 20.54 5.03
N TRP B 782 -8.01 20.01 3.82
CA TRP B 782 -7.35 18.78 3.40
C TRP B 782 -6.08 19.11 2.63
N VAL B 783 -5.00 18.39 2.93
CA VAL B 783 -3.70 18.65 2.35
C VAL B 783 -2.98 17.32 2.17
N GLY B 784 -2.14 17.23 1.13
CA GLY B 784 -1.31 16.07 0.91
C GLY B 784 0.06 16.46 0.37
N HIS B 785 1.10 15.80 0.84
CA HIS B 785 2.46 16.20 0.51
C HIS B 785 3.29 15.00 0.10
N PRO B 786 4.33 15.21 -0.72
CA PRO B 786 5.19 14.07 -1.08
C PRO B 786 5.81 13.36 0.11
N VAL B 787 6.26 14.09 1.13
CA VAL B 787 6.98 13.45 2.23
C VAL B 787 6.06 12.52 3.02
N TRP B 788 4.75 12.69 2.84
CA TRP B 788 3.81 11.77 3.49
C TRP B 788 3.42 10.63 2.57
N ALA B 789 3.15 10.95 1.30
CA ALA B 789 2.76 9.91 0.35
C ALA B 789 3.92 8.98 0.02
N SER B 790 5.16 9.50 0.12
CA SER B 790 6.32 8.67 -0.16
C SER B 790 6.66 7.77 1.01
N GLU B 791 5.94 7.95 2.13
CA GLU B 791 6.23 7.24 3.38
C GLU B 791 7.64 7.56 3.86
N ASP B 792 8.14 8.73 3.46
CA ASP B 792 9.42 9.31 3.87
C ASP B 792 10.58 8.56 3.25
N SER B 793 10.34 7.48 2.53
CA SER B 793 11.40 6.64 1.98
C SER B 793 11.88 7.09 0.61
N GLY B 794 11.35 8.19 0.08
CA GLY B 794 11.80 8.69 -1.21
C GLY B 794 11.13 8.00 -2.39
N PHE B 795 11.55 8.42 -3.58
CA PHE B 795 10.97 7.96 -4.82
C PHE B 795 12.02 7.29 -5.68
N ILE B 796 11.57 6.64 -6.75
CA ILE B 796 12.44 6.03 -7.75
C ILE B 796 12.26 6.78 -9.06
N ALA B 797 13.33 7.37 -9.55
CA ALA B 797 13.30 8.00 -10.86
C ALA B 797 13.48 6.96 -11.95
N HIS B 798 12.91 7.24 -13.13
CA HIS B 798 13.04 6.32 -14.24
C HIS B 798 14.47 6.31 -14.76
N ARG B 799 15.02 5.11 -14.94
CA ARG B 799 16.39 4.99 -15.42
C ARG B 799 16.46 5.40 -16.89
N LYS B 800 17.64 5.91 -17.28
CA LYS B 800 17.87 6.39 -18.63
C LYS B 800 19.11 5.74 -19.20
N ASN B 801 19.19 5.72 -20.53
CA ASN B 801 20.28 5.03 -21.22
C ASN B 801 21.62 5.70 -20.94
N GLN B 802 22.68 5.07 -21.45
CA GLN B 802 23.97 5.75 -21.52
C GLN B 802 23.96 6.79 -22.62
N TYR B 803 23.20 6.54 -23.69
CA TYR B 803 23.15 7.46 -24.82
C TYR B 803 22.05 8.51 -24.62
N GLU B 804 20.95 8.13 -23.98
CA GLU B 804 19.88 9.10 -23.73
C GLU B 804 20.31 10.14 -22.71
N GLU B 805 21.38 9.87 -21.97
CA GLU B 805 21.93 10.89 -21.08
C GLU B 805 22.94 11.76 -21.80
N THR B 806 23.29 11.40 -23.04
CA THR B 806 24.12 12.28 -23.85
C THR B 806 23.28 13.36 -24.53
N LEU B 807 22.08 12.99 -25.00
CA LEU B 807 21.17 13.98 -25.56
C LEU B 807 20.73 14.98 -24.50
N PHE B 808 20.92 14.64 -23.23
CA PHE B 808 20.57 15.56 -22.16
C PHE B 808 21.72 16.50 -21.84
N LYS B 809 22.95 15.99 -21.89
CA LYS B 809 24.12 16.86 -21.80
C LYS B 809 24.16 17.83 -22.97
N ILE B 810 23.87 17.33 -24.17
CA ILE B 810 23.85 18.20 -25.35
C ILE B 810 22.74 19.24 -25.22
N GLU B 811 21.58 18.83 -24.72
CA GLU B 811 20.47 19.76 -24.58
C GLU B 811 20.85 20.94 -23.69
N GLU B 812 21.53 20.67 -22.59
CA GLU B 812 21.93 21.75 -21.70
C GLU B 812 22.99 22.64 -22.35
N GLU B 813 23.98 22.05 -23.01
CA GLU B 813 24.96 22.85 -23.74
C GLU B 813 24.29 23.70 -24.82
N ARG B 814 23.23 23.17 -25.42
CA ARG B 814 22.45 23.96 -26.38
C ARG B 814 21.79 25.15 -25.68
N HIS B 815 21.12 24.90 -24.55
CA HIS B 815 20.40 25.97 -23.88
C HIS B 815 21.35 27.02 -23.33
N GLU B 816 22.50 26.61 -22.79
CA GLU B 816 23.40 27.56 -22.16
C GLU B 816 23.90 28.59 -23.16
N TYR B 817 24.23 28.16 -24.37
CA TYR B 817 24.63 29.12 -25.40
C TYR B 817 23.43 29.90 -25.90
N ASP B 818 22.26 29.24 -25.98
CA ASP B 818 21.09 29.90 -26.55
C ASP B 818 20.49 30.89 -25.56
N PHE B 819 20.50 30.56 -24.27
CA PHE B 819 19.99 31.47 -23.26
C PHE B 819 20.75 32.78 -23.23
N TYR B 820 22.09 32.70 -23.20
CA TYR B 820 22.88 33.91 -23.06
C TYR B 820 22.79 34.79 -24.30
N ILE B 821 22.81 34.19 -25.48
CA ILE B 821 22.75 34.97 -26.71
C ILE B 821 21.41 35.68 -26.83
N GLU B 822 20.30 34.94 -26.69
CA GLU B 822 18.99 35.54 -26.89
C GLU B 822 18.67 36.57 -25.82
N SER B 823 19.00 36.27 -24.56
CA SER B 823 18.83 37.27 -23.51
C SER B 823 19.66 38.51 -23.80
N ASN B 824 20.77 38.34 -24.52
CA ASN B 824 21.58 39.49 -24.92
C ASN B 824 20.90 40.29 -26.02
N LEU B 825 20.30 39.61 -27.00
CA LEU B 825 19.61 40.31 -28.08
C LEU B 825 18.50 41.20 -27.56
N ARG B 826 17.69 40.68 -26.63
CA ARG B 826 16.55 41.46 -26.16
C ARG B 826 16.99 42.76 -25.51
N THR B 827 18.21 42.80 -24.99
CA THR B 827 18.76 44.06 -24.49
C THR B 827 19.22 44.94 -25.64
N ILE B 828 19.78 44.33 -26.70
CA ILE B 828 20.29 45.11 -27.83
C ILE B 828 19.18 45.95 -28.44
N GLN B 829 18.01 45.33 -28.69
CA GLN B 829 16.91 46.11 -29.24
C GLN B 829 16.40 47.15 -28.25
N CYS B 830 16.41 46.82 -26.97
CA CYS B 830 16.00 47.79 -25.96
C CYS B 830 16.92 49.00 -25.96
N LEU B 831 18.24 48.78 -26.03
CA LEU B 831 19.18 49.88 -26.04
C LEU B 831 19.22 50.57 -27.40
N GLU B 832 19.01 49.81 -28.48
CA GLU B 832 19.12 50.39 -29.81
C GLU B 832 18.08 51.48 -30.04
N THR B 833 16.84 51.25 -29.60
CA THR B 833 15.83 52.29 -29.70
C THR B 833 16.17 53.47 -28.81
N ILE B 834 16.77 53.19 -27.65
CA ILE B 834 17.22 54.27 -26.77
C ILE B 834 18.29 55.10 -27.44
N VAL B 835 19.34 54.45 -27.96
CA VAL B 835 20.53 55.17 -28.42
C VAL B 835 20.18 56.15 -29.53
N ASN B 836 19.36 55.71 -30.48
CA ASN B 836 18.94 56.61 -31.56
C ASN B 836 18.22 57.84 -31.02
N LYS B 837 17.57 57.70 -29.86
CA LYS B 837 16.89 58.85 -29.26
C LYS B 837 17.88 59.92 -28.81
N ILE B 838 19.01 59.50 -28.23
CA ILE B 838 20.00 60.48 -27.77
C ILE B 838 20.50 61.33 -28.93
N GLU B 839 20.88 60.69 -30.05
CA GLU B 839 21.46 61.45 -31.14
C GLU B 839 20.43 62.38 -31.78
N ASN B 840 19.15 62.14 -31.52
CA ASN B 840 18.13 63.13 -31.88
C ASN B 840 18.17 64.33 -30.92
N MET B 841 18.37 64.05 -29.64
CA MET B 841 18.29 65.13 -28.64
C MET B 841 19.44 66.12 -28.62
N THR B 842 19.16 67.33 -28.12
CA THR B 842 20.17 68.37 -28.01
C THR B 842 21.16 68.01 -26.93
N GLU B 843 22.38 68.51 -27.03
CA GLU B 843 23.39 68.13 -26.07
C GLU B 843 22.95 68.57 -24.68
N ASN B 844 22.36 69.75 -24.60
CA ASN B 844 21.85 70.20 -23.32
C ASN B 844 20.78 69.23 -22.89
N GLU B 845 19.95 68.82 -23.83
CA GLU B 845 18.92 67.87 -23.50
C GLU B 845 19.56 66.59 -23.04
N LYS B 846 20.67 66.23 -23.66
CA LYS B 846 21.28 64.97 -23.32
C LYS B 846 21.62 64.99 -21.86
N ALA B 847 21.82 66.17 -21.31
CA ALA B 847 22.26 66.21 -19.93
C ALA B 847 21.22 65.59 -19.07
N ASN B 848 19.95 65.82 -19.38
CA ASN B 848 18.91 65.31 -18.51
C ASN B 848 17.95 64.33 -19.16
N PHE B 849 18.40 63.12 -19.50
CA PHE B 849 17.47 62.13 -20.01
C PHE B 849 17.67 60.84 -19.29
N LYS B 850 17.32 60.81 -18.02
CA LYS B 850 17.44 59.61 -17.24
C LYS B 850 16.43 58.56 -17.64
N LEU B 851 16.77 57.28 -17.50
CA LEU B 851 15.85 56.21 -17.82
C LEU B 851 15.24 55.54 -16.60
N PRO B 852 13.90 55.58 -16.46
CA PRO B 852 13.25 54.88 -15.36
C PRO B 852 13.67 53.43 -15.34
N PRO B 853 13.49 52.73 -14.20
CA PRO B 853 13.93 51.34 -14.28
C PRO B 853 13.16 50.57 -15.34
N GLY B 854 13.75 49.48 -15.81
CA GLY B 854 13.26 48.79 -16.98
C GLY B 854 13.48 49.52 -18.29
N LEU B 855 14.17 50.65 -18.25
CA LEU B 855 14.46 51.38 -19.49
C LEU B 855 13.21 51.60 -20.32
N GLY B 856 12.04 51.62 -19.68
CA GLY B 856 10.79 51.65 -20.39
C GLY B 856 10.35 50.34 -20.98
N HIS B 857 11.17 49.30 -20.87
CA HIS B 857 10.82 48.00 -21.42
C HIS B 857 9.83 47.29 -20.49
N THR B 858 9.32 46.15 -20.97
CA THR B 858 8.30 45.44 -20.20
C THR B 858 8.91 44.68 -19.03
N SER B 859 10.14 44.21 -19.16
CA SER B 859 10.77 43.35 -18.16
C SER B 859 11.85 44.13 -17.43
N MET B 860 11.69 44.25 -16.11
CA MET B 860 12.67 44.99 -15.31
C MET B 860 13.90 44.16 -15.00
N THR B 861 13.81 42.84 -15.18
CA THR B 861 14.85 41.97 -14.65
C THR B 861 15.83 41.52 -15.73
N ILE B 862 15.37 41.40 -16.97
CA ILE B 862 16.20 40.79 -18.02
C ILE B 862 17.47 41.61 -18.25
N TYR B 863 17.34 42.93 -18.33
CA TYR B 863 18.48 43.76 -18.71
C TYR B 863 19.51 43.84 -17.59
N LYS B 864 19.19 43.32 -16.41
CA LYS B 864 20.19 43.28 -15.33
C LYS B 864 21.02 42.01 -15.40
N LYS B 865 20.40 40.87 -15.68
CA LYS B 865 21.14 39.61 -15.67
C LYS B 865 22.09 39.52 -16.85
N VAL B 866 21.91 40.38 -17.86
CA VAL B 866 22.80 40.35 -19.02
C VAL B 866 23.99 41.28 -18.83
N ILE B 867 23.74 42.48 -18.29
CA ILE B 867 24.84 43.42 -18.04
C ILE B 867 25.74 42.90 -16.93
N ARG B 868 25.15 42.30 -15.90
CA ARG B 868 25.95 41.80 -14.80
C ARG B 868 26.88 40.68 -15.25
N LYS B 869 26.44 39.86 -16.21
CA LYS B 869 27.29 38.79 -16.70
C LYS B 869 28.52 39.34 -17.42
N VAL B 870 28.32 40.28 -18.34
CA VAL B 870 29.42 40.80 -19.13
C VAL B 870 30.37 41.61 -18.25
N TYR B 871 29.84 42.60 -17.55
CA TYR B 871 30.71 43.53 -16.82
C TYR B 871 31.16 43.13 -15.44
N ASP B 872 31.83 42.00 -15.32
CA ASP B 872 32.46 41.65 -14.05
C ASP B 872 31.64 41.59 -12.77
N LYS B 873 30.45 41.01 -12.78
CA LYS B 873 29.76 40.85 -11.48
C LYS B 873 29.47 42.17 -10.79
N GLU B 874 30.06 42.35 -9.61
CA GLU B 874 29.89 43.58 -8.84
C GLU B 874 30.12 44.88 -9.57
N ARG B 875 31.11 44.93 -10.44
CA ARG B 875 31.41 46.20 -11.07
C ARG B 875 30.17 46.52 -11.81
N GLY B 876 29.58 45.52 -12.39
CA GLY B 876 28.35 45.73 -13.08
C GLY B 876 27.25 46.45 -12.37
N PHE B 877 27.30 46.56 -11.05
CA PHE B 877 26.14 47.22 -10.46
C PHE B 877 26.15 48.73 -10.71
N GLU B 878 27.32 49.36 -10.63
CA GLU B 878 27.38 50.80 -10.84
C GLU B 878 27.24 51.16 -12.32
N ILE B 879 27.32 50.17 -13.21
CA ILE B 879 26.93 50.42 -14.60
C ILE B 879 25.46 50.72 -14.70
N ILE B 880 24.63 49.87 -14.08
CA ILE B 880 23.18 50.05 -14.15
C ILE B 880 22.79 51.38 -13.54
N ASP B 881 23.37 51.72 -12.38
CA ASP B 881 23.10 53.02 -11.78
C ASP B 881 23.60 54.14 -12.68
N ALA B 882 24.75 53.96 -13.32
CA ALA B 882 25.20 54.92 -14.31
C ALA B 882 24.29 54.91 -15.53
N LEU B 883 23.78 53.74 -15.89
CA LEU B 883 22.89 53.65 -17.04
C LEU B 883 21.59 54.41 -16.79
N HIS B 884 21.07 54.36 -15.57
CA HIS B 884 19.88 55.14 -15.23
C HIS B 884 20.21 56.61 -15.05
N GLU B 885 21.20 56.90 -14.21
CA GLU B 885 21.46 58.29 -13.84
C GLU B 885 22.01 59.08 -15.02
N HIS B 886 22.91 58.49 -15.80
CA HIS B 886 23.58 59.18 -16.90
C HIS B 886 23.63 58.28 -18.13
N PRO B 887 22.51 58.11 -18.82
CA PRO B 887 22.49 57.19 -19.97
C PRO B 887 23.15 57.76 -21.21
N ALA B 888 23.09 59.08 -21.40
CA ALA B 888 23.56 59.69 -22.64
C ALA B 888 25.00 59.32 -22.94
N VAL B 889 25.81 59.11 -21.90
CA VAL B 889 27.21 58.75 -22.11
C VAL B 889 27.43 57.28 -21.77
N THR B 890 26.45 56.63 -21.13
CA THR B 890 26.62 55.23 -20.76
C THR B 890 26.02 54.30 -21.81
N ALA B 891 24.80 54.57 -22.26
CA ALA B 891 24.14 53.69 -23.20
C ALA B 891 24.94 53.44 -24.48
N PRO B 892 25.52 54.46 -25.14
CA PRO B 892 26.33 54.15 -26.33
C PRO B 892 27.47 53.19 -26.06
N VAL B 893 28.12 53.31 -24.90
CA VAL B 893 29.25 52.43 -24.59
C VAL B 893 28.76 51.02 -24.29
N VAL B 894 27.68 50.90 -23.53
CA VAL B 894 27.20 49.57 -23.16
C VAL B 894 26.67 48.83 -24.39
N LEU B 895 25.98 49.55 -25.28
CA LEU B 895 25.50 48.92 -26.51
C LEU B 895 26.66 48.40 -27.34
N LYS B 896 27.73 49.19 -27.43
CA LYS B 896 28.87 48.79 -28.23
C LYS B 896 29.39 47.45 -27.76
N ARG B 897 29.66 47.32 -26.47
CA ARG B 897 30.24 46.09 -25.95
C ARG B 897 29.26 44.92 -26.07
N LEU B 898 27.98 45.18 -25.82
CA LEU B 898 27.00 44.10 -25.87
C LEU B 898 26.90 43.51 -27.27
N LYS B 899 26.95 44.34 -28.30
CA LYS B 899 27.05 43.83 -29.66
C LYS B 899 28.35 43.06 -29.85
N GLN B 900 29.46 43.59 -29.33
CA GLN B 900 30.74 42.90 -29.46
C GLN B 900 30.73 41.56 -28.75
N LYS B 901 30.08 41.48 -27.59
CA LYS B 901 29.97 40.20 -26.90
C LYS B 901 28.99 39.29 -27.62
N ASP B 902 28.03 39.87 -28.34
CA ASP B 902 27.14 39.07 -29.16
C ASP B 902 27.90 38.37 -30.28
N GLU B 903 28.80 39.09 -30.95
CA GLU B 903 29.53 38.51 -32.07
C GLU B 903 30.43 37.35 -31.62
N GLU B 904 31.09 37.50 -30.47
CA GLU B 904 31.92 36.41 -29.97
C GLU B 904 31.07 35.19 -29.62
N TRP B 905 29.93 35.40 -28.98
CA TRP B 905 29.10 34.28 -28.54
C TRP B 905 28.55 33.50 -29.73
N ARG B 906 28.11 34.21 -30.78
CA ARG B 906 27.58 33.51 -31.94
C ARG B 906 28.67 32.74 -32.67
N ARG B 907 29.86 33.33 -32.79
CA ARG B 907 30.95 32.63 -33.48
C ARG B 907 31.30 31.33 -32.77
N ALA B 908 31.02 31.26 -31.49
CA ALA B 908 31.25 30.01 -30.81
C ALA B 908 30.17 29.03 -31.09
N GLN B 909 28.93 29.50 -31.14
CA GLN B 909 27.87 28.53 -31.30
C GLN B 909 28.04 27.82 -32.59
N ARG B 910 28.39 28.54 -33.64
CA ARG B 910 28.47 27.89 -34.94
C ARG B 910 29.51 26.80 -34.86
N GLU B 911 30.67 27.08 -34.30
CA GLU B 911 31.67 26.04 -34.10
C GLU B 911 31.14 24.93 -33.21
N TRP B 912 30.31 25.28 -32.22
CA TRP B 912 29.76 24.26 -31.33
C TRP B 912 28.57 23.55 -31.98
N ASN B 913 28.02 24.13 -33.05
CA ASN B 913 26.90 23.49 -33.73
C ASN B 913 27.32 22.19 -34.40
N LYS B 914 28.50 22.17 -35.02
CA LYS B 914 28.96 20.96 -35.68
C LYS B 914 29.23 19.86 -34.66
N VAL B 915 29.82 20.19 -33.52
CA VAL B 915 30.08 19.19 -32.49
C VAL B 915 28.79 18.59 -31.99
N TRP B 916 27.76 19.43 -31.79
CA TRP B 916 26.50 18.93 -31.24
C TRP B 916 25.72 18.14 -32.26
N ARG B 917 25.76 18.56 -33.53
CA ARG B 917 24.95 17.90 -34.54
C ARG B 917 25.43 16.48 -34.82
N GLU B 918 26.75 16.30 -35.01
CA GLU B 918 27.26 14.98 -35.29
C GLU B 918 27.13 14.04 -34.09
N LEU B 919 27.36 14.55 -32.89
CA LEU B 919 27.20 13.72 -31.70
C LEU B 919 25.77 13.24 -31.56
N GLU B 920 24.80 14.13 -31.80
CA GLU B 920 23.40 13.70 -31.79
C GLU B 920 23.13 12.67 -32.87
N GLN B 921 23.88 12.71 -33.96
CA GLN B 921 23.65 11.76 -35.04
C GLN B 921 24.18 10.37 -34.67
N LYS B 922 25.28 10.31 -33.92
CA LYS B 922 25.86 9.03 -33.57
C LYS B 922 25.04 8.31 -32.50
N VAL B 923 24.36 9.06 -31.62
CA VAL B 923 23.73 8.44 -30.46
C VAL B 923 22.24 8.70 -30.34
N PHE B 924 21.59 9.23 -31.38
CA PHE B 924 20.16 9.47 -31.26
C PHE B 924 19.38 8.17 -31.30
N PHE B 925 19.52 7.40 -32.39
CA PHE B 925 18.64 6.26 -32.60
C PHE B 925 18.90 5.16 -31.57
N LYS B 926 20.02 5.25 -30.85
CA LYS B 926 20.22 4.34 -29.73
C LYS B 926 19.41 4.75 -28.53
N SER B 927 19.21 6.06 -28.34
CA SER B 927 18.48 6.55 -27.18
C SER B 927 17.04 6.04 -27.17
N LEU B 928 16.39 6.04 -28.34
CA LEU B 928 15.05 5.48 -28.44
C LEU B 928 15.05 3.99 -28.15
N ASP B 929 16.16 3.31 -28.44
CA ASP B 929 16.21 1.85 -28.46
C ASP B 929 16.50 1.33 -27.06
N HIS B 930 15.45 1.29 -26.23
CA HIS B 930 15.60 0.78 -24.87
C HIS B 930 15.84 -0.72 -24.85
N LEU B 931 15.12 -1.47 -25.69
CA LEU B 931 15.20 -2.93 -25.62
C LEU B 931 16.35 -3.46 -26.46
N GLY B 932 16.74 -2.74 -27.51
CA GLY B 932 17.78 -3.24 -28.39
C GLY B 932 19.14 -3.32 -27.72
N LEU B 933 19.47 -2.34 -26.87
CA LEU B 933 20.77 -2.34 -26.23
C LEU B 933 20.93 -3.53 -25.29
N THR B 934 19.87 -3.87 -24.56
CA THR B 934 19.99 -4.96 -23.58
C THR B 934 19.57 -6.29 -24.19
N PHE B 935 19.30 -6.33 -25.49
CA PHE B 935 18.82 -7.56 -26.10
C PHE B 935 19.93 -8.61 -26.20
N LYS B 936 21.11 -8.21 -26.67
CA LYS B 936 22.17 -9.19 -26.93
C LYS B 936 22.52 -9.99 -25.68
N GLN B 937 22.49 -9.35 -24.51
CA GLN B 937 22.79 -10.08 -23.28
C GLN B 937 21.56 -10.81 -22.75
N ALA B 938 20.37 -10.31 -23.05
CA ALA B 938 19.16 -10.97 -22.55
C ALA B 938 18.74 -12.12 -23.45
N ASP B 939 19.30 -12.19 -24.67
CA ASP B 939 18.97 -13.29 -25.56
C ASP B 939 19.64 -14.58 -25.10
N LYS B 940 20.93 -14.51 -24.75
CA LYS B 940 21.65 -15.71 -24.33
C LYS B 940 21.24 -16.13 -22.93
N LYS B 941 20.59 -15.24 -22.18
CA LYS B 941 20.14 -15.59 -20.84
C LYS B 941 18.80 -16.33 -20.88
N LEU B 942 17.91 -15.91 -21.77
CA LEU B 942 16.54 -16.43 -21.76
C LEU B 942 16.26 -17.42 -22.88
N LEU B 943 17.18 -17.63 -23.81
CA LEU B 943 17.04 -18.65 -24.83
C LEU B 943 18.03 -19.76 -24.54
N THR B 944 17.63 -20.68 -23.67
CA THR B 944 18.49 -21.78 -23.24
C THR B 944 17.62 -23.03 -23.08
N THR B 945 18.29 -24.17 -22.92
CA THR B 945 17.57 -25.43 -22.77
C THR B 945 16.68 -25.41 -21.53
N LYS B 946 17.02 -24.58 -20.54
CA LYS B 946 16.26 -24.55 -19.30
C LYS B 946 14.96 -23.77 -19.46
N GLN B 947 15.05 -22.50 -19.85
CA GLN B 947 13.86 -21.65 -19.83
C GLN B 947 12.85 -22.09 -20.89
N LEU B 948 13.32 -22.68 -21.98
CA LEU B 948 12.40 -23.20 -22.99
C LEU B 948 11.59 -24.37 -22.45
N ILE B 949 12.10 -25.05 -21.42
CA ILE B 949 11.33 -26.12 -20.79
C ILE B 949 10.53 -25.58 -19.61
N SER B 950 11.08 -24.58 -18.92
CA SER B 950 10.32 -23.93 -17.86
C SER B 950 9.10 -23.21 -18.42
N GLU B 951 9.24 -22.60 -19.61
CA GLU B 951 8.13 -21.88 -20.22
C GLU B 951 6.99 -22.83 -20.58
N ILE B 952 7.30 -23.95 -21.23
CA ILE B 952 6.25 -24.86 -21.66
C ILE B 952 5.63 -25.59 -20.47
N SER B 953 6.44 -25.90 -19.46
CA SER B 953 5.91 -26.55 -18.26
C SER B 953 4.99 -25.59 -17.50
N SER B 954 5.27 -24.30 -17.56
CA SER B 954 4.45 -23.33 -16.86
C SER B 954 3.02 -23.32 -17.38
N ILE B 955 2.84 -23.62 -18.66
CA ILE B 955 1.48 -23.66 -19.21
C ILE B 955 0.78 -24.95 -18.80
N LYS B 956 1.53 -26.04 -18.69
CA LYS B 956 0.94 -27.30 -18.26
C LYS B 956 0.42 -27.22 -16.84
N VAL B 957 1.16 -26.58 -15.96
CA VAL B 957 0.74 -26.51 -14.56
C VAL B 957 -0.50 -25.64 -14.41
N ASP B 958 -0.62 -24.60 -15.24
CA ASP B 958 -1.80 -23.73 -15.17
C ASP B 958 -3.08 -24.49 -15.49
N GLN B 959 -3.03 -25.34 -16.52
CA GLN B 959 -4.22 -26.09 -16.90
C GLN B 959 -4.55 -27.15 -15.86
N THR B 960 -3.55 -27.59 -15.09
CA THR B 960 -3.81 -28.60 -14.07
C THR B 960 -4.07 -27.97 -12.71
N ASN B 961 -3.54 -26.78 -12.47
CA ASN B 961 -3.75 -26.10 -11.20
C ASN B 961 -5.20 -25.79 -11.07
N LYS B 962 -5.74 -25.17 -12.10
CA LYS B 962 -7.13 -24.77 -12.03
C LYS B 962 -7.91 -26.04 -11.89
N LYS B 963 -7.51 -27.08 -12.60
CA LYS B 963 -8.18 -28.35 -12.41
C LYS B 963 -8.34 -28.55 -10.90
N ILE B 964 -7.32 -28.21 -10.12
CA ILE B 964 -7.45 -28.32 -8.67
C ILE B 964 -8.51 -27.35 -8.16
N HIS B 965 -8.54 -26.14 -8.71
CA HIS B 965 -9.43 -25.10 -8.20
C HIS B 965 -10.55 -24.72 -9.17
N TRP B 966 -10.21 -24.31 -10.40
CA TRP B 966 -11.24 -23.92 -11.35
C TRP B 966 -11.87 -25.14 -12.02
N LEU B 967 -11.21 -26.30 -11.91
CA LEU B 967 -11.61 -27.57 -12.51
C LEU B 967 -11.49 -27.56 -14.03
N THR B 968 -10.41 -26.98 -14.56
CA THR B 968 -10.15 -27.05 -15.99
C THR B 968 -9.84 -28.49 -16.40
N PRO B 969 -10.42 -28.99 -17.49
CA PRO B 969 -10.04 -30.32 -17.97
C PRO B 969 -8.60 -30.34 -18.45
N LYS B 970 -7.98 -31.51 -18.37
CA LYS B 970 -6.60 -31.64 -18.83
C LYS B 970 -6.56 -31.76 -20.35
N PRO B 971 -6.05 -30.76 -21.05
CA PRO B 971 -6.03 -30.81 -22.51
C PRO B 971 -4.71 -31.21 -23.14
N LYS B 972 -4.72 -31.32 -24.47
CA LYS B 972 -3.52 -31.57 -25.23
C LYS B 972 -2.89 -30.25 -25.64
N SER B 973 -1.65 -30.32 -26.14
CA SER B 973 -1.01 -29.21 -26.85
C SER B 973 -0.92 -27.96 -25.98
N GLN B 974 -0.10 -28.05 -24.93
CA GLN B 974 0.14 -26.88 -24.09
C GLN B 974 0.62 -25.69 -24.92
N LEU B 975 1.48 -25.93 -25.91
CA LEU B 975 2.06 -24.88 -26.72
C LEU B 975 1.59 -25.02 -28.16
N ASP B 976 1.22 -23.90 -28.78
CA ASP B 976 0.74 -23.89 -30.15
C ASP B 976 1.56 -22.91 -30.98
N PHE B 977 2.01 -23.36 -32.15
CA PHE B 977 2.70 -22.53 -33.12
C PHE B 977 1.91 -22.52 -34.42
N ASP B 978 2.18 -21.54 -35.27
CA ASP B 978 1.53 -21.42 -36.56
C ASP B 978 2.54 -20.91 -37.58
N PHE B 979 2.44 -21.45 -38.80
CA PHE B 979 3.41 -21.20 -39.86
C PHE B 979 2.68 -20.74 -41.11
N PRO B 980 2.36 -19.44 -41.21
CA PRO B 980 1.53 -18.99 -42.33
C PRO B 980 2.29 -18.86 -43.64
N ASP B 981 3.58 -18.54 -43.58
CA ASP B 981 4.35 -18.20 -44.77
C ASP B 981 5.44 -19.24 -45.01
N LYS B 982 5.46 -19.82 -46.21
CA LYS B 982 6.40 -20.89 -46.52
C LYS B 982 7.81 -20.35 -46.77
N ASN B 983 7.92 -19.21 -47.44
CA ASN B 983 9.21 -18.80 -47.99
C ASN B 983 10.20 -18.40 -46.90
N ILE B 984 9.75 -18.37 -45.65
CA ILE B 984 10.69 -18.14 -44.55
C ILE B 984 11.59 -19.35 -44.37
N PHE B 985 11.09 -20.54 -44.69
CA PHE B 985 11.89 -21.74 -44.50
C PHE B 985 13.09 -21.77 -45.43
N TYR B 986 12.91 -21.38 -46.70
CA TYR B 986 14.06 -21.23 -47.58
C TYR B 986 14.94 -20.07 -47.14
N ASP B 987 14.37 -19.14 -46.37
CA ASP B 987 15.16 -18.02 -45.89
C ASP B 987 16.02 -18.43 -44.70
N ILE B 988 15.47 -19.23 -43.79
CA ILE B 988 16.24 -19.71 -42.65
C ILE B 988 17.30 -20.71 -43.11
N LEU B 989 16.94 -21.59 -44.04
CA LEU B 989 17.89 -22.59 -44.52
C LEU B 989 19.10 -21.94 -45.18
N CYS B 990 18.88 -20.93 -46.01
CA CYS B 990 20.00 -20.26 -46.67
C CYS B 990 20.84 -19.49 -45.66
N LEU B 991 20.23 -19.01 -44.58
CA LEU B 991 21.00 -18.41 -43.51
C LEU B 991 21.89 -19.43 -42.82
N ALA B 992 21.31 -20.57 -42.42
CA ALA B 992 22.11 -21.61 -41.77
C ALA B 992 23.04 -22.28 -42.76
N ASP B 993 22.71 -22.24 -44.05
CA ASP B 993 23.64 -22.73 -45.06
C ASP B 993 24.91 -21.89 -45.09
N THR B 994 24.76 -20.57 -45.02
CA THR B 994 25.92 -19.68 -45.01
C THR B 994 26.79 -19.92 -43.79
N PHE B 995 26.18 -20.02 -42.61
CA PHE B 995 26.95 -20.18 -41.38
C PHE B 995 27.71 -21.50 -41.38
N ILE B 996 27.08 -22.58 -41.85
CA ILE B 996 27.72 -23.89 -41.80
C ILE B 996 28.99 -23.90 -42.64
N THR B 997 28.91 -23.41 -43.87
CA THR B 997 30.10 -23.38 -44.73
C THR B 997 31.18 -22.50 -44.13
N HIS B 998 30.79 -21.35 -43.57
CA HIS B 998 31.78 -20.41 -43.05
C HIS B 998 32.42 -20.93 -41.76
N THR B 999 31.66 -21.68 -40.96
CA THR B 999 32.11 -22.05 -39.62
C THR B 999 33.40 -22.87 -39.68
N THR B 1000 34.31 -22.59 -38.75
CA THR B 1000 35.57 -23.32 -38.72
C THR B 1000 35.52 -24.49 -37.74
N ALA B 1001 34.54 -24.48 -36.83
CA ALA B 1001 34.49 -25.52 -35.80
C ALA B 1001 34.17 -26.88 -36.40
N TYR B 1002 33.15 -26.97 -37.24
CA TYR B 1002 32.72 -28.25 -37.79
C TYR B 1002 33.67 -28.70 -38.91
N SER B 1003 34.07 -29.96 -38.85
CA SER B 1003 34.97 -30.51 -39.84
C SER B 1003 34.28 -30.64 -41.19
N ASN B 1004 35.05 -30.42 -42.25
CA ASN B 1004 34.48 -30.34 -43.60
C ASN B 1004 33.64 -31.56 -43.99
N PRO B 1005 34.09 -32.80 -43.80
CA PRO B 1005 33.20 -33.93 -44.18
C PRO B 1005 31.90 -33.94 -43.41
N ASP B 1006 31.92 -33.51 -42.14
CA ASP B 1006 30.70 -33.56 -41.33
C ASP B 1006 29.74 -32.43 -41.70
N LYS B 1007 30.27 -31.30 -42.18
CA LYS B 1007 29.42 -30.18 -42.54
C LYS B 1007 28.42 -30.55 -43.62
N GLU B 1008 28.76 -31.52 -44.46
CA GLU B 1008 27.83 -31.96 -45.49
C GLU B 1008 26.59 -32.61 -44.89
N ARG B 1009 26.73 -33.21 -43.71
CA ARG B 1009 25.57 -33.76 -43.02
C ARG B 1009 24.74 -32.64 -42.39
N LEU B 1010 25.41 -31.64 -41.81
CA LEU B 1010 24.69 -30.51 -41.22
C LEU B 1010 23.85 -29.78 -42.26
N LYS B 1011 24.40 -29.55 -43.45
CA LYS B 1011 23.62 -28.99 -44.53
C LYS B 1011 22.49 -29.94 -44.93
N ASP B 1012 22.78 -31.24 -45.00
CA ASP B 1012 21.79 -32.16 -45.56
C ASP B 1012 20.79 -32.61 -44.51
N LEU B 1013 21.09 -32.38 -43.23
CA LEU B 1013 20.09 -32.63 -42.19
C LEU B 1013 18.95 -31.62 -42.28
N LEU B 1014 19.28 -30.33 -42.36
CA LEU B 1014 18.26 -29.30 -42.28
C LEU B 1014 17.30 -29.39 -43.47
N LYS B 1015 17.83 -29.59 -44.67
CA LYS B 1015 16.97 -29.70 -45.84
C LYS B 1015 16.02 -30.88 -45.74
N TYR B 1016 16.54 -32.05 -45.35
CA TYR B 1016 15.70 -33.24 -45.28
C TYR B 1016 14.71 -33.17 -44.12
N PHE B 1017 15.17 -32.74 -42.95
CA PHE B 1017 14.26 -32.66 -41.80
C PHE B 1017 13.12 -31.69 -42.09
N ILE B 1018 13.44 -30.53 -42.66
CA ILE B 1018 12.39 -29.57 -43.01
C ILE B 1018 11.48 -30.13 -44.08
N SER B 1019 12.07 -30.73 -45.12
CA SER B 1019 11.27 -31.30 -46.20
C SER B 1019 10.41 -32.46 -45.71
N LEU B 1020 10.75 -33.01 -44.54
CA LEU B 1020 9.99 -34.13 -44.00
C LEU B 1020 8.91 -33.63 -43.03
N PHE B 1021 9.29 -32.75 -42.10
CA PHE B 1021 8.34 -32.31 -41.09
C PHE B 1021 7.25 -31.43 -41.69
N PHE B 1022 7.62 -30.49 -42.56
CA PHE B 1022 6.70 -29.45 -43.02
C PHE B 1022 6.14 -29.72 -44.41
N SER B 1023 6.29 -30.94 -44.93
CA SER B 1023 5.72 -31.41 -46.19
C SER B 1023 6.27 -30.68 -47.40
N ILE B 1024 7.20 -29.74 -47.24
CA ILE B 1024 7.80 -29.07 -48.39
C ILE B 1024 8.60 -30.07 -49.20
N SER B 1025 8.41 -30.05 -50.52
CA SER B 1025 9.20 -30.92 -51.39
C SER B 1025 10.67 -30.51 -51.33
N PHE B 1026 11.55 -31.52 -51.30
CA PHE B 1026 12.97 -31.23 -51.18
C PHE B 1026 13.50 -30.49 -52.40
N GLU B 1027 13.07 -30.90 -53.60
CA GLU B 1027 13.59 -30.28 -54.82
C GLU B 1027 13.33 -28.78 -54.83
N LYS B 1028 12.16 -28.37 -54.34
CA LYS B 1028 11.86 -26.93 -54.24
C LYS B 1028 12.87 -26.22 -53.35
N ILE B 1029 13.27 -26.87 -52.26
CA ILE B 1029 14.27 -26.27 -51.37
C ILE B 1029 15.61 -26.13 -52.09
N GLU B 1030 16.01 -27.14 -52.86
CA GLU B 1030 17.32 -27.14 -53.49
C GLU B 1030 17.46 -25.99 -54.48
N GLU B 1031 16.39 -25.68 -55.22
CA GLU B 1031 16.42 -24.52 -56.10
C GLU B 1031 16.59 -23.23 -55.31
N SER B 1032 15.91 -23.12 -54.17
CA SER B 1032 16.01 -21.91 -53.37
C SER B 1032 17.44 -21.69 -52.88
N LEU B 1033 18.09 -22.75 -52.40
CA LEU B 1033 19.50 -22.65 -52.03
C LEU B 1033 20.35 -22.35 -53.27
N TYR B 1034 20.02 -22.98 -54.39
CA TYR B 1034 20.80 -22.79 -55.61
C TYR B 1034 20.77 -21.35 -56.07
N SER B 1035 19.59 -20.73 -56.04
CA SER B 1035 19.48 -19.32 -56.43
C SER B 1035 20.27 -18.42 -55.48
N HIS B 1036 20.19 -18.71 -54.18
CA HIS B 1036 20.96 -17.92 -53.21
C HIS B 1036 22.46 -18.13 -53.42
N LYS B 1037 22.87 -19.31 -53.87
CA LYS B 1037 24.26 -19.50 -54.24
C LYS B 1037 24.62 -18.68 -55.47
N GLN B 1038 23.67 -18.56 -56.41
CA GLN B 1038 23.92 -17.76 -57.61
C GLN B 1038 24.07 -16.28 -57.26
N ASN B 1039 23.28 -15.79 -56.31
CA ASN B 1039 23.41 -14.40 -55.89
C ASN B 1039 24.77 -14.13 -55.26
N VAL B 1040 25.24 -15.05 -54.41
CA VAL B 1040 26.51 -14.99 -53.68
C VAL B 1040 26.98 -13.56 -53.33
N PRO B 1058 26.90 -34.68 -58.97
CA PRO B 1058 26.13 -34.34 -60.17
C PRO B 1058 24.85 -35.17 -60.30
N TYR B 1059 24.67 -36.12 -59.39
CA TYR B 1059 23.49 -36.98 -59.39
C TYR B 1059 22.91 -37.00 -57.98
N GLN B 1060 21.59 -37.14 -57.90
CA GLN B 1060 20.87 -37.11 -56.62
C GLN B 1060 20.03 -38.39 -56.48
N GLN B 1061 20.65 -39.43 -55.93
CA GLN B 1061 19.89 -40.58 -55.48
C GLN B 1061 19.08 -40.19 -54.25
N GLU B 1062 18.16 -41.05 -53.84
CA GLU B 1062 17.30 -40.71 -52.72
C GLU B 1062 18.06 -40.91 -51.40
N MET B 1063 18.55 -39.79 -50.85
CA MET B 1063 19.14 -39.78 -49.51
C MET B 1063 18.03 -39.60 -48.50
N SER B 1064 17.69 -40.66 -47.78
CA SER B 1064 16.72 -40.55 -46.72
C SER B 1064 17.34 -39.82 -45.53
N LEU B 1065 16.48 -39.11 -44.78
CA LEU B 1065 16.91 -38.57 -43.49
C LEU B 1065 17.37 -39.70 -42.58
N LEU B 1066 16.80 -40.89 -42.74
CA LEU B 1066 17.24 -42.05 -41.99
C LEU B 1066 18.70 -42.36 -42.29
N ASP B 1067 19.10 -42.24 -43.55
CA ASP B 1067 20.51 -42.47 -43.91
C ASP B 1067 21.41 -41.42 -43.27
N ILE B 1068 20.98 -40.16 -43.25
CA ILE B 1068 21.81 -39.08 -42.72
C ILE B 1068 22.11 -39.32 -41.25
N LEU B 1069 21.16 -39.91 -40.52
CA LEU B 1069 21.28 -39.97 -39.07
C LEU B 1069 22.31 -40.99 -38.62
N HIS B 1070 22.73 -41.88 -39.51
CA HIS B 1070 23.77 -42.85 -39.23
C HIS B 1070 24.96 -42.62 -40.15
N ARG B 1071 26.13 -42.43 -39.55
CA ARG B 1071 27.33 -42.14 -40.34
C ARG B 1071 27.70 -43.30 -41.26
N SER B 1072 27.53 -44.54 -40.78
CA SER B 1072 27.98 -45.70 -41.53
C SER B 1072 27.27 -45.81 -42.88
N ARG B 1073 25.95 -45.60 -42.90
CA ARG B 1073 25.21 -45.67 -44.16
C ARG B 1073 25.47 -44.43 -45.02
N TYR B 1074 25.89 -43.33 -44.39
CA TYR B 1074 26.05 -42.08 -45.12
C TYR B 1074 27.13 -42.18 -46.18
N GLN B 1075 28.24 -42.86 -45.87
CA GLN B 1075 29.35 -42.94 -46.82
C GLN B 1075 28.94 -43.66 -48.10
N LYS B 1076 28.05 -44.64 -48.00
CA LYS B 1076 27.59 -45.34 -49.19
C LYS B 1076 26.87 -44.39 -50.14
N LEU B 1077 26.02 -43.52 -49.61
CA LEU B 1077 25.38 -42.53 -50.47
C LEU B 1077 26.30 -41.32 -50.66
N LYS B 1078 27.40 -41.26 -49.92
CA LYS B 1078 28.45 -40.30 -50.21
C LYS B 1078 29.40 -40.84 -51.28
N ARG B 1079 29.73 -42.13 -51.21
CA ARG B 1079 30.62 -42.72 -52.20
C ARG B 1079 29.96 -42.71 -53.59
N SER B 1080 28.67 -42.98 -53.65
CA SER B 1080 27.95 -42.94 -54.92
C SER B 1080 27.84 -41.51 -55.41
N ASN B 1081 27.56 -41.35 -56.70
CA ASN B 1081 27.46 -40.04 -57.32
C ASN B 1081 26.54 -39.14 -56.50
N GLU B 1110 6.97 -55.43 -27.70
CA GLU B 1110 5.92 -54.90 -26.84
C GLU B 1110 4.63 -55.64 -27.08
N ALA B 1111 4.01 -56.10 -26.00
CA ALA B 1111 2.78 -56.87 -26.12
C ALA B 1111 1.79 -56.55 -25.03
N LYS B 1112 0.56 -57.00 -25.20
CA LYS B 1112 -0.49 -56.80 -24.19
C LYS B 1112 -0.40 -55.40 -23.60
N ASN B 1113 -0.63 -54.38 -24.43
CA ASN B 1113 -0.58 -53.00 -23.97
C ASN B 1113 -1.78 -52.24 -24.50
N PRO B 1114 -2.87 -52.16 -23.74
CA PRO B 1114 -4.08 -51.49 -24.25
C PRO B 1114 -3.94 -49.98 -24.26
N TRP B 1115 -4.80 -49.34 -25.05
CA TRP B 1115 -4.88 -47.89 -25.06
C TRP B 1115 -5.61 -47.41 -23.82
N LEU B 1116 -4.89 -46.67 -22.96
CA LEU B 1116 -5.49 -46.20 -21.72
C LEU B 1116 -5.45 -44.69 -21.63
N THR B 1117 -4.33 -44.09 -22.03
CA THR B 1117 -4.16 -42.65 -21.93
C THR B 1117 -5.15 -41.92 -22.84
N GLY B 1118 -5.19 -42.28 -24.11
CA GLY B 1118 -6.11 -41.65 -25.04
C GLY B 1118 -5.72 -40.24 -25.41
N ASN B 1119 -5.43 -39.42 -24.39
CA ASN B 1119 -5.12 -38.02 -24.64
C ASN B 1119 -3.74 -37.84 -25.27
N LEU B 1120 -2.77 -38.68 -24.89
CA LEU B 1120 -1.40 -38.49 -25.36
C LEU B 1120 -1.32 -38.62 -26.88
N VAL B 1121 -1.84 -39.71 -27.43
CA VAL B 1121 -1.93 -39.87 -28.88
C VAL B 1121 -3.21 -39.17 -29.31
N GLU B 1122 -3.05 -38.00 -29.91
CA GLU B 1122 -4.18 -37.19 -30.36
C GLU B 1122 -5.12 -37.97 -31.28
N GLU B 1123 -4.55 -38.86 -32.08
CA GLU B 1123 -5.29 -39.49 -33.17
C GLU B 1123 -6.06 -40.71 -32.67
N ALA B 1124 -7.37 -40.53 -32.49
CA ALA B 1124 -8.33 -41.62 -32.38
C ALA B 1124 -9.40 -41.52 -33.47
N ASN B 1125 -8.99 -41.09 -34.67
CA ASN B 1125 -9.95 -40.61 -35.66
C ASN B 1125 -10.86 -41.70 -36.18
N SER B 1126 -10.30 -42.85 -36.54
CA SER B 1126 -11.03 -43.87 -37.29
C SER B 1126 -11.00 -45.20 -36.55
N GLN B 1127 -12.03 -46.02 -36.79
CA GLN B 1127 -12.04 -47.37 -36.26
C GLN B 1127 -10.90 -48.18 -36.89
N GLY B 1128 -10.24 -48.97 -36.07
CA GLY B 1128 -9.15 -49.79 -36.58
C GLY B 1128 -7.98 -48.92 -36.99
N ILE B 1129 -7.77 -48.79 -38.30
CA ILE B 1129 -6.63 -48.07 -38.84
C ILE B 1129 -7.13 -46.83 -39.57
N ILE B 1130 -6.59 -45.67 -39.19
CA ILE B 1130 -6.83 -44.46 -39.96
C ILE B 1130 -6.16 -44.59 -41.31
N GLN B 1131 -6.89 -44.32 -42.38
CA GLN B 1131 -6.34 -44.55 -43.71
C GLN B 1131 -5.58 -43.33 -44.22
N ASN B 1132 -6.20 -42.17 -44.30
CA ASN B 1132 -5.38 -41.02 -44.74
C ASN B 1132 -5.42 -39.82 -43.81
N ARG B 1133 -4.38 -39.63 -42.99
CA ARG B 1133 -4.44 -38.52 -42.04
C ARG B 1133 -3.39 -37.48 -42.23
N SER B 1134 -3.81 -36.22 -42.34
CA SER B 1134 -2.84 -35.15 -42.41
C SER B 1134 -2.10 -35.10 -41.10
N ILE B 1135 -2.82 -35.29 -40.02
CA ILE B 1135 -2.21 -35.16 -38.71
C ILE B 1135 -1.03 -36.08 -38.44
N PHE B 1136 0.08 -35.50 -38.02
CA PHE B 1136 1.30 -36.22 -37.74
C PHE B 1136 1.98 -35.65 -36.50
N ASN B 1137 2.33 -36.52 -35.57
CA ASN B 1137 2.97 -36.13 -34.32
C ASN B 1137 4.37 -36.71 -34.26
N LEU B 1138 5.32 -35.91 -33.77
CA LEU B 1138 6.70 -36.33 -33.60
C LEU B 1138 6.97 -36.45 -32.11
N PHE B 1139 7.35 -37.65 -31.68
CA PHE B 1139 7.75 -37.88 -30.30
C PHE B 1139 9.23 -37.55 -30.16
N ALA B 1140 9.56 -36.75 -29.15
CA ALA B 1140 10.85 -36.08 -29.13
C ALA B 1140 11.49 -36.16 -27.76
N ASN B 1141 12.83 -36.12 -27.76
CA ASN B 1141 13.59 -35.95 -26.55
C ASN B 1141 13.61 -34.48 -26.15
N THR B 1142 14.47 -34.15 -25.20
CA THR B 1142 14.72 -32.75 -24.91
C THR B 1142 15.52 -32.10 -26.03
N ASN B 1143 16.53 -32.80 -26.56
CA ASN B 1143 17.42 -32.20 -27.54
C ASN B 1143 16.79 -32.17 -28.93
N ILE B 1144 15.65 -32.83 -29.10
CA ILE B 1144 14.90 -32.65 -30.35
C ILE B 1144 13.99 -31.45 -30.25
N TYR B 1145 13.26 -31.33 -29.13
CA TYR B 1145 12.36 -30.21 -28.93
C TYR B 1145 13.11 -28.89 -28.91
N ILE B 1146 14.27 -28.84 -28.26
CA ILE B 1146 15.06 -27.61 -28.23
C ILE B 1146 15.52 -27.24 -29.63
N PHE B 1147 15.95 -28.23 -30.41
CA PHE B 1147 16.30 -27.95 -31.79
C PHE B 1147 15.10 -27.42 -32.56
N PHE B 1148 13.89 -27.81 -32.15
CA PHE B 1148 12.70 -27.34 -32.85
C PHE B 1148 12.25 -25.98 -32.32
N ARG B 1149 12.54 -25.68 -31.06
CA ARG B 1149 12.22 -24.35 -30.56
C ARG B 1149 13.21 -23.33 -31.09
N HIS B 1150 14.42 -23.76 -31.40
CA HIS B 1150 15.37 -22.87 -32.06
C HIS B 1150 14.98 -22.65 -33.52
N TRP B 1151 14.12 -23.52 -34.06
CA TRP B 1151 13.67 -23.31 -35.42
C TRP B 1151 12.49 -22.36 -35.48
N THR B 1152 11.56 -22.48 -34.54
CA THR B 1152 10.44 -21.55 -34.52
C THR B 1152 10.89 -20.17 -34.09
N THR B 1153 11.87 -20.09 -33.19
CA THR B 1153 12.34 -18.80 -32.70
C THR B 1153 12.82 -17.93 -33.85
N ILE B 1154 13.55 -18.51 -34.81
CA ILE B 1154 13.93 -17.75 -35.99
C ILE B 1154 12.69 -17.39 -36.81
N TYR B 1155 11.75 -18.33 -36.94
CA TYR B 1155 10.58 -18.09 -37.77
C TYR B 1155 9.72 -16.97 -37.20
N GLU B 1156 9.54 -16.94 -35.88
CA GLU B 1156 8.77 -15.85 -35.28
C GLU B 1156 9.47 -14.52 -35.48
N ARG B 1157 10.79 -14.49 -35.35
CA ARG B 1157 11.53 -13.24 -35.51
C ARG B 1157 11.54 -12.78 -36.96
N LEU B 1158 11.68 -13.72 -37.89
CA LEU B 1158 11.71 -13.35 -39.31
C LEU B 1158 10.33 -12.94 -39.81
N LEU B 1159 9.29 -13.69 -39.44
CA LEU B 1159 7.96 -13.45 -39.99
C LEU B 1159 7.46 -12.06 -39.68
N GLU B 1160 7.62 -11.61 -38.43
CA GLU B 1160 7.09 -10.31 -38.05
C GLU B 1160 7.79 -9.19 -38.81
N ILE B 1161 8.94 -9.47 -39.40
CA ILE B 1161 9.57 -8.51 -40.31
C ILE B 1161 8.87 -8.51 -41.66
N LYS B 1162 8.57 -9.71 -42.18
CA LYS B 1162 7.95 -9.79 -43.50
C LYS B 1162 6.52 -9.26 -43.48
N GLN B 1163 5.86 -9.33 -42.33
CA GLN B 1163 4.53 -8.74 -42.23
C GLN B 1163 4.60 -7.22 -42.32
N MET B 1164 5.63 -6.62 -41.71
CA MET B 1164 5.83 -5.18 -41.85
C MET B 1164 6.43 -4.82 -43.21
N ASN B 1165 6.90 -5.81 -43.97
CA ASN B 1165 7.73 -5.50 -45.14
C ASN B 1165 6.99 -4.66 -46.17
N GLU B 1166 5.68 -4.84 -46.29
CA GLU B 1166 4.95 -4.05 -47.28
C GLU B 1166 4.81 -2.60 -46.82
N ARG B 1167 4.50 -2.39 -45.55
CA ARG B 1167 4.38 -1.02 -45.04
C ARG B 1167 5.73 -0.34 -44.98
N VAL B 1168 6.76 -1.04 -44.51
CA VAL B 1168 8.07 -0.41 -44.30
C VAL B 1168 8.73 -0.07 -45.62
N THR B 1169 8.63 -0.97 -46.61
CA THR B 1169 9.28 -0.73 -47.89
C THR B 1169 8.79 0.57 -48.53
N LYS B 1170 7.48 0.81 -48.48
CA LYS B 1170 6.93 2.06 -48.99
C LYS B 1170 7.43 3.25 -48.17
N GLU B 1171 7.49 3.10 -46.86
CA GLU B 1171 7.87 4.21 -46.00
C GLU B 1171 9.31 4.64 -46.23
N ILE B 1172 10.22 3.68 -46.41
CA ILE B 1172 11.63 4.01 -46.57
C ILE B 1172 11.86 4.81 -47.85
N ASN B 1173 11.18 4.43 -48.93
CA ASN B 1173 11.36 5.12 -50.20
C ASN B 1173 10.80 6.53 -50.15
N THR B 1174 9.65 6.71 -49.51
CA THR B 1174 8.90 7.96 -49.68
C THR B 1174 9.40 9.06 -48.75
N ARG B 1175 10.22 8.71 -47.76
CA ARG B 1175 10.76 9.75 -46.88
C ARG B 1175 11.65 10.69 -47.69
N SER B 1176 11.51 11.98 -47.43
CA SER B 1176 12.15 13.01 -48.25
C SER B 1176 12.94 13.96 -47.36
N THR B 1177 14.09 14.39 -47.87
CA THR B 1177 14.90 15.37 -47.17
C THR B 1177 14.20 16.73 -47.17
N VAL B 1178 14.26 17.41 -46.03
CA VAL B 1178 13.75 18.77 -45.97
C VAL B 1178 14.68 19.68 -46.76
N THR B 1179 14.09 20.55 -47.59
CA THR B 1179 14.89 21.41 -48.45
C THR B 1179 15.81 22.31 -47.64
N PHE B 1180 15.37 22.70 -46.44
CA PHE B 1180 16.18 23.59 -45.61
C PHE B 1180 17.29 22.83 -44.91
N ALA B 1181 17.27 21.50 -45.02
CA ALA B 1181 18.34 20.69 -44.43
C ALA B 1181 19.20 20.06 -45.51
N LYS B 1182 18.83 20.23 -46.77
CA LYS B 1182 19.65 19.69 -47.85
C LYS B 1182 20.56 20.75 -48.45
N ASP B 1183 20.08 21.98 -48.55
CA ASP B 1183 20.94 23.08 -49.03
C ASP B 1183 22.15 23.23 -48.11
N LEU B 1184 21.91 23.33 -46.82
CA LEU B 1184 22.99 23.16 -45.85
C LEU B 1184 23.32 21.68 -45.71
N ASP B 1185 24.51 21.40 -45.20
CA ASP B 1185 24.98 20.03 -45.01
C ASP B 1185 24.63 19.60 -43.59
N LEU B 1186 23.42 19.06 -43.41
CA LEU B 1186 22.94 18.65 -42.09
C LEU B 1186 22.57 17.18 -41.98
N LEU B 1187 21.89 16.61 -42.97
CA LEU B 1187 21.45 15.22 -42.85
C LEU B 1187 22.64 14.27 -42.87
N SER B 1188 22.57 13.25 -42.02
CA SER B 1188 23.66 12.29 -41.91
C SER B 1188 23.84 11.54 -43.22
N SER B 1189 25.08 11.45 -43.69
CA SER B 1189 25.41 10.73 -44.90
C SER B 1189 26.25 9.49 -44.63
N GLN B 1190 26.41 9.10 -43.36
CA GLN B 1190 27.29 7.98 -43.03
C GLN B 1190 26.77 6.67 -43.63
N LEU B 1191 25.47 6.41 -43.51
CA LEU B 1191 24.94 5.14 -43.98
C LEU B 1191 24.84 5.08 -45.49
N SER B 1192 24.50 6.21 -46.13
CA SER B 1192 24.36 6.21 -47.59
C SER B 1192 25.68 5.85 -48.27
N GLU B 1193 26.79 6.36 -47.76
CA GLU B 1193 28.10 5.97 -48.28
C GLU B 1193 28.34 4.48 -48.08
N MET B 1194 27.97 3.96 -46.90
CA MET B 1194 28.18 2.55 -46.62
C MET B 1194 27.12 1.69 -47.30
N GLY B 1195 26.03 2.30 -47.74
CA GLY B 1195 24.98 1.61 -48.44
C GLY B 1195 23.93 0.97 -47.57
N LEU B 1196 23.99 1.17 -46.25
CA LEU B 1196 23.06 0.52 -45.34
C LEU B 1196 21.83 1.38 -45.07
N ASP B 1197 21.19 1.80 -46.16
CA ASP B 1197 19.88 2.45 -46.12
C ASP B 1197 19.03 1.84 -47.21
N PHE B 1198 17.83 1.38 -46.86
CA PHE B 1198 17.09 0.46 -47.72
C PHE B 1198 16.34 1.25 -48.81
N VAL B 1199 17.11 2.08 -49.52
CA VAL B 1199 16.50 3.00 -50.47
C VAL B 1199 16.19 2.30 -51.78
N GLY B 1200 17.04 1.37 -52.19
CA GLY B 1200 16.93 0.76 -53.50
C GLY B 1200 16.26 -0.58 -53.57
N GLU B 1201 15.93 -1.20 -52.44
CA GLU B 1201 15.40 -2.55 -52.43
C GLU B 1201 14.24 -2.64 -51.45
N ASP B 1202 13.47 -3.71 -51.57
CA ASP B 1202 12.47 -4.02 -50.56
C ASP B 1202 13.16 -4.34 -49.24
N ALA B 1203 12.52 -3.98 -48.14
CA ALA B 1203 13.19 -4.01 -46.85
C ALA B 1203 13.56 -5.43 -46.44
N TYR B 1204 12.63 -6.38 -46.57
CA TYR B 1204 12.87 -7.71 -46.03
C TYR B 1204 13.97 -8.45 -46.78
N LYS B 1205 13.92 -8.46 -48.11
CA LYS B 1205 14.97 -9.12 -48.87
C LYS B 1205 16.32 -8.46 -48.63
N GLN B 1206 16.32 -7.16 -48.29
CA GLN B 1206 17.57 -6.49 -47.97
C GLN B 1206 18.07 -6.88 -46.58
N VAL B 1207 17.15 -7.11 -45.65
CA VAL B 1207 17.54 -7.49 -44.29
C VAL B 1207 18.25 -8.84 -44.30
N LEU B 1208 17.84 -9.73 -45.20
CA LEU B 1208 18.52 -11.02 -45.31
C LEU B 1208 19.95 -10.86 -45.82
N ARG B 1209 20.13 -10.13 -46.92
CA ARG B 1209 21.46 -10.02 -47.50
C ARG B 1209 22.35 -9.12 -46.66
N LEU B 1210 21.79 -8.45 -45.65
CA LEU B 1210 22.63 -7.85 -44.62
C LEU B 1210 23.02 -8.88 -43.56
N SER B 1211 22.06 -9.74 -43.19
CA SER B 1211 22.37 -10.80 -42.23
C SER B 1211 23.40 -11.77 -42.81
N ARG B 1212 23.25 -12.13 -44.08
CA ARG B 1212 24.23 -13.00 -44.72
C ARG B 1212 25.63 -12.41 -44.65
N ARG B 1213 25.73 -11.08 -44.60
CA ARG B 1213 27.03 -10.45 -44.44
C ARG B 1213 27.49 -10.49 -42.99
N LEU B 1214 26.54 -10.51 -42.04
CA LEU B 1214 26.91 -10.57 -40.63
C LEU B 1214 27.61 -11.88 -40.29
N ILE B 1215 27.02 -13.02 -40.67
CA ILE B 1215 27.68 -14.30 -40.45
C ILE B 1215 28.99 -14.37 -41.21
N ASN B 1216 29.02 -13.82 -42.44
CA ASN B 1216 30.25 -13.84 -43.22
C ASN B 1216 31.34 -13.02 -42.55
N GLY B 1217 30.97 -12.15 -41.60
CA GLY B 1217 31.93 -11.32 -40.91
C GLY B 1217 32.30 -10.05 -41.62
N ASP B 1218 31.74 -9.80 -42.80
CA ASP B 1218 32.09 -8.60 -43.56
C ASP B 1218 31.64 -7.34 -42.85
N LEU B 1219 30.48 -7.37 -42.20
CA LEU B 1219 29.85 -6.20 -41.63
C LEU B 1219 30.03 -6.19 -40.12
N GLU B 1220 30.49 -5.04 -39.59
CA GLU B 1220 30.62 -4.89 -38.15
C GLU B 1220 29.24 -4.93 -37.49
N HIS B 1221 29.20 -5.42 -36.25
CA HIS B 1221 27.92 -5.59 -35.57
C HIS B 1221 27.22 -4.26 -35.34
N GLN B 1222 27.96 -3.24 -34.90
CA GLN B 1222 27.32 -1.97 -34.56
C GLN B 1222 26.81 -1.26 -35.80
N TRP B 1223 27.32 -1.62 -36.98
CA TRP B 1223 26.83 -1.02 -38.21
C TRP B 1223 25.63 -1.78 -38.76
N PHE B 1224 25.58 -3.10 -38.53
CA PHE B 1224 24.39 -3.86 -38.90
C PHE B 1224 23.19 -3.41 -38.09
N GLU B 1225 23.37 -3.25 -36.78
CA GLU B 1225 22.26 -2.85 -35.92
C GLU B 1225 21.74 -1.46 -36.28
N GLU B 1226 22.66 -0.49 -36.42
CA GLU B 1226 22.24 0.89 -36.67
C GLU B 1226 21.43 0.99 -37.97
N SER B 1227 21.69 0.10 -38.92
CA SER B 1227 20.97 0.18 -40.19
C SER B 1227 19.52 -0.25 -40.03
N LEU B 1228 19.24 -1.17 -39.11
CA LEU B 1228 17.85 -1.56 -38.85
C LEU B 1228 17.16 -0.59 -37.92
N ARG B 1229 17.92 0.22 -37.20
CA ARG B 1229 17.29 1.23 -36.35
C ARG B 1229 16.65 2.33 -37.19
N GLN B 1230 17.36 2.82 -38.20
CA GLN B 1230 16.80 3.87 -39.04
C GLN B 1230 15.79 3.30 -40.04
N ALA B 1231 15.96 2.05 -40.44
CA ALA B 1231 15.09 1.48 -41.46
C ALA B 1231 13.74 1.07 -40.89
N TYR B 1232 13.71 0.59 -39.64
CA TYR B 1232 12.48 0.10 -39.03
C TYR B 1232 12.04 0.90 -37.81
N ASN B 1233 12.67 2.04 -37.54
CA ASN B 1233 12.29 2.89 -36.41
C ASN B 1233 12.44 2.16 -35.09
N ASN B 1234 13.33 1.18 -35.05
CA ASN B 1234 13.63 0.41 -33.83
C ASN B 1234 12.63 -0.70 -33.61
N LYS B 1235 11.68 -0.87 -34.51
CA LYS B 1235 10.74 -1.99 -34.40
C LYS B 1235 11.41 -3.34 -34.51
N ALA B 1236 12.39 -3.48 -35.40
CA ALA B 1236 13.01 -4.79 -35.63
C ALA B 1236 14.23 -5.07 -34.82
N PHE B 1237 14.14 -4.90 -33.52
CA PHE B 1237 15.32 -5.07 -32.68
C PHE B 1237 15.68 -6.55 -32.49
N LYS B 1238 14.73 -7.45 -32.72
CA LYS B 1238 14.99 -8.85 -32.47
C LYS B 1238 16.05 -9.41 -33.40
N LEU B 1239 16.24 -8.79 -34.57
CA LEU B 1239 17.27 -9.22 -35.50
C LEU B 1239 18.61 -8.55 -35.18
N TYR B 1240 19.01 -8.66 -33.92
CA TYR B 1240 20.36 -8.30 -33.51
C TYR B 1240 21.23 -9.51 -33.25
N THR B 1241 20.63 -10.66 -32.93
CA THR B 1241 21.35 -11.90 -32.73
C THR B 1241 20.99 -12.95 -33.77
N ILE B 1242 20.77 -12.54 -35.02
CA ILE B 1242 20.48 -13.51 -36.06
C ILE B 1242 21.73 -14.31 -36.42
N ASP B 1243 22.91 -13.78 -36.07
CA ASP B 1243 24.14 -14.53 -36.28
C ASP B 1243 24.33 -15.61 -35.22
N LYS B 1244 23.87 -15.35 -33.99
CA LYS B 1244 24.09 -16.30 -32.90
C LYS B 1244 22.98 -17.34 -32.85
N VAL B 1245 21.73 -16.93 -33.03
CA VAL B 1245 20.62 -17.88 -33.03
C VAL B 1245 20.79 -18.88 -34.16
N THR B 1246 21.28 -18.41 -35.32
CA THR B 1246 21.62 -19.33 -36.39
C THR B 1246 22.71 -20.30 -35.94
N GLN B 1247 23.70 -19.81 -35.20
CA GLN B 1247 24.77 -20.68 -34.72
C GLN B 1247 24.24 -21.73 -33.76
N SER B 1248 23.43 -21.31 -32.77
CA SER B 1248 22.91 -22.27 -31.80
C SER B 1248 22.00 -23.30 -32.45
N LEU B 1249 21.26 -22.88 -33.47
CA LEU B 1249 20.42 -23.84 -34.20
C LEU B 1249 21.27 -24.91 -34.87
N VAL B 1250 22.37 -24.50 -35.50
CA VAL B 1250 23.26 -25.47 -36.13
C VAL B 1250 23.87 -26.40 -35.08
N LYS B 1251 24.30 -25.83 -33.95
CA LYS B 1251 24.91 -26.64 -32.90
C LYS B 1251 23.94 -27.70 -32.39
N HIS B 1252 22.68 -27.31 -32.15
CA HIS B 1252 21.69 -28.28 -31.71
C HIS B 1252 21.42 -29.31 -32.79
N ALA B 1253 21.40 -28.89 -34.06
CA ALA B 1253 21.21 -29.83 -35.15
C ALA B 1253 22.37 -30.82 -35.23
N HIS B 1254 23.57 -30.40 -34.81
CA HIS B 1254 24.70 -31.31 -34.79
C HIS B 1254 24.50 -32.41 -33.76
N THR B 1255 23.87 -32.09 -32.64
CA THR B 1255 23.58 -33.10 -31.61
C THR B 1255 22.74 -34.24 -32.19
N LEU B 1256 21.95 -33.95 -33.22
CA LEU B 1256 21.06 -34.97 -33.78
C LEU B 1256 21.83 -36.06 -34.51
N MET B 1257 22.88 -35.70 -35.25
CA MET B 1257 23.71 -36.73 -35.88
C MET B 1257 24.53 -37.49 -34.85
N THR B 1258 25.17 -36.77 -33.93
CA THR B 1258 25.86 -37.42 -32.83
C THR B 1258 24.80 -37.83 -31.81
N ASP B 1259 25.22 -38.23 -30.61
CA ASP B 1259 24.28 -38.66 -29.57
C ASP B 1259 23.37 -39.76 -30.11
N ALA B 1260 23.99 -40.90 -30.43
CA ALA B 1260 23.31 -41.94 -31.20
C ALA B 1260 22.00 -42.37 -30.56
N LYS B 1261 21.83 -42.12 -29.26
CA LYS B 1261 20.53 -42.32 -28.64
C LYS B 1261 19.47 -41.42 -29.28
N THR B 1262 19.78 -40.13 -29.41
CA THR B 1262 18.81 -39.19 -29.98
C THR B 1262 18.55 -39.49 -31.45
N ALA B 1263 19.60 -39.83 -32.20
CA ALA B 1263 19.42 -40.14 -33.62
C ALA B 1263 18.46 -41.31 -33.81
N GLU B 1264 18.51 -42.28 -32.89
CA GLU B 1264 17.62 -43.44 -33.00
C GLU B 1264 16.17 -43.03 -32.81
N ILE B 1265 15.91 -41.93 -32.11
CA ILE B 1265 14.55 -41.43 -31.97
C ILE B 1265 14.02 -40.96 -33.32
N MET B 1266 14.80 -40.16 -34.04
CA MET B 1266 14.35 -39.71 -35.35
C MET B 1266 14.51 -40.81 -36.39
N ALA B 1267 15.21 -41.89 -36.04
CA ALA B 1267 15.14 -43.09 -36.86
C ALA B 1267 13.72 -43.64 -36.87
N LEU B 1268 13.06 -43.63 -35.72
CA LEU B 1268 11.67 -44.07 -35.65
C LEU B 1268 10.73 -43.04 -36.27
N PHE B 1269 10.99 -41.76 -36.02
CA PHE B 1269 10.09 -40.71 -36.50
C PHE B 1269 9.96 -40.73 -38.02
N VAL B 1270 11.08 -40.86 -38.72
CA VAL B 1270 11.05 -40.85 -40.18
C VAL B 1270 10.16 -41.98 -40.70
N LYS B 1271 10.25 -43.15 -40.08
CA LYS B 1271 9.38 -44.25 -40.50
C LYS B 1271 7.92 -43.94 -40.21
N ASP B 1272 7.64 -43.34 -39.06
CA ASP B 1272 6.26 -43.00 -38.74
C ASP B 1272 5.73 -41.90 -39.64
N ARG B 1273 6.53 -40.85 -39.87
CA ARG B 1273 6.09 -39.76 -40.72
C ARG B 1273 5.86 -40.21 -42.15
N ASN B 1274 6.55 -41.28 -42.57
CA ASN B 1274 6.35 -41.80 -43.91
C ASN B 1274 5.11 -42.68 -43.98
N ALA B 1275 4.57 -43.09 -42.84
CA ALA B 1275 3.43 -43.99 -42.82
C ALA B 1275 2.13 -43.22 -43.04
N SER B 1276 1.42 -43.55 -44.11
CA SER B 1276 0.14 -42.90 -44.38
C SER B 1276 -0.95 -43.41 -43.47
N THR B 1277 -1.01 -44.73 -43.26
CA THR B 1277 -2.06 -45.36 -42.48
C THR B 1277 -1.49 -45.83 -41.14
N THR B 1278 -1.86 -45.13 -40.07
CA THR B 1278 -1.40 -45.46 -38.73
C THR B 1278 -2.60 -45.74 -37.84
N SER B 1279 -2.68 -46.97 -37.34
CA SER B 1279 -3.73 -47.32 -36.39
C SER B 1279 -3.52 -46.59 -35.07
N ALA B 1280 -4.59 -46.51 -34.27
CA ALA B 1280 -4.46 -45.89 -32.96
C ALA B 1280 -3.41 -46.60 -32.11
N LYS B 1281 -3.41 -47.93 -32.12
CA LYS B 1281 -2.41 -48.68 -31.38
C LYS B 1281 -1.01 -48.48 -31.97
N ASP B 1282 -0.93 -48.17 -33.28
CA ASP B 1282 0.37 -47.96 -33.89
C ASP B 1282 1.08 -46.77 -33.28
N GLN B 1283 0.34 -45.70 -32.97
CA GLN B 1283 0.93 -44.56 -32.28
C GLN B 1283 1.49 -44.98 -30.92
N ILE B 1284 0.73 -45.79 -30.19
CA ILE B 1284 1.19 -46.28 -28.90
C ILE B 1284 2.44 -47.13 -29.07
N ILE B 1285 2.46 -47.98 -30.10
CA ILE B 1285 3.67 -48.71 -30.46
C ILE B 1285 4.80 -47.73 -30.74
N TYR B 1286 4.52 -46.67 -31.50
CA TYR B 1286 5.53 -45.68 -31.80
C TYR B 1286 5.98 -44.96 -30.52
N ARG B 1287 5.04 -44.62 -29.65
CA ARG B 1287 5.40 -43.92 -28.43
C ARG B 1287 6.26 -44.78 -27.51
N LEU B 1288 5.88 -46.04 -27.30
CA LEU B 1288 6.55 -46.86 -26.32
C LEU B 1288 7.99 -47.19 -26.74
N GLN B 1289 8.20 -47.44 -28.04
CA GLN B 1289 9.56 -47.67 -28.51
C GLN B 1289 10.43 -46.45 -28.28
N VAL B 1290 9.91 -45.26 -28.55
CA VAL B 1290 10.67 -44.04 -28.32
C VAL B 1290 11.00 -43.88 -26.85
N ARG B 1291 10.06 -44.23 -25.97
CA ARG B 1291 10.31 -44.13 -24.54
C ARG B 1291 11.43 -45.04 -24.10
N SER B 1292 11.63 -46.15 -24.82
CA SER B 1292 12.68 -47.10 -24.45
C SER B 1292 14.06 -46.45 -24.57
N HIS B 1293 14.22 -45.52 -25.51
CA HIS B 1293 15.55 -44.99 -25.78
C HIS B 1293 15.92 -43.87 -24.81
N MET B 1294 14.93 -43.10 -24.35
CA MET B 1294 15.23 -42.13 -23.30
C MET B 1294 15.41 -42.84 -21.96
N SER B 1295 16.19 -42.21 -21.09
CA SER B 1295 16.24 -42.65 -19.71
C SER B 1295 14.89 -42.43 -19.05
N ASN B 1296 14.64 -43.20 -17.98
CA ASN B 1296 13.35 -43.10 -17.30
C ASN B 1296 13.18 -41.76 -16.61
N THR B 1297 14.24 -40.94 -16.59
CA THR B 1297 14.14 -39.63 -15.95
C THR B 1297 13.72 -38.55 -16.95
N GLU B 1298 14.20 -38.65 -18.18
CA GLU B 1298 13.95 -37.58 -19.16
C GLU B 1298 12.47 -37.51 -19.51
N ASN B 1299 12.03 -36.30 -19.84
CA ASN B 1299 10.62 -36.01 -20.09
C ASN B 1299 10.40 -35.71 -21.57
N MET B 1300 9.83 -36.68 -22.29
CA MET B 1300 9.70 -36.54 -23.73
C MET B 1300 8.60 -35.55 -24.07
N PHE B 1301 8.73 -34.94 -25.24
CA PHE B 1301 7.77 -33.97 -25.75
C PHE B 1301 7.02 -34.61 -26.91
N ARG B 1302 5.87 -34.05 -27.24
CA ARG B 1302 5.13 -34.45 -28.43
C ARG B 1302 4.87 -33.22 -29.29
N ILE B 1303 5.50 -33.18 -30.46
CA ILE B 1303 5.29 -32.11 -31.43
C ILE B 1303 4.34 -32.65 -32.49
N GLU B 1304 3.23 -31.96 -32.69
CA GLU B 1304 2.13 -32.44 -33.52
C GLU B 1304 1.94 -31.50 -34.69
N PHE B 1305 1.79 -32.05 -35.88
CA PHE B 1305 1.72 -31.28 -37.11
C PHE B 1305 0.41 -31.54 -37.82
N ASP B 1306 -0.19 -30.48 -38.36
CA ASP B 1306 -1.44 -30.57 -39.13
C ASP B 1306 -1.17 -30.03 -40.52
N LYS B 1307 -1.10 -30.91 -41.51
CA LYS B 1307 -0.64 -30.53 -42.83
C LYS B 1307 -1.56 -29.49 -43.48
N ARG B 1308 -2.87 -29.66 -43.35
CA ARG B 1308 -3.79 -28.74 -44.02
C ARG B 1308 -3.66 -27.32 -43.48
N THR B 1309 -3.50 -27.19 -42.17
CA THR B 1309 -3.45 -25.86 -41.57
C THR B 1309 -2.06 -25.44 -41.08
N LEU B 1310 -1.03 -26.15 -41.50
CA LEU B 1310 0.33 -25.80 -41.10
C LEU B 1310 0.37 -25.34 -39.65
N HIS B 1311 -0.27 -26.14 -38.78
CA HIS B 1311 -0.37 -25.85 -37.36
C HIS B 1311 0.48 -26.86 -36.60
N VAL B 1312 1.40 -26.36 -35.77
CA VAL B 1312 2.29 -27.18 -35.00
C VAL B 1312 2.01 -26.95 -33.52
N SER B 1313 1.61 -28.01 -32.83
CA SER B 1313 1.23 -27.94 -31.42
C SER B 1313 2.12 -28.89 -30.63
N ILE B 1314 2.77 -28.35 -29.59
CA ILE B 1314 3.70 -29.10 -28.77
C ILE B 1314 3.01 -29.41 -27.45
N GLN B 1315 3.07 -30.68 -27.04
CA GLN B 1315 2.51 -31.13 -25.78
C GLN B 1315 3.65 -31.57 -24.86
N TYR B 1316 3.56 -31.21 -23.59
CA TYR B 1316 4.60 -31.55 -22.62
C TYR B 1316 4.17 -32.80 -21.85
N ILE B 1317 5.00 -33.84 -21.91
CA ILE B 1317 4.66 -35.14 -21.38
C ILE B 1317 5.73 -35.57 -20.39
N ALA B 1318 5.29 -36.04 -19.21
CA ALA B 1318 6.18 -36.60 -18.20
C ALA B 1318 5.52 -37.86 -17.63
N LEU B 1319 5.00 -38.71 -18.52
CA LEU B 1319 4.24 -39.88 -18.11
C LEU B 1319 5.16 -40.93 -17.48
N ASP B 1320 4.57 -42.08 -17.15
CA ASP B 1320 5.30 -43.22 -16.58
C ASP B 1320 6.64 -43.49 -17.27
N VAL C 2 -14.25 -2.46 -19.08
CA VAL C 2 -14.82 -1.59 -20.10
C VAL C 2 -13.72 -0.96 -20.95
N TYR C 3 -12.60 -1.76 -21.08
CA TYR C 3 -11.45 -1.31 -21.83
C TYR C 3 -11.32 -2.18 -23.07
N GLU C 4 -11.55 -1.59 -24.24
CA GLU C 4 -11.54 -2.31 -25.50
C GLU C 4 -10.33 -1.87 -26.31
N ALA C 5 -9.30 -2.71 -26.33
CA ALA C 5 -8.10 -2.40 -27.08
C ALA C 5 -8.44 -2.21 -28.56
N THR C 6 -7.99 -1.09 -29.12
CA THR C 6 -8.32 -0.70 -30.48
C THR C 6 -7.10 -0.03 -31.11
N PRO C 7 -6.75 -0.37 -32.35
CA PRO C 7 -5.58 0.25 -32.96
C PRO C 7 -5.77 1.75 -33.17
N PHE C 8 -4.66 2.47 -33.16
CA PHE C 8 -4.68 3.91 -33.34
C PHE C 8 -5.14 4.26 -34.75
N ASP C 9 -5.83 5.40 -34.86
CA ASP C 9 -6.31 5.89 -36.14
C ASP C 9 -5.70 7.26 -36.41
N PRO C 10 -5.46 7.59 -37.68
CA PRO C 10 -4.85 8.89 -37.99
C PRO C 10 -5.71 10.04 -37.48
N ILE C 11 -5.03 11.09 -36.99
CA ILE C 11 -5.75 12.25 -36.49
C ILE C 11 -6.47 12.94 -37.64
N THR C 12 -7.79 13.01 -37.51
CA THR C 12 -8.64 13.63 -38.52
C THR C 12 -9.26 14.89 -37.96
N VAL C 13 -9.25 15.97 -38.76
CA VAL C 13 -9.80 17.23 -38.30
C VAL C 13 -11.32 17.23 -38.49
N LYS C 14 -12.01 17.87 -37.55
CA LYS C 14 -13.47 17.89 -37.55
C LYS C 14 -13.97 19.21 -38.12
N PRO C 15 -14.52 19.20 -39.34
CA PRO C 15 -14.94 20.47 -39.95
C PRO C 15 -16.11 21.13 -39.24
N SER C 16 -16.83 20.39 -38.39
CA SER C 16 -17.99 20.97 -37.71
C SER C 16 -17.58 22.13 -36.80
N ASP C 17 -16.48 21.97 -36.08
CA ASP C 17 -16.00 23.01 -35.17
C ASP C 17 -14.98 23.89 -35.88
N LYS C 18 -15.25 25.20 -35.90
CA LYS C 18 -14.29 26.21 -36.36
C LYS C 18 -14.13 27.22 -35.21
N ARG C 19 -13.25 26.88 -34.28
CA ARG C 19 -13.03 27.73 -33.12
C ARG C 19 -12.03 28.84 -33.46
N ARG C 20 -12.29 30.04 -32.93
CA ARG C 20 -11.40 31.17 -33.12
C ARG C 20 -10.45 31.26 -31.92
N VAL C 21 -9.20 30.86 -32.14
CA VAL C 21 -8.26 30.70 -31.05
C VAL C 21 -7.71 32.06 -30.64
N ALA C 22 -7.18 32.11 -29.42
CA ALA C 22 -6.43 33.26 -28.92
C ALA C 22 -5.16 32.77 -28.28
N TYR C 23 -4.02 33.20 -28.82
CA TYR C 23 -2.71 32.72 -28.40
C TYR C 23 -2.05 33.75 -27.51
N PHE C 24 -1.59 33.31 -26.34
CA PHE C 24 -0.97 34.18 -25.35
C PHE C 24 0.53 33.92 -25.31
N TYR C 25 1.30 34.83 -25.91
CA TYR C 25 2.75 34.75 -25.88
C TYR C 25 3.31 36.07 -25.37
N ASP C 26 4.03 36.01 -24.26
CA ASP C 26 4.76 37.16 -23.73
C ASP C 26 6.23 36.95 -24.07
N ALA C 27 6.79 37.86 -24.86
CA ALA C 27 8.09 37.61 -25.49
C ALA C 27 9.19 37.41 -24.46
N ASP C 28 9.00 37.89 -23.23
CA ASP C 28 10.06 37.81 -22.23
C ASP C 28 10.20 36.42 -21.65
N VAL C 29 9.15 35.58 -21.76
CA VAL C 29 9.09 34.35 -20.97
C VAL C 29 10.20 33.37 -21.39
N GLY C 30 10.84 33.63 -22.52
CA GLY C 30 11.91 32.74 -22.95
C GLY C 30 13.23 33.04 -22.27
N ASN C 31 13.36 34.23 -21.69
CA ASN C 31 14.67 34.71 -21.25
C ASN C 31 14.94 34.35 -19.78
N TYR C 32 14.10 33.54 -19.17
CA TYR C 32 14.35 33.11 -17.80
C TYR C 32 14.86 31.68 -17.77
N ALA C 33 15.92 31.46 -16.99
CA ALA C 33 16.58 30.17 -16.91
C ALA C 33 16.67 29.73 -15.46
N TYR C 34 16.40 28.45 -15.21
CA TYR C 34 16.31 27.97 -13.83
C TYR C 34 17.68 27.82 -13.19
N GLY C 35 18.58 27.07 -13.84
CA GLY C 35 19.87 26.81 -13.22
C GLY C 35 20.86 26.23 -14.22
N ALA C 36 21.96 25.71 -13.67
CA ALA C 36 23.04 25.21 -14.50
C ALA C 36 22.67 23.89 -15.18
N GLY C 37 21.97 23.02 -14.47
CA GLY C 37 21.54 21.74 -15.01
C GLY C 37 20.08 21.42 -14.80
N HIS C 38 19.24 22.43 -14.60
CA HIS C 38 17.88 22.19 -14.17
C HIS C 38 17.02 21.73 -15.34
N PRO C 39 16.07 20.82 -15.12
CA PRO C 39 15.27 20.30 -16.25
C PRO C 39 14.29 21.30 -16.81
N MET C 40 13.55 22.02 -15.95
CA MET C 40 12.62 23.02 -16.44
C MET C 40 13.38 24.12 -17.16
N LYS C 41 13.06 24.33 -18.43
CA LYS C 41 13.72 25.33 -19.24
C LYS C 41 12.65 26.16 -19.93
N PRO C 42 12.37 27.38 -19.44
CA PRO C 42 11.36 28.22 -20.09
C PRO C 42 11.71 28.61 -21.51
N HIS C 43 12.86 28.17 -22.03
CA HIS C 43 13.15 28.34 -23.44
C HIS C 43 12.13 27.65 -24.33
N ARG C 44 11.57 26.52 -23.86
CA ARG C 44 10.73 25.69 -24.72
C ARG C 44 9.49 26.45 -25.20
N ILE C 45 9.06 27.45 -24.43
CA ILE C 45 7.96 28.28 -24.91
C ILE C 45 8.37 29.06 -26.14
N ARG C 46 9.61 29.58 -26.14
CA ARG C 46 10.05 30.42 -27.25
C ARG C 46 10.19 29.63 -28.54
N MET C 47 10.79 28.43 -28.47
CA MET C 47 10.88 27.62 -29.68
C MET C 47 9.50 27.16 -30.14
N ALA C 48 8.66 26.72 -29.20
CA ALA C 48 7.31 26.30 -29.57
C ALA C 48 6.54 27.46 -30.18
N HIS C 49 6.88 28.69 -29.81
CA HIS C 49 6.30 29.85 -30.48
C HIS C 49 7.02 30.14 -31.79
N SER C 50 8.34 29.92 -31.82
CA SER C 50 9.08 30.17 -33.05
C SER C 50 8.60 29.28 -34.18
N LEU C 51 8.35 28.00 -33.89
CA LEU C 51 7.83 27.10 -34.90
C LEU C 51 6.45 27.53 -35.36
N ILE C 52 5.61 27.98 -34.44
CA ILE C 52 4.22 28.31 -34.77
C ILE C 52 4.17 29.44 -35.80
N MET C 53 4.99 30.48 -35.61
CA MET C 53 4.93 31.63 -36.49
C MET C 53 5.37 31.30 -37.91
N ASN C 54 6.21 30.26 -38.07
CA ASN C 54 6.74 29.95 -39.39
C ASN C 54 5.75 29.13 -40.22
N TYR C 55 4.96 28.28 -39.58
CA TYR C 55 3.83 27.65 -40.27
C TYR C 55 2.79 28.67 -40.71
N GLY C 56 2.94 29.93 -40.34
CA GLY C 56 1.94 30.91 -40.65
C GLY C 56 0.66 30.75 -39.87
N LEU C 57 0.71 30.07 -38.72
CA LEU C 57 -0.48 29.91 -37.90
C LEU C 57 -0.98 31.24 -37.38
N TYR C 58 -0.12 32.27 -37.38
CA TYR C 58 -0.56 33.59 -36.94
C TYR C 58 -1.64 34.16 -37.85
N LYS C 59 -1.80 33.59 -39.05
CA LYS C 59 -2.86 34.04 -39.93
C LYS C 59 -4.23 33.62 -39.41
N LYS C 60 -4.29 32.52 -38.64
CA LYS C 60 -5.58 32.07 -38.13
C LYS C 60 -5.79 32.51 -36.69
N MET C 61 -4.73 32.44 -35.87
CA MET C 61 -4.87 32.79 -34.47
C MET C 61 -4.93 34.29 -34.27
N GLU C 62 -5.15 34.69 -33.03
CA GLU C 62 -5.07 36.08 -32.59
C GLU C 62 -4.04 36.15 -31.48
N ILE C 63 -2.94 36.86 -31.73
CA ILE C 63 -1.80 36.89 -30.82
C ILE C 63 -2.07 37.91 -29.73
N TYR C 64 -1.88 37.51 -28.48
CA TYR C 64 -2.13 38.35 -27.33
C TYR C 64 -0.96 38.31 -26.37
N ARG C 65 -0.80 39.38 -25.60
CA ARG C 65 0.21 39.47 -24.56
C ARG C 65 -0.48 39.84 -23.25
N ALA C 66 -0.75 38.84 -22.43
CA ALA C 66 -1.52 39.08 -21.22
C ALA C 66 -0.75 39.96 -20.25
N LYS C 67 -1.44 40.93 -19.66
CA LYS C 67 -0.81 41.80 -18.68
C LYS C 67 -0.41 40.98 -17.45
N PRO C 68 0.83 41.11 -16.99
CA PRO C 68 1.31 40.24 -15.91
C PRO C 68 0.47 40.37 -14.65
N ALA C 69 0.34 39.25 -13.95
CA ALA C 69 -0.51 39.19 -12.78
C ALA C 69 0.03 40.07 -11.65
N THR C 70 -0.87 40.79 -11.00
CA THR C 70 -0.48 41.65 -9.89
C THR C 70 -0.10 40.80 -8.68
N LYS C 71 0.41 41.48 -7.65
CA LYS C 71 0.76 40.79 -6.42
C LYS C 71 -0.48 40.39 -5.64
N GLN C 72 -1.54 41.21 -5.71
CA GLN C 72 -2.76 40.89 -5.00
C GLN C 72 -3.51 39.72 -5.66
N GLU C 73 -3.62 39.75 -6.99
CA GLU C 73 -4.38 38.71 -7.68
C GLU C 73 -3.72 37.34 -7.53
N MET C 74 -2.40 37.33 -7.37
CA MET C 74 -1.70 36.07 -7.10
C MET C 74 -2.14 35.47 -5.77
N CYS C 75 -2.73 36.29 -4.90
CA CYS C 75 -3.02 35.84 -3.54
C CYS C 75 -4.40 35.23 -3.40
N GLN C 76 -5.21 35.24 -4.46
CA GLN C 76 -6.55 34.68 -4.33
C GLN C 76 -6.48 33.16 -4.23
N PHE C 77 -5.30 32.58 -4.46
CA PHE C 77 -5.10 31.19 -4.10
C PHE C 77 -4.02 31.04 -3.04
N HIS C 78 -2.89 31.71 -3.22
CA HIS C 78 -1.74 31.56 -2.35
C HIS C 78 -1.84 32.52 -1.17
N THR C 79 -1.38 32.06 -0.02
CA THR C 79 -1.44 32.88 1.18
C THR C 79 -0.49 34.06 1.06
N ASP C 80 -0.86 35.16 1.73
CA ASP C 80 -0.12 36.41 1.60
C ASP C 80 1.33 36.26 2.01
N GLU C 81 1.60 35.36 2.96
CA GLU C 81 2.98 35.15 3.39
C GLU C 81 3.83 34.58 2.27
N TYR C 82 3.28 33.63 1.51
CA TYR C 82 4.04 32.99 0.43
C TYR C 82 4.36 33.98 -0.68
N ILE C 83 3.35 34.69 -1.18
CA ILE C 83 3.57 35.62 -2.28
C ILE C 83 4.56 36.70 -1.88
N ASP C 84 4.47 37.17 -0.63
CA ASP C 84 5.39 38.19 -0.16
C ASP C 84 6.83 37.67 -0.16
N PHE C 85 7.01 36.38 0.12
CA PHE C 85 8.34 35.80 0.03
C PHE C 85 8.85 35.78 -1.40
N LEU C 86 7.97 35.49 -2.36
CA LEU C 86 8.40 35.43 -3.76
C LEU C 86 8.91 36.77 -4.26
N SER C 87 8.25 37.85 -3.88
CA SER C 87 8.62 39.16 -4.42
C SER C 87 10.04 39.55 -4.04
N ARG C 88 10.43 39.33 -2.78
CA ARG C 88 11.74 39.80 -2.34
C ARG C 88 12.85 38.83 -2.70
N VAL C 89 12.55 37.53 -2.79
CA VAL C 89 13.60 36.53 -2.84
C VAL C 89 14.37 36.64 -4.15
N THR C 90 15.70 36.67 -4.03
CA THR C 90 16.64 36.70 -5.14
C THR C 90 17.87 35.92 -4.71
N PRO C 91 18.71 35.48 -5.65
CA PRO C 91 19.88 34.68 -5.25
C PRO C 91 20.78 35.37 -4.24
N ASP C 92 20.86 36.70 -4.27
CA ASP C 92 21.69 37.41 -3.31
C ASP C 92 21.03 37.45 -1.93
N ASN C 93 19.70 37.33 -1.90
CA ASN C 93 18.97 37.46 -0.64
C ASN C 93 18.73 36.14 0.06
N LEU C 94 19.29 35.04 -0.46
CA LEU C 94 18.97 33.73 0.10
C LEU C 94 19.47 33.58 1.53
N GLU C 95 20.58 34.25 1.87
CA GLU C 95 21.08 34.17 3.24
C GLU C 95 20.09 34.78 4.23
N MET C 96 19.46 35.90 3.86
CA MET C 96 18.53 36.56 4.76
C MET C 96 17.31 35.70 5.05
N PHE C 97 16.91 34.86 4.10
CA PHE C 97 15.73 34.01 4.23
C PHE C 97 16.17 32.57 4.39
N LYS C 98 16.14 32.07 5.63
CA LYS C 98 16.44 30.67 5.90
C LYS C 98 15.26 29.90 6.47
N ARG C 99 14.51 30.49 7.41
CA ARG C 99 13.31 29.84 7.89
C ARG C 99 12.28 29.69 6.77
N GLU C 100 12.11 30.74 5.96
CA GLU C 100 11.15 30.67 4.87
C GLU C 100 11.55 29.64 3.83
N SER C 101 12.83 29.61 3.45
CA SER C 101 13.25 28.73 2.37
C SER C 101 13.06 27.26 2.74
N VAL C 102 12.97 26.96 4.04
CA VAL C 102 12.63 25.60 4.46
C VAL C 102 11.11 25.46 4.54
N LYS C 103 10.44 26.46 5.12
CA LYS C 103 8.99 26.43 5.20
C LYS C 103 8.36 26.42 3.81
N PHE C 104 8.82 27.29 2.94
CA PHE C 104 8.40 27.35 1.55
C PHE C 104 9.45 26.63 0.73
N ASN C 105 9.07 25.53 0.09
CA ASN C 105 10.06 24.68 -0.55
C ASN C 105 10.58 25.39 -1.79
N VAL C 106 11.45 26.39 -1.58
CA VAL C 106 11.90 27.27 -2.65
C VAL C 106 13.41 27.39 -2.57
N GLY C 107 14.07 27.14 -3.70
CA GLY C 107 15.47 27.42 -3.84
C GLY C 107 16.40 26.22 -3.76
N ASP C 108 15.88 25.01 -3.63
CA ASP C 108 16.76 23.86 -3.48
C ASP C 108 16.55 22.91 -4.65
N ASP C 109 15.30 22.51 -4.90
CA ASP C 109 14.99 21.82 -6.14
C ASP C 109 14.32 22.75 -7.13
N CYS C 110 13.36 23.56 -6.65
CA CYS C 110 12.89 24.70 -7.41
C CYS C 110 13.78 25.88 -7.09
N PRO C 111 14.76 26.21 -7.92
CA PRO C 111 15.79 27.16 -7.52
C PRO C 111 15.25 28.58 -7.46
N VAL C 112 15.92 29.41 -6.68
CA VAL C 112 15.67 30.85 -6.70
C VAL C 112 16.53 31.47 -7.78
N PHE C 113 16.02 31.49 -9.02
CA PHE C 113 16.76 32.11 -10.10
C PHE C 113 16.40 33.59 -10.18
N ASP C 114 17.29 34.35 -10.82
CA ASP C 114 17.04 35.77 -11.00
C ASP C 114 15.80 35.99 -11.85
N GLY C 115 14.90 36.85 -11.37
CA GLY C 115 13.63 37.02 -12.04
C GLY C 115 12.56 36.05 -11.63
N LEU C 116 12.65 35.48 -10.43
CA LEU C 116 11.68 34.49 -9.99
C LEU C 116 10.27 35.06 -9.98
N TYR C 117 10.09 36.27 -9.48
CA TYR C 117 8.77 36.86 -9.40
C TYR C 117 8.24 37.20 -10.79
N GLU C 118 9.09 37.73 -11.65
CA GLU C 118 8.62 38.18 -12.96
C GLU C 118 8.10 37.01 -13.79
N TYR C 119 8.83 35.89 -13.80
CA TYR C 119 8.39 34.74 -14.59
C TYR C 119 7.07 34.19 -14.08
N CYS C 120 6.91 34.09 -12.76
CA CYS C 120 5.64 33.66 -12.21
C CYS C 120 4.53 34.66 -12.56
N SER C 121 4.87 35.96 -12.55
CA SER C 121 3.89 36.95 -12.96
C SER C 121 3.57 36.84 -14.44
N ILE C 122 4.39 36.19 -15.24
CA ILE C 122 4.00 36.09 -16.64
C ILE C 122 3.06 34.93 -16.80
N SER C 123 3.31 33.85 -16.10
CA SER C 123 2.45 32.68 -16.18
C SER C 123 1.00 32.97 -15.81
N GLY C 124 0.76 33.50 -14.63
CA GLY C 124 -0.61 33.69 -14.21
C GLY C 124 -1.47 34.65 -15.01
N GLY C 125 -0.95 35.80 -15.44
CA GLY C 125 -1.81 36.75 -16.12
C GLY C 125 -2.12 36.12 -17.44
N GLY C 126 -1.33 35.16 -17.80
CA GLY C 126 -1.46 34.47 -19.07
C GLY C 126 -2.59 33.46 -19.06
N SER C 127 -2.72 32.72 -17.97
CA SER C 127 -3.83 31.78 -17.83
C SER C 127 -5.09 32.48 -17.33
N MET C 128 -4.94 33.38 -16.35
CA MET C 128 -6.10 34.08 -15.82
C MET C 128 -6.87 34.81 -16.91
N GLU C 129 -6.18 35.58 -17.74
CA GLU C 129 -6.86 36.29 -18.80
C GLU C 129 -7.41 35.34 -19.85
N GLY C 130 -6.74 34.21 -20.08
CA GLY C 130 -7.27 33.22 -20.98
C GLY C 130 -8.66 32.79 -20.57
N ALA C 131 -8.88 32.66 -19.26
CA ALA C 131 -10.22 32.40 -18.77
C ALA C 131 -11.12 33.62 -18.93
N ALA C 132 -10.55 34.81 -18.79
CA ALA C 132 -11.36 36.03 -18.86
C ALA C 132 -11.90 36.26 -20.27
N ARG C 133 -11.13 35.87 -21.29
CA ARG C 133 -11.59 36.06 -22.66
C ARG C 133 -12.67 35.05 -23.04
N LEU C 134 -12.55 33.81 -22.54
CA LEU C 134 -13.59 32.83 -22.77
C LEU C 134 -14.93 33.28 -22.19
N ASN C 135 -14.89 33.87 -21.00
CA ASN C 135 -16.13 34.30 -20.34
C ASN C 135 -16.82 35.38 -21.15
N ARG C 136 -16.07 36.35 -21.67
CA ARG C 136 -16.67 37.44 -22.42
C ARG C 136 -17.25 36.95 -23.74
N GLY C 137 -16.86 35.74 -24.17
CA GLY C 137 -17.27 35.23 -25.45
C GLY C 137 -16.39 35.64 -26.60
N LYS C 138 -15.22 36.23 -26.32
CA LYS C 138 -14.37 36.73 -27.39
C LYS C 138 -13.67 35.60 -28.13
N CYS C 139 -13.33 34.53 -27.44
CA CYS C 139 -12.61 33.41 -28.04
C CYS C 139 -13.13 32.10 -27.47
N ASP C 140 -13.24 31.08 -28.33
CA ASP C 140 -13.70 29.77 -27.87
C ASP C 140 -12.56 28.95 -27.29
N VAL C 141 -11.32 29.37 -27.52
CA VAL C 141 -10.13 28.67 -27.04
C VAL C 141 -9.13 29.71 -26.56
N ALA C 142 -8.38 29.37 -25.52
CA ALA C 142 -7.24 30.16 -25.08
C ALA C 142 -6.04 29.24 -24.96
N VAL C 143 -4.90 29.67 -25.50
CA VAL C 143 -3.69 28.88 -25.51
C VAL C 143 -2.61 29.66 -24.78
N ASN C 144 -2.24 29.18 -23.59
CA ASN C 144 -1.25 29.84 -22.74
C ASN C 144 -0.17 28.81 -22.41
N TYR C 145 0.80 28.66 -23.30
CA TYR C 145 1.84 27.66 -23.09
C TYR C 145 2.82 28.12 -22.02
N ALA C 146 2.92 29.43 -21.79
CA ALA C 146 3.84 29.94 -20.78
C ALA C 146 3.49 29.42 -19.40
N GLY C 147 2.20 29.25 -19.13
CA GLY C 147 1.75 28.81 -17.83
C GLY C 147 1.53 27.31 -17.76
N GLY C 148 0.55 26.93 -16.95
CA GLY C 148 0.22 25.53 -16.76
C GLY C 148 0.88 24.86 -15.58
N LEU C 149 1.52 25.63 -14.70
CA LEU C 149 2.28 25.04 -13.61
C LEU C 149 1.33 24.43 -12.58
N HIS C 150 1.15 23.12 -12.65
CA HIS C 150 0.12 22.45 -11.86
C HIS C 150 0.61 21.82 -10.57
N HIS C 151 1.88 21.98 -10.22
CA HIS C 151 2.42 21.32 -9.04
C HIS C 151 2.47 22.22 -7.81
N ALA C 152 2.34 23.52 -7.98
CA ALA C 152 2.45 24.43 -6.85
C ALA C 152 1.26 24.26 -5.90
N LYS C 153 1.47 24.61 -4.64
CA LYS C 153 0.45 24.49 -3.62
C LYS C 153 0.13 25.86 -3.03
N LYS C 154 -0.71 25.86 -2.00
CA LYS C 154 -1.18 27.13 -1.44
C LYS C 154 -0.02 27.94 -0.86
N SER C 155 0.82 27.31 -0.07
CA SER C 155 1.99 27.96 0.50
C SER C 155 3.27 27.16 0.30
N GLU C 156 3.47 26.57 -0.88
CA GLU C 156 4.62 25.73 -1.12
C GLU C 156 4.88 25.65 -2.62
N ALA C 157 6.16 25.61 -2.99
CA ALA C 157 6.57 25.46 -4.37
C ALA C 157 7.12 24.06 -4.58
N SER C 158 6.40 23.25 -5.35
CA SER C 158 6.78 21.87 -5.58
C SER C 158 6.83 21.61 -7.09
N GLY C 159 7.66 20.64 -7.47
CA GLY C 159 7.70 20.21 -8.85
C GLY C 159 7.97 21.31 -9.84
N PHE C 160 8.94 22.17 -9.55
CA PHE C 160 9.42 23.26 -10.40
C PHE C 160 8.39 24.37 -10.53
N CYS C 161 7.25 24.29 -9.85
CA CYS C 161 6.13 25.20 -10.07
C CYS C 161 5.98 26.09 -8.84
N TYR C 162 6.14 27.40 -9.03
CA TYR C 162 6.02 28.30 -7.89
C TYR C 162 4.60 28.83 -7.76
N LEU C 163 4.10 29.48 -8.81
CA LEU C 163 2.75 30.01 -8.82
C LEU C 163 1.86 29.03 -9.56
N ASN C 164 0.81 28.57 -8.89
CA ASN C 164 -0.13 27.63 -9.49
C ASN C 164 -1.14 28.44 -10.27
N ASP C 165 -0.86 28.68 -11.55
CA ASP C 165 -1.72 29.53 -12.36
C ASP C 165 -3.06 28.87 -12.65
N ILE C 166 -3.07 27.55 -12.81
CA ILE C 166 -4.29 26.85 -13.21
C ILE C 166 -5.42 27.13 -12.23
N VAL C 167 -5.12 27.09 -10.92
CA VAL C 167 -6.12 27.48 -9.93
C VAL C 167 -6.54 28.92 -10.14
N LEU C 168 -5.59 29.81 -10.41
CA LEU C 168 -5.94 31.19 -10.73
C LEU C 168 -6.76 31.25 -12.01
N GLY C 169 -6.41 30.43 -13.01
CA GLY C 169 -7.20 30.40 -14.23
C GLY C 169 -8.59 29.87 -14.02
N ILE C 170 -8.72 28.77 -13.26
CA ILE C 170 -10.02 28.14 -13.08
C ILE C 170 -10.96 29.03 -12.28
N ILE C 171 -10.44 29.67 -11.23
CA ILE C 171 -11.26 30.56 -10.42
C ILE C 171 -11.84 31.68 -11.28
N GLU C 172 -11.13 32.06 -12.34
CA GLU C 172 -11.66 33.09 -13.23
C GLU C 172 -12.81 32.55 -14.08
N LEU C 173 -12.68 31.31 -14.56
CA LEU C 173 -13.79 30.67 -15.27
C LEU C 173 -14.99 30.45 -14.36
N LEU C 174 -14.73 30.18 -13.07
CA LEU C 174 -15.80 29.78 -12.17
C LEU C 174 -16.75 30.92 -11.89
N ARG C 175 -16.39 32.15 -12.27
CA ARG C 175 -17.24 33.28 -12.00
C ARG C 175 -18.35 33.41 -13.05
N TYR C 176 -18.27 32.63 -14.12
CA TYR C 176 -19.32 32.67 -15.12
C TYR C 176 -19.90 31.28 -15.36
N HIS C 177 -19.04 30.25 -15.42
CA HIS C 177 -19.47 28.90 -15.69
C HIS C 177 -19.69 28.14 -14.40
N PRO C 178 -20.88 27.59 -14.17
CA PRO C 178 -21.12 26.88 -12.90
C PRO C 178 -20.23 25.68 -12.68
N ARG C 179 -19.85 24.96 -13.73
CA ARG C 179 -19.04 23.76 -13.61
C ARG C 179 -17.86 23.85 -14.58
N VAL C 180 -16.68 23.44 -14.11
CA VAL C 180 -15.46 23.45 -14.91
C VAL C 180 -14.80 22.10 -14.78
N LEU C 181 -14.28 21.57 -15.89
CA LEU C 181 -13.60 20.29 -15.91
C LEU C 181 -12.11 20.52 -16.15
N TYR C 182 -11.27 19.86 -15.37
CA TYR C 182 -9.82 19.95 -15.53
C TYR C 182 -9.28 18.59 -15.93
N ILE C 183 -8.55 18.56 -17.05
CA ILE C 183 -8.03 17.32 -17.60
C ILE C 183 -6.52 17.41 -17.62
N ASP C 184 -5.86 16.45 -16.98
CA ASP C 184 -4.40 16.42 -16.85
C ASP C 184 -3.84 15.28 -17.68
N ILE C 185 -2.90 15.59 -18.56
CA ILE C 185 -2.18 14.58 -19.31
C ILE C 185 -0.69 14.64 -19.10
N ASP C 186 -0.23 15.32 -18.04
CA ASP C 186 1.17 15.27 -17.65
C ASP C 186 1.41 13.98 -16.87
N VAL C 187 2.60 13.39 -17.05
CA VAL C 187 2.88 12.07 -16.48
C VAL C 187 2.83 12.12 -14.96
N HIS C 188 3.09 13.28 -14.38
CA HIS C 188 2.99 13.43 -12.93
C HIS C 188 1.55 13.69 -12.53
N HIS C 189 1.24 13.39 -11.27
CA HIS C 189 -0.09 13.66 -10.75
C HIS C 189 -0.27 15.15 -10.50
N GLY C 190 -1.37 15.71 -11.00
CA GLY C 190 -1.63 17.12 -10.80
C GLY C 190 -2.13 17.42 -9.40
N ASP C 191 -1.26 17.22 -8.41
CA ASP C 191 -1.69 17.38 -7.01
C ASP C 191 -1.99 18.83 -6.68
N GLY C 192 -1.36 19.77 -7.38
CA GLY C 192 -1.59 21.17 -7.08
C GLY C 192 -3.03 21.60 -7.34
N VAL C 193 -3.65 21.06 -8.39
CA VAL C 193 -5.02 21.45 -8.71
C VAL C 193 -6.00 20.51 -8.01
N GLU C 194 -5.66 19.23 -7.90
CA GLU C 194 -6.54 18.29 -7.22
C GLU C 194 -6.72 18.67 -5.75
N GLU C 195 -5.63 19.00 -5.07
CA GLU C 195 -5.73 19.39 -3.67
C GLU C 195 -6.42 20.74 -3.53
N ALA C 196 -6.51 21.53 -4.57
CA ALA C 196 -7.17 22.80 -4.35
C ALA C 196 -8.66 22.68 -4.49
N PHE C 197 -9.11 21.86 -5.40
CA PHE C 197 -10.52 21.72 -5.66
C PHE C 197 -11.13 20.42 -5.13
N TYR C 198 -10.45 19.73 -4.22
CA TYR C 198 -10.92 18.44 -3.75
C TYR C 198 -12.26 18.50 -3.08
N THR C 199 -12.51 19.54 -2.29
CA THR C 199 -13.78 19.66 -1.61
C THR C 199 -14.96 20.10 -2.47
N THR C 200 -14.77 21.05 -3.38
CA THR C 200 -15.86 21.57 -4.16
C THR C 200 -16.28 20.61 -5.26
N ASP C 201 -17.55 20.70 -5.66
CA ASP C 201 -18.04 19.88 -6.78
C ASP C 201 -18.03 20.68 -8.07
N ARG C 202 -17.69 21.96 -8.00
CA ARG C 202 -17.76 22.80 -9.20
C ARG C 202 -16.60 22.52 -10.14
N VAL C 203 -15.61 21.76 -9.71
CA VAL C 203 -14.50 21.40 -10.58
C VAL C 203 -14.17 19.92 -10.48
N MET C 204 -14.02 19.23 -11.61
CA MET C 204 -13.62 17.83 -11.59
C MET C 204 -12.23 17.73 -12.12
N THR C 205 -11.33 17.09 -11.41
CA THR C 205 -9.95 17.06 -11.82
C THR C 205 -9.52 15.70 -12.29
N CYS C 206 -9.76 15.40 -13.56
CA CYS C 206 -9.41 14.10 -14.11
C CYS C 206 -7.96 14.11 -14.51
N SER C 207 -7.15 13.28 -13.87
CA SER C 207 -5.71 13.29 -14.04
C SER C 207 -5.19 11.91 -14.39
N PHE C 208 -4.39 11.84 -15.45
CA PHE C 208 -3.72 10.62 -15.85
C PHE C 208 -2.25 10.74 -15.47
N HIS C 209 -1.72 9.73 -14.79
CA HIS C 209 -0.37 9.81 -14.27
C HIS C 209 0.19 8.43 -14.03
N LYS C 210 1.48 8.39 -13.72
CA LYS C 210 2.19 7.14 -13.42
C LYS C 210 2.25 7.00 -11.90
N TYR C 211 1.55 6.00 -11.37
CA TYR C 211 1.60 5.71 -9.95
C TYR C 211 2.75 4.75 -9.67
N GLY C 212 2.92 4.40 -8.39
CA GLY C 212 4.04 3.55 -8.05
C GLY C 212 5.28 4.29 -7.61
N GLU C 213 5.15 5.07 -6.54
CA GLU C 213 6.22 5.91 -5.98
C GLU C 213 6.91 6.73 -7.06
N PHE C 214 6.10 7.40 -7.87
CA PHE C 214 6.55 8.37 -8.85
C PHE C 214 6.02 9.72 -8.39
N PHE C 215 6.85 10.75 -8.46
CA PHE C 215 6.50 12.04 -7.89
C PHE C 215 5.16 12.52 -8.45
N PRO C 216 4.26 13.02 -7.60
CA PRO C 216 4.44 13.19 -6.16
C PRO C 216 3.95 12.03 -5.32
N GLY C 217 3.75 10.88 -5.95
CA GLY C 217 3.32 9.70 -5.21
C GLY C 217 1.91 9.79 -4.66
N THR C 218 1.10 10.70 -5.21
CA THR C 218 -0.31 10.79 -4.86
C THR C 218 -1.12 10.43 -6.09
N GLY C 219 -2.43 10.58 -5.98
CA GLY C 219 -3.30 10.28 -7.09
C GLY C 219 -3.69 8.83 -7.22
N GLU C 220 -3.67 8.06 -6.14
CA GLU C 220 -4.11 6.68 -6.19
C GLU C 220 -5.57 6.62 -6.61
N LEU C 221 -5.96 5.46 -7.17
CA LEU C 221 -7.31 5.32 -7.73
C LEU C 221 -8.39 5.61 -6.70
N ARG C 222 -8.11 5.37 -5.42
CA ARG C 222 -9.16 5.51 -4.42
C ARG C 222 -9.35 6.96 -3.99
N ASP C 223 -8.42 7.84 -4.36
CA ASP C 223 -8.61 9.25 -4.07
C ASP C 223 -9.71 9.84 -4.95
N ILE C 224 -10.89 10.03 -4.37
CA ILE C 224 -12.04 10.55 -5.10
C ILE C 224 -12.66 11.75 -4.42
N GLY C 225 -11.87 12.52 -3.66
CA GLY C 225 -12.39 13.70 -3.03
C GLY C 225 -13.21 13.40 -1.78
N VAL C 226 -13.42 14.45 -0.99
CA VAL C 226 -14.13 14.34 0.27
C VAL C 226 -15.13 15.48 0.38
N GLY C 227 -16.10 15.31 1.28
CA GLY C 227 -17.13 16.32 1.45
C GLY C 227 -18.05 16.36 0.24
N ALA C 228 -18.38 17.57 -0.20
CA ALA C 228 -19.23 17.72 -1.37
C ALA C 228 -18.56 17.15 -2.61
N GLY C 229 -17.26 17.37 -2.76
CA GLY C 229 -16.55 16.88 -3.92
C GLY C 229 -16.14 15.42 -3.81
N LYS C 230 -17.10 14.54 -3.50
CA LYS C 230 -16.87 13.10 -3.52
C LYS C 230 -17.35 12.57 -4.85
N ASN C 231 -16.51 11.78 -5.50
CA ASN C 231 -16.62 11.29 -6.87
C ASN C 231 -16.31 12.40 -7.85
N TYR C 232 -16.13 13.63 -7.38
CA TYR C 232 -15.81 14.72 -8.29
C TYR C 232 -14.32 14.87 -8.44
N ALA C 233 -13.57 13.80 -8.22
CA ALA C 233 -12.16 13.81 -8.51
C ALA C 233 -11.97 12.50 -9.24
N VAL C 234 -11.09 12.42 -10.21
CA VAL C 234 -10.97 11.18 -10.95
C VAL C 234 -9.54 10.96 -11.33
N ASN C 235 -8.88 10.04 -10.67
CA ASN C 235 -7.48 9.75 -10.96
C ASN C 235 -7.40 8.41 -11.67
N VAL C 236 -6.59 8.35 -12.73
CA VAL C 236 -6.38 7.15 -13.50
C VAL C 236 -4.91 6.76 -13.36
N PRO C 237 -4.56 5.88 -12.43
CA PRO C 237 -3.15 5.55 -12.25
C PRO C 237 -2.67 4.55 -13.28
N LEU C 238 -1.89 5.02 -14.25
CA LEU C 238 -1.38 4.20 -15.33
C LEU C 238 -0.02 3.66 -14.92
N ARG C 239 0.40 2.58 -15.58
CA ARG C 239 1.72 2.05 -15.32
C ARG C 239 2.71 2.56 -16.37
N ASP C 240 3.92 2.00 -16.32
CA ASP C 240 4.99 2.46 -17.18
C ASP C 240 4.69 2.10 -18.63
N GLY C 241 5.38 2.78 -19.55
CA GLY C 241 5.37 2.40 -20.95
C GLY C 241 4.04 2.41 -21.68
N ILE C 242 3.11 3.28 -21.26
CA ILE C 242 1.88 3.45 -22.03
C ILE C 242 2.24 4.06 -23.38
N ASP C 243 1.50 3.66 -24.42
CA ASP C 243 1.84 4.08 -25.78
C ASP C 243 0.61 4.66 -26.48
N ASP C 244 0.79 4.93 -27.78
CA ASP C 244 -0.21 5.69 -28.54
C ASP C 244 -1.57 4.99 -28.55
N ALA C 245 -1.59 3.71 -28.93
CA ALA C 245 -2.86 3.03 -29.13
C ALA C 245 -3.56 2.74 -27.81
N THR C 246 -2.79 2.41 -26.77
CA THR C 246 -3.39 2.08 -25.49
C THR C 246 -3.89 3.33 -24.77
N TYR C 247 -3.16 4.44 -24.89
CA TYR C 247 -3.58 5.68 -24.25
C TYR C 247 -4.92 6.16 -24.80
N ARG C 248 -5.11 6.08 -26.11
CA ARG C 248 -6.37 6.51 -26.70
C ARG C 248 -7.52 5.63 -26.21
N SER C 249 -7.27 4.33 -26.04
CA SER C 249 -8.33 3.44 -25.59
C SER C 249 -8.71 3.69 -24.15
N VAL C 250 -7.91 4.47 -23.43
CA VAL C 250 -8.24 4.83 -22.06
C VAL C 250 -8.75 6.26 -21.99
N PHE C 251 -8.04 7.18 -22.62
CA PHE C 251 -8.40 8.59 -22.53
C PHE C 251 -9.80 8.85 -23.08
N GLU C 252 -10.10 8.35 -24.27
CA GLU C 252 -11.37 8.67 -24.91
C GLU C 252 -12.58 8.11 -24.14
N PRO C 253 -12.60 6.83 -23.75
CA PRO C 253 -13.78 6.35 -23.02
C PRO C 253 -14.04 7.08 -21.71
N VAL C 254 -12.99 7.42 -20.96
CA VAL C 254 -13.19 8.09 -19.69
C VAL C 254 -13.71 9.50 -19.89
N ILE C 255 -13.07 10.26 -20.79
CA ILE C 255 -13.50 11.64 -21.03
C ILE C 255 -14.93 11.67 -21.54
N LYS C 256 -15.28 10.72 -22.42
CA LYS C 256 -16.64 10.68 -22.95
C LYS C 256 -17.65 10.42 -21.83
N LYS C 257 -17.25 9.66 -20.82
CA LYS C 257 -18.15 9.42 -19.70
C LYS C 257 -18.32 10.68 -18.85
N ILE C 258 -17.22 11.40 -18.60
CA ILE C 258 -17.28 12.59 -17.74
C ILE C 258 -18.17 13.64 -18.35
N MET C 259 -18.00 13.92 -19.65
CA MET C 259 -18.76 15.00 -20.27
C MET C 259 -20.21 14.58 -20.53
N GLU C 260 -20.54 13.32 -20.26
CA GLU C 260 -21.95 12.93 -20.27
C GLU C 260 -22.56 13.08 -18.89
N TRP C 261 -21.92 12.51 -17.87
CA TRP C 261 -22.53 12.48 -16.54
C TRP C 261 -22.36 13.81 -15.82
N TYR C 262 -21.18 14.40 -15.89
CA TYR C 262 -20.91 15.69 -15.28
C TYR C 262 -20.63 16.68 -16.39
N GLN C 263 -21.68 17.29 -16.93
CA GLN C 263 -21.57 18.14 -18.10
C GLN C 263 -20.82 19.41 -17.76
N PRO C 264 -19.59 19.57 -18.18
CA PRO C 264 -18.85 20.79 -17.86
C PRO C 264 -19.23 21.93 -18.76
N SER C 265 -19.16 23.16 -18.26
CA SER C 265 -19.38 24.32 -19.12
C SER C 265 -18.09 24.77 -19.77
N ALA C 266 -16.96 24.42 -19.18
CA ALA C 266 -15.64 24.74 -19.73
C ALA C 266 -14.65 23.67 -19.35
N VAL C 267 -13.57 23.57 -20.11
CA VAL C 267 -12.51 22.59 -19.88
C VAL C 267 -11.19 23.32 -19.77
N VAL C 268 -10.37 22.92 -18.80
CA VAL C 268 -9.00 23.39 -18.69
C VAL C 268 -8.10 22.19 -18.92
N LEU C 269 -7.58 22.06 -20.14
CA LEU C 269 -6.79 20.91 -20.54
C LEU C 269 -5.32 21.25 -20.45
N GLN C 270 -4.60 20.59 -19.55
CA GLN C 270 -3.19 20.87 -19.30
C GLN C 270 -2.34 19.91 -20.12
N CYS C 271 -1.89 20.38 -21.28
CA CYS C 271 -1.16 19.55 -22.23
C CYS C 271 0.26 19.38 -21.75
N GLY C 272 0.49 18.40 -20.88
CA GLY C 272 1.81 18.17 -20.35
C GLY C 272 2.75 17.60 -21.38
N GLY C 273 3.98 18.09 -21.41
CA GLY C 273 4.95 17.56 -22.36
C GLY C 273 5.67 16.35 -21.81
N ASP C 274 5.55 16.09 -20.51
CA ASP C 274 6.36 15.06 -19.87
C ASP C 274 5.99 13.66 -20.36
N SER C 275 4.74 13.48 -20.80
CA SER C 275 4.29 12.14 -21.17
C SER C 275 4.97 11.65 -22.45
N LEU C 276 5.42 12.57 -23.30
CA LEU C 276 6.06 12.19 -24.55
C LEU C 276 7.28 11.30 -24.29
N SER C 277 7.63 10.51 -25.30
CA SER C 277 8.76 9.61 -25.18
C SER C 277 10.07 10.39 -25.24
N GLY C 278 11.05 9.94 -24.45
CA GLY C 278 12.37 10.53 -24.46
C GLY C 278 12.60 11.62 -23.45
N ASP C 279 11.58 12.03 -22.69
CA ASP C 279 11.78 13.07 -21.69
C ASP C 279 12.61 12.55 -20.53
N ARG C 280 13.29 13.48 -19.85
CA ARG C 280 14.32 13.07 -18.89
C ARG C 280 13.70 12.61 -17.57
N LEU C 281 12.51 13.11 -17.24
CA LEU C 281 11.91 12.79 -15.94
C LEU C 281 10.67 11.92 -16.04
N GLY C 282 10.04 11.83 -17.21
CA GLY C 282 8.81 11.08 -17.34
C GLY C 282 9.04 9.78 -18.10
N CYS C 283 8.24 8.78 -17.73
CA CYS C 283 8.37 7.44 -18.32
C CYS C 283 7.03 7.00 -18.89
N PHE C 284 6.72 7.49 -20.09
CA PHE C 284 5.68 6.98 -20.97
C PHE C 284 6.26 6.83 -22.36
N ASN C 285 5.51 6.19 -23.25
CA ASN C 285 5.93 5.98 -24.62
C ASN C 285 5.05 6.72 -25.62
N LEU C 286 4.33 7.75 -25.18
CA LEU C 286 3.45 8.47 -26.08
C LEU C 286 4.24 9.18 -27.16
N SER C 287 3.80 9.03 -28.41
CA SER C 287 4.31 9.83 -29.48
C SER C 287 3.41 11.05 -29.69
N MET C 288 3.84 11.94 -30.59
CA MET C 288 3.07 13.15 -30.85
C MET C 288 1.64 12.84 -31.27
N GLU C 289 1.47 12.01 -32.29
CA GLU C 289 0.13 11.71 -32.78
C GLU C 289 -0.74 11.10 -31.69
N GLY C 290 -0.14 10.29 -30.81
CA GLY C 290 -0.91 9.74 -29.71
C GLY C 290 -1.13 10.74 -28.60
N HIS C 291 -0.32 11.79 -28.57
CA HIS C 291 -0.48 12.81 -27.54
C HIS C 291 -1.37 13.96 -28.01
N ALA C 292 -1.17 14.41 -29.26
CA ALA C 292 -2.00 15.49 -29.77
C ALA C 292 -3.42 15.03 -30.03
N ASN C 293 -3.62 13.73 -30.15
CA ASN C 293 -4.98 13.20 -30.30
C ASN C 293 -5.80 13.48 -29.05
N CYS C 294 -5.16 13.55 -27.88
CA CYS C 294 -5.88 13.89 -26.67
C CYS C 294 -6.52 15.27 -26.77
N VAL C 295 -5.80 16.24 -27.32
CA VAL C 295 -6.35 17.57 -27.50
C VAL C 295 -7.49 17.56 -28.50
N ASN C 296 -7.30 16.86 -29.63
CA ASN C 296 -8.30 16.86 -30.68
C ASN C 296 -9.61 16.25 -30.20
N TYR C 297 -9.53 15.25 -29.31
CA TYR C 297 -10.76 14.64 -28.80
C TYR C 297 -11.54 15.62 -27.93
N VAL C 298 -10.86 16.26 -26.98
CA VAL C 298 -11.53 17.17 -26.07
C VAL C 298 -12.12 18.35 -26.83
N LYS C 299 -11.41 18.82 -27.85
CA LYS C 299 -11.92 19.93 -28.65
C LYS C 299 -13.21 19.57 -29.37
N SER C 300 -13.34 18.30 -29.79
CA SER C 300 -14.44 17.92 -30.66
C SER C 300 -15.80 18.07 -29.98
N PHE C 301 -15.82 18.18 -28.65
CA PHE C 301 -17.09 18.21 -27.94
C PHE C 301 -17.83 19.52 -28.15
N GLY C 302 -17.09 20.62 -28.32
CA GLY C 302 -17.71 21.88 -28.69
C GLY C 302 -17.89 22.88 -27.57
N ILE C 303 -17.36 22.62 -26.37
CA ILE C 303 -17.53 23.53 -25.25
C ILE C 303 -16.24 24.32 -25.06
N PRO C 304 -16.31 25.56 -24.57
CA PRO C 304 -15.10 26.40 -24.48
C PRO C 304 -14.04 25.75 -23.61
N MET C 305 -12.80 25.83 -24.07
CA MET C 305 -11.68 25.20 -23.37
C MET C 305 -10.50 26.16 -23.32
N MET C 306 -9.56 25.88 -22.43
CA MET C 306 -8.31 26.61 -22.35
C MET C 306 -7.17 25.60 -22.29
N VAL C 307 -6.16 25.82 -23.12
CA VAL C 307 -5.00 24.93 -23.22
C VAL C 307 -3.82 25.63 -22.58
N VAL C 308 -3.24 24.99 -21.57
CA VAL C 308 -2.10 25.54 -20.85
C VAL C 308 -0.90 24.63 -21.07
N GLY C 309 0.29 25.21 -21.11
CA GLY C 309 1.46 24.44 -21.47
C GLY C 309 1.86 23.41 -20.42
N GLY C 310 1.96 23.84 -19.17
CA GLY C 310 2.38 22.88 -18.17
C GLY C 310 3.87 22.56 -18.26
N GLY C 311 4.18 21.32 -17.93
CA GLY C 311 5.56 20.87 -17.83
C GLY C 311 6.00 20.11 -19.07
N GLY C 312 7.20 20.44 -19.54
CA GLY C 312 7.86 19.72 -20.61
C GLY C 312 9.37 19.84 -20.47
N TYR C 313 10.08 18.72 -20.44
CA TYR C 313 11.46 18.73 -19.98
C TYR C 313 12.49 18.49 -21.07
N THR C 314 12.07 18.02 -22.24
CA THR C 314 12.95 17.95 -23.40
C THR C 314 12.49 18.96 -24.43
N MET C 315 13.29 20.01 -24.61
CA MET C 315 12.86 21.14 -25.43
C MET C 315 12.56 20.71 -26.86
N ARG C 316 13.31 19.75 -27.39
CA ARG C 316 13.10 19.34 -28.77
C ARG C 316 11.72 18.72 -28.96
N ASN C 317 11.30 17.87 -28.03
CA ASN C 317 10.06 17.12 -28.23
C ASN C 317 8.83 17.97 -27.92
N VAL C 318 8.86 18.74 -26.83
CA VAL C 318 7.67 19.47 -26.40
C VAL C 318 7.38 20.64 -27.33
N ALA C 319 8.43 21.24 -27.90
CA ALA C 319 8.20 22.35 -28.82
C ALA C 319 7.54 21.87 -30.10
N ARG C 320 7.82 20.63 -30.50
CA ARG C 320 7.19 20.09 -31.71
C ARG C 320 5.73 19.75 -31.48
N THR C 321 5.41 19.13 -30.34
CA THR C 321 4.04 18.70 -30.11
C THR C 321 3.13 19.87 -29.76
N TRP C 322 3.67 20.91 -29.11
CA TRP C 322 2.86 22.08 -28.82
C TRP C 322 2.52 22.84 -30.09
N CYS C 323 3.40 22.79 -31.10
CA CYS C 323 3.10 23.41 -32.37
C CYS C 323 2.06 22.60 -33.14
N PHE C 324 2.15 21.28 -33.06
CA PHE C 324 1.15 20.43 -33.72
C PHE C 324 -0.21 20.56 -33.07
N GLU C 325 -0.25 20.61 -31.74
CA GLU C 325 -1.52 20.79 -31.05
C GLU C 325 -2.14 22.13 -31.38
N THR C 326 -1.32 23.18 -31.51
CA THR C 326 -1.83 24.47 -31.93
C THR C 326 -2.38 24.38 -33.35
N GLY C 327 -1.86 23.47 -34.16
CA GLY C 327 -2.43 23.26 -35.47
C GLY C 327 -3.81 22.66 -35.42
N LEU C 328 -4.01 21.65 -34.58
CA LEU C 328 -5.31 20.98 -34.52
C LEU C 328 -6.41 21.93 -34.07
N LEU C 329 -6.12 22.77 -33.09
CA LEU C 329 -7.13 23.71 -32.60
C LEU C 329 -7.57 24.66 -33.71
N ASN C 330 -6.65 25.00 -34.61
CA ASN C 330 -6.98 25.86 -35.75
C ASN C 330 -7.49 25.08 -36.95
N ASN C 331 -7.91 23.83 -36.74
CA ASN C 331 -8.52 23.01 -37.80
C ASN C 331 -7.58 22.79 -38.98
N VAL C 332 -6.28 22.77 -38.73
CA VAL C 332 -5.29 22.53 -39.77
C VAL C 332 -4.30 21.47 -39.27
N VAL C 333 -4.14 20.40 -40.03
CA VAL C 333 -3.15 19.39 -39.74
C VAL C 333 -1.84 19.78 -40.43
N LEU C 334 -0.79 19.96 -39.64
CA LEU C 334 0.43 20.54 -40.17
C LEU C 334 1.23 19.53 -40.98
N ASP C 335 2.04 20.04 -41.90
CA ASP C 335 2.88 19.18 -42.73
C ASP C 335 4.07 18.70 -41.93
N LYS C 336 4.52 17.49 -42.22
CA LYS C 336 5.64 16.88 -41.51
C LYS C 336 6.99 17.34 -42.09
N ASP C 337 7.13 18.65 -42.20
CA ASP C 337 8.35 19.27 -42.70
C ASP C 337 8.55 20.59 -41.97
N LEU C 338 9.59 20.66 -41.16
CA LEU C 338 9.84 21.87 -40.40
C LEU C 338 10.15 23.04 -41.34
N PRO C 339 9.68 24.23 -41.03
CA PRO C 339 10.10 25.41 -41.78
C PRO C 339 11.28 26.06 -41.08
N TYR C 340 12.06 26.83 -41.86
CA TYR C 340 13.26 27.41 -41.30
C TYR C 340 12.91 28.33 -40.14
N ASN C 341 13.60 28.13 -39.02
CA ASN C 341 13.37 28.90 -37.81
C ASN C 341 14.69 29.08 -37.09
N GLU C 342 14.73 30.07 -36.20
CA GLU C 342 15.98 30.40 -35.52
C GLU C 342 16.55 29.19 -34.78
N TYR C 343 15.68 28.39 -34.17
CA TYR C 343 16.13 27.22 -33.39
C TYR C 343 15.97 25.96 -34.25
N TYR C 344 16.75 25.93 -35.32
CA TYR C 344 16.58 24.90 -36.33
C TYR C 344 17.48 23.71 -36.05
N GLU C 345 18.67 23.96 -35.48
CA GLU C 345 19.63 22.89 -35.26
C GLU C 345 19.17 21.94 -34.17
N TYR C 346 18.14 22.30 -33.41
CA TYR C 346 17.68 21.43 -32.33
C TYR C 346 17.05 20.15 -32.87
N TYR C 347 16.15 20.28 -33.84
CA TYR C 347 15.22 19.21 -34.19
C TYR C 347 15.89 18.21 -35.13
N GLY C 348 16.95 17.58 -34.62
CA GLY C 348 17.62 16.52 -35.34
C GLY C 348 16.87 15.22 -35.22
N PRO C 349 17.24 14.22 -36.04
CA PRO C 349 18.23 14.31 -37.12
C PRO C 349 17.59 14.41 -38.50
N ASP C 350 16.32 14.03 -38.60
CA ASP C 350 15.64 14.08 -39.89
C ASP C 350 15.02 15.46 -40.13
N TYR C 351 14.98 16.29 -39.10
CA TYR C 351 14.44 17.65 -39.17
C TYR C 351 13.00 17.64 -39.65
N LYS C 352 12.22 16.70 -39.14
CA LYS C 352 10.79 16.64 -39.41
C LYS C 352 10.04 16.83 -38.10
N LEU C 353 8.77 17.20 -38.22
CA LEU C 353 7.92 17.41 -37.05
C LEU C 353 7.31 16.08 -36.63
N SER C 354 8.10 15.33 -35.87
CA SER C 354 7.66 14.05 -35.33
C SER C 354 8.41 13.77 -34.04
N VAL C 355 7.72 13.18 -33.08
CA VAL C 355 8.33 12.65 -31.88
C VAL C 355 8.23 11.13 -31.95
N ARG C 356 9.36 10.48 -32.08
CA ARG C 356 9.36 9.07 -32.45
C ARG C 356 9.19 8.20 -31.23
N PRO C 357 8.19 7.33 -31.20
CA PRO C 357 8.00 6.46 -30.03
C PRO C 357 9.18 5.52 -29.85
N SER C 358 9.47 5.22 -28.59
CA SER C 358 10.63 4.40 -28.27
C SER C 358 10.30 2.92 -28.38
N ASN C 359 11.27 2.10 -27.96
CA ASN C 359 11.10 0.64 -28.04
C ASN C 359 10.67 0.02 -26.72
N MET C 360 10.49 0.84 -25.68
CA MET C 360 10.34 0.29 -24.33
C MET C 360 9.07 -0.55 -24.21
N PHE C 361 9.08 -1.46 -23.25
CA PHE C 361 8.04 -2.47 -23.15
C PHE C 361 6.79 -1.90 -22.48
N ASN C 362 5.67 -1.99 -23.18
CA ASN C 362 4.39 -1.54 -22.64
C ASN C 362 3.93 -2.54 -21.59
N VAL C 363 3.69 -2.04 -20.38
CA VAL C 363 3.37 -2.91 -19.27
C VAL C 363 1.95 -2.81 -18.83
N ASN C 364 1.24 -1.75 -19.16
CA ASN C 364 -0.13 -1.73 -18.72
C ASN C 364 -0.76 -2.89 -19.42
N THR C 365 -1.58 -3.65 -18.73
CA THR C 365 -2.13 -4.86 -19.33
C THR C 365 -3.61 -4.72 -19.45
N PRO C 366 -4.18 -5.35 -20.47
CA PRO C 366 -5.62 -5.07 -20.59
C PRO C 366 -6.45 -5.55 -19.42
N GLU C 367 -5.99 -6.57 -18.69
CA GLU C 367 -6.72 -7.01 -17.51
C GLU C 367 -6.65 -5.96 -16.41
N TYR C 368 -5.51 -5.28 -16.29
CA TYR C 368 -5.39 -4.23 -15.28
C TYR C 368 -6.21 -3.00 -15.66
N LEU C 369 -6.09 -2.55 -16.92
CA LEU C 369 -6.77 -1.33 -17.34
C LEU C 369 -8.28 -1.47 -17.25
N ASP C 370 -8.79 -2.69 -17.36
CA ASP C 370 -10.23 -2.89 -17.22
C ASP C 370 -10.66 -2.68 -15.78
N LYS C 371 -9.82 -3.05 -14.83
CA LYS C 371 -10.18 -2.89 -13.42
C LYS C 371 -10.12 -1.42 -12.99
N VAL C 372 -9.16 -0.67 -13.54
CA VAL C 372 -9.09 0.75 -13.23
C VAL C 372 -10.26 1.49 -13.85
N MET C 373 -10.57 1.21 -15.12
CA MET C 373 -11.66 1.92 -15.79
C MET C 373 -13.02 1.48 -15.27
N THR C 374 -13.10 0.29 -14.66
CA THR C 374 -14.37 -0.13 -14.09
C THR C 374 -14.69 0.64 -12.82
N ASN C 375 -13.69 0.81 -11.95
CA ASN C 375 -13.93 1.52 -10.69
C ASN C 375 -14.28 2.98 -10.94
N ILE C 376 -13.61 3.61 -11.91
CA ILE C 376 -13.90 5.00 -12.23
C ILE C 376 -15.34 5.15 -12.71
N PHE C 377 -15.79 4.27 -13.60
CA PHE C 377 -17.15 4.34 -14.09
C PHE C 377 -18.15 4.04 -12.98
N ALA C 378 -17.77 3.20 -12.02
CA ALA C 378 -18.63 2.99 -10.86
C ALA C 378 -18.81 4.27 -10.07
N ASN C 379 -17.74 5.05 -9.92
CA ASN C 379 -17.83 6.31 -9.19
C ASN C 379 -18.57 7.38 -10.00
N LEU C 380 -18.28 7.46 -11.30
CA LEU C 380 -18.77 8.59 -12.09
C LEU C 380 -20.28 8.55 -12.28
N GLU C 381 -20.91 7.42 -11.99
CA GLU C 381 -22.36 7.36 -12.10
C GLU C 381 -23.04 8.13 -10.97
N ASN C 382 -22.26 8.55 -9.97
CA ASN C 382 -22.80 9.39 -8.91
C ASN C 382 -22.76 10.87 -9.29
N THR C 383 -21.82 11.25 -10.15
CA THR C 383 -21.65 12.64 -10.56
C THR C 383 -22.59 12.96 -11.72
N LYS C 384 -23.88 12.98 -11.42
CA LYS C 384 -24.83 13.53 -12.36
C LYS C 384 -24.83 15.05 -12.27
N TYR C 385 -25.07 15.71 -13.41
CA TYR C 385 -25.03 17.16 -13.44
C TYR C 385 -26.12 17.74 -12.56
N ALA C 386 -25.78 18.82 -11.87
CA ALA C 386 -26.68 19.49 -10.92
C ALA C 386 -27.20 18.51 -9.86
N ALA C 398 -4.96 47.67 -6.18
CA ALA C 398 -5.00 47.76 -7.63
C ALA C 398 -5.67 46.54 -8.28
N GLU C 399 -6.82 46.11 -7.76
CA GLU C 399 -7.47 44.91 -8.27
C GLU C 399 -8.03 45.01 -9.69
N ASP C 400 -7.97 43.91 -10.45
CA ASP C 400 -8.57 43.86 -11.78
C ASP C 400 -9.44 42.61 -11.81
N LEU C 401 -10.64 42.70 -12.31
CA LEU C 401 -11.49 41.53 -12.25
C LEU C 401 -11.77 41.16 -13.65
N GLY C 402 -11.91 39.87 -13.95
CA GLY C 402 -12.25 39.59 -15.32
C GLY C 402 -11.18 40.31 -16.09
N ASP C 403 -9.92 40.09 -15.70
CA ASP C 403 -8.92 40.91 -16.29
C ASP C 403 -9.14 40.68 -17.71
N VAL C 404 -9.19 41.76 -18.47
CA VAL C 404 -9.53 41.60 -19.86
C VAL C 404 -8.48 42.23 -20.69
N GLU C 405 -7.84 43.26 -20.18
CA GLU C 405 -6.87 43.96 -21.01
C GLU C 405 -5.85 42.98 -21.59
N GLU C 406 -5.63 43.06 -22.90
CA GLU C 406 -4.92 42.03 -23.65
C GLU C 406 -3.71 42.52 -24.43
N ASP C 407 -3.72 43.75 -24.90
CA ASP C 407 -2.53 44.31 -25.58
C ASP C 407 -2.32 44.05 -27.08
N SER C 408 -3.06 43.15 -27.71
CA SER C 408 -2.92 43.05 -29.17
C SER C 408 -1.48 42.89 -29.66
N ALA C 409 -0.74 41.93 -29.17
CA ALA C 409 0.71 41.81 -29.44
C ALA C 409 1.24 41.61 -30.85
N GLU C 410 0.48 41.08 -31.79
CA GLU C 410 1.09 40.70 -33.07
C GLU C 410 1.79 41.76 -33.89
N ALA C 411 1.27 42.96 -33.99
CA ALA C 411 2.05 43.97 -34.70
C ALA C 411 3.50 43.94 -34.28
N LYS C 412 3.76 43.73 -33.00
CA LYS C 412 5.13 43.74 -32.51
C LYS C 412 5.83 42.41 -32.78
N ASP C 413 5.06 41.35 -32.99
CA ASP C 413 5.63 40.01 -32.92
C ASP C 413 5.86 39.42 -34.32
N THR C 414 5.25 40.00 -35.35
CA THR C 414 5.31 39.39 -36.68
C THR C 414 6.74 39.28 -37.18
N LYS C 415 7.58 40.28 -36.88
CA LYS C 415 8.96 40.22 -37.36
C LYS C 415 9.75 39.16 -36.60
N GLY C 416 9.35 38.87 -35.37
CA GLY C 416 9.86 37.69 -34.71
C GLY C 416 9.23 36.44 -35.29
N GLY C 417 9.96 35.33 -35.20
CA GLY C 417 9.42 34.05 -35.62
C GLY C 417 9.41 33.81 -37.11
N SER C 418 8.99 34.77 -37.91
CA SER C 418 8.86 34.58 -39.35
C SER C 418 10.18 34.94 -40.02
N GLN C 419 10.82 33.95 -40.64
CA GLN C 419 12.18 34.07 -41.12
C GLN C 419 12.26 33.85 -42.63
N TYR C 420 12.77 34.86 -43.34
CA TYR C 420 13.32 34.69 -44.69
C TYR C 420 14.81 35.02 -44.60
N ALA C 421 15.61 34.02 -44.23
CA ALA C 421 17.02 34.27 -44.00
C ALA C 421 17.84 34.06 -45.28
N ARG C 422 17.47 33.08 -46.10
CA ARG C 422 18.16 32.83 -47.34
C ARG C 422 17.25 32.15 -48.35
N LEU D 85 31.80 53.27 -15.39
CA LEU D 85 31.98 53.45 -13.96
C LEU D 85 32.31 54.88 -13.67
N GLU D 86 33.45 55.10 -13.04
CA GLU D 86 33.88 56.45 -12.76
C GLU D 86 33.77 57.24 -14.03
N LYS D 87 33.37 58.50 -13.92
CA LYS D 87 33.24 59.34 -15.09
C LYS D 87 32.93 60.76 -14.70
N ASP D 88 33.55 61.75 -15.36
CA ASP D 88 33.14 63.10 -15.06
C ASP D 88 31.75 63.02 -15.64
N SER D 89 30.71 63.11 -14.81
CA SER D 89 29.37 62.90 -15.34
C SER D 89 29.14 63.74 -16.61
N LYS D 90 29.76 64.90 -16.69
CA LYS D 90 29.68 65.69 -17.92
C LYS D 90 30.49 65.04 -19.04
N GLY D 91 31.65 64.48 -18.71
CA GLY D 91 32.48 63.85 -19.71
C GLY D 91 32.03 62.44 -20.03
N ASN D 92 32.80 61.77 -20.88
CA ASN D 92 32.52 60.39 -21.24
C ASN D 92 32.82 59.46 -20.07
N ILE D 93 32.23 58.26 -20.10
CA ILE D 93 32.49 57.30 -19.04
C ILE D 93 33.78 56.55 -19.33
N ILE D 94 34.60 56.38 -18.31
CA ILE D 94 35.70 55.43 -18.40
C ILE D 94 35.14 54.02 -18.43
N LYS D 95 35.62 53.22 -19.37
CA LYS D 95 35.10 51.86 -19.52
C LYS D 95 35.18 51.12 -18.20
N LEU D 96 34.09 50.42 -17.85
CA LEU D 96 33.97 49.84 -16.52
C LEU D 96 35.17 48.99 -16.16
N ASN D 97 35.39 47.92 -16.91
CA ASN D 97 36.43 46.95 -16.60
C ASN D 97 36.50 46.00 -17.77
N GLU D 98 37.72 45.63 -18.15
CA GLU D 98 37.88 44.65 -19.21
C GLU D 98 37.24 43.34 -18.74
N PRO D 99 36.26 42.81 -19.47
CA PRO D 99 35.53 41.64 -18.98
C PRO D 99 36.45 40.43 -18.87
N SER D 100 36.69 39.99 -17.65
CA SER D 100 37.40 38.75 -17.38
C SER D 100 36.43 37.61 -17.62
N THR D 101 36.27 37.24 -18.89
CA THR D 101 35.27 36.25 -19.30
C THR D 101 35.92 34.88 -19.31
N ILE D 102 36.20 34.36 -18.12
CA ILE D 102 36.57 32.96 -17.99
C ILE D 102 35.45 32.29 -17.21
N SER D 103 34.42 31.92 -17.93
CA SER D 103 33.24 31.41 -17.24
C SER D 103 33.22 29.95 -16.91
N GLU D 104 34.01 29.12 -17.57
CA GLU D 104 33.91 27.74 -17.18
C GLU D 104 32.45 27.39 -17.30
N ASP D 105 31.81 27.75 -18.40
CA ASP D 105 30.39 27.50 -18.64
C ASP D 105 30.26 26.03 -18.89
N SER D 106 29.05 25.49 -18.99
CA SER D 106 28.96 24.04 -19.07
C SER D 106 29.77 23.68 -20.29
N LYS D 107 29.65 24.41 -21.38
CA LYS D 107 30.57 24.20 -22.49
C LYS D 107 31.82 24.83 -21.89
N VAL D 108 33.04 24.54 -22.33
CA VAL D 108 34.24 24.99 -21.59
C VAL D 108 34.47 26.48 -21.36
N SER D 109 34.23 27.36 -22.29
CA SER D 109 34.31 28.79 -22.02
C SER D 109 33.32 29.34 -23.01
N VAL D 110 32.46 30.26 -22.60
CA VAL D 110 31.38 30.65 -23.52
C VAL D 110 31.96 31.16 -24.82
N THR D 111 33.04 31.90 -24.76
CA THR D 111 33.59 32.48 -25.98
C THR D 111 34.51 31.50 -26.69
N GLY D 112 34.92 30.44 -26.01
CA GLY D 112 35.89 29.53 -26.61
C GLY D 112 35.22 28.52 -27.53
N LEU D 113 35.94 28.17 -28.58
CA LEU D 113 35.49 27.12 -29.50
C LEU D 113 35.48 25.78 -28.79
N PRO D 114 34.90 24.74 -29.40
CA PRO D 114 35.06 23.39 -28.84
C PRO D 114 36.52 22.96 -28.87
N LEU D 115 36.92 22.21 -27.85
CA LEU D 115 38.32 21.85 -27.66
C LEU D 115 38.55 20.43 -28.17
N ASN D 116 39.30 20.36 -29.27
CA ASN D 116 39.90 19.18 -29.91
C ASN D 116 38.87 18.30 -30.61
N LYS D 117 37.59 18.51 -30.30
CA LYS D 117 36.45 17.83 -30.95
C LYS D 117 36.75 16.38 -31.30
N GLY D 118 37.43 15.65 -30.40
CA GLY D 118 37.84 14.29 -30.67
C GLY D 118 36.70 13.32 -30.86
N PRO D 119 35.95 12.98 -29.82
CA PRO D 119 34.62 12.41 -30.04
C PRO D 119 33.70 13.47 -30.63
N SER D 120 32.47 13.06 -30.90
CA SER D 120 31.38 13.91 -31.36
C SER D 120 31.56 14.35 -32.81
N GLU D 121 32.65 13.99 -33.47
CA GLU D 121 32.88 14.38 -34.86
C GLU D 121 33.20 13.12 -35.66
N LYS D 122 32.43 12.89 -36.72
CA LYS D 122 32.52 11.63 -37.45
C LYS D 122 33.86 11.48 -38.15
N ILE D 123 34.36 12.56 -38.77
CA ILE D 123 35.61 12.45 -39.52
C ILE D 123 36.80 12.59 -38.60
N LYS D 124 36.95 13.75 -37.95
CA LYS D 124 38.06 14.00 -37.04
C LYS D 124 37.77 15.20 -36.15
N GLU D 258 35.89 23.35 15.88
CA GLU D 258 35.93 22.62 17.14
C GLU D 258 34.54 22.13 17.53
N ASN D 259 33.55 22.97 17.28
CA ASN D 259 32.17 22.64 17.65
C ASN D 259 31.65 21.50 16.79
N GLU D 260 30.89 20.61 17.42
CA GLU D 260 30.42 19.41 16.74
C GLU D 260 29.42 19.74 15.64
N ASP D 261 29.28 18.82 14.71
CA ASP D 261 28.35 18.96 13.60
C ASP D 261 27.04 18.24 13.82
N PHE D 262 26.75 17.82 15.05
CA PHE D 262 25.47 17.21 15.39
C PHE D 262 24.90 17.92 16.61
N CYS D 263 23.63 18.32 16.54
CA CYS D 263 22.98 18.99 17.65
C CYS D 263 23.01 18.11 18.89
N SER D 264 23.41 18.69 20.03
CA SER D 264 23.53 17.91 21.25
C SER D 264 22.17 17.38 21.70
N ALA D 265 21.09 18.04 21.30
CA ALA D 265 19.77 17.58 21.70
C ALA D 265 19.22 16.55 20.73
N CYS D 266 19.09 16.92 19.45
CA CYS D 266 18.51 16.02 18.46
C CYS D 266 19.44 14.84 18.16
N ASN D 267 20.74 15.10 18.09
CA ASN D 267 21.76 14.23 17.50
C ASN D 267 21.63 14.16 15.99
N GLN D 268 21.14 15.22 15.34
CA GLN D 268 20.99 15.28 13.90
C GLN D 268 21.58 16.59 13.38
N SER D 269 21.49 16.77 12.06
CA SER D 269 22.10 17.93 11.41
C SER D 269 21.11 19.06 11.26
N GLY D 270 21.63 20.25 10.94
CA GLY D 270 20.80 21.42 10.71
C GLY D 270 21.61 22.68 10.95
N SER D 271 20.91 23.82 10.90
CA SER D 271 21.54 25.06 11.32
C SER D 271 21.70 25.07 12.83
N PHE D 272 22.90 25.40 13.28
CA PHE D 272 23.25 25.26 14.68
C PHE D 272 23.53 26.62 15.28
N LEU D 273 23.35 26.71 16.59
CA LEU D 273 23.83 27.82 17.39
C LEU D 273 24.79 27.25 18.41
N CYS D 274 26.05 27.68 18.34
CA CYS D 274 27.15 26.97 18.99
C CYS D 274 27.48 27.61 20.33
N CYS D 275 27.62 26.77 21.36
CA CYS D 275 28.11 27.24 22.63
C CYS D 275 29.53 27.74 22.49
N ASP D 276 29.88 28.78 23.25
CA ASP D 276 31.20 29.38 23.12
C ASP D 276 32.22 28.65 23.99
N THR D 277 31.85 28.31 25.22
CA THR D 277 32.81 27.72 26.15
C THR D 277 33.17 26.29 25.76
N CYS D 278 32.18 25.46 25.51
CA CYS D 278 32.38 24.03 25.30
C CYS D 278 31.96 23.65 23.88
N PRO D 279 32.50 22.57 23.33
CA PRO D 279 32.13 22.17 21.96
C PRO D 279 30.80 21.42 21.89
N LYS D 280 29.72 22.16 22.12
CA LYS D 280 28.37 21.63 22.03
C LYS D 280 27.52 22.58 21.21
N SER D 281 26.90 22.07 20.15
CA SER D 281 26.09 22.87 19.24
C SER D 281 24.62 22.50 19.43
N PHE D 282 23.74 23.47 19.23
CA PHE D 282 22.31 23.29 19.41
C PHE D 282 21.57 23.79 18.17
N HIS D 283 20.44 23.16 17.88
CA HIS D 283 19.51 23.72 16.90
C HIS D 283 18.98 25.05 17.40
N PHE D 284 18.32 25.80 16.52
CA PHE D 284 17.68 27.02 16.95
C PHE D 284 16.39 26.74 17.71
N LEU D 285 15.76 25.59 17.43
CA LEU D 285 14.51 25.27 18.10
C LEU D 285 14.75 24.56 19.42
N CYS D 286 15.80 23.74 19.51
CA CYS D 286 15.96 22.84 20.65
C CYS D 286 16.24 23.60 21.95
N LEU D 287 17.14 24.57 21.92
CA LEU D 287 17.54 25.23 23.15
C LEU D 287 16.35 25.90 23.81
N ASP D 288 16.30 25.86 25.13
CA ASP D 288 15.17 26.32 25.91
C ASP D 288 15.51 27.65 26.57
N PRO D 289 14.77 28.74 26.25
CA PRO D 289 13.67 28.79 25.29
C PRO D 289 14.18 28.91 23.86
N PRO D 290 13.35 28.57 22.87
CA PRO D 290 13.79 28.65 21.48
C PRO D 290 14.20 30.06 21.10
N ILE D 291 15.17 30.15 20.21
CA ILE D 291 15.76 31.43 19.80
C ILE D 291 15.50 31.65 18.32
N ASP D 292 15.01 32.83 17.98
CA ASP D 292 14.70 33.13 16.58
C ASP D 292 15.98 33.18 15.75
N PRO D 293 16.00 32.56 14.57
CA PRO D 293 17.14 32.76 13.67
C PRO D 293 17.31 34.19 13.23
N ASN D 294 16.23 34.97 13.19
CA ASN D 294 16.33 36.37 12.80
C ASN D 294 16.91 37.22 13.92
N ASN D 295 16.46 37.00 15.15
CA ASN D 295 16.88 37.79 16.30
C ASN D 295 17.57 36.89 17.31
N LEU D 296 18.83 37.21 17.63
CA LEU D 296 19.63 36.40 18.54
C LEU D 296 20.10 37.27 19.69
N PRO D 297 20.40 36.67 20.83
CA PRO D 297 21.05 37.43 21.91
C PRO D 297 22.39 37.98 21.45
N LYS D 298 22.67 39.22 21.86
CA LYS D 298 23.87 39.90 21.39
C LYS D 298 25.10 39.41 22.14
N GLY D 299 26.22 39.36 21.45
CA GLY D 299 27.47 38.94 22.05
C GLY D 299 27.57 37.44 22.19
N ASP D 300 28.38 37.04 23.17
CA ASP D 300 28.64 35.62 23.41
C ASP D 300 27.40 34.92 23.95
N TRP D 301 27.31 33.62 23.69
CA TRP D 301 26.23 32.78 24.18
C TRP D 301 26.81 31.54 24.84
N HIS D 302 26.10 31.01 25.82
CA HIS D 302 26.51 29.81 26.54
C HIS D 302 25.34 28.85 26.64
N CYS D 303 25.66 27.55 26.62
CA CYS D 303 24.63 26.56 26.90
C CYS D 303 24.25 26.62 28.36
N ASN D 304 23.01 26.20 28.66
CA ASN D 304 22.51 26.29 30.02
C ASN D 304 23.39 25.53 30.99
N GLU D 305 24.12 24.51 30.50
CA GLU D 305 25.09 23.82 31.35
C GLU D 305 26.27 24.74 31.67
N CYS D 306 26.86 25.37 30.66
CA CYS D 306 27.98 26.26 30.91
C CYS D 306 27.56 27.46 31.75
N LYS D 307 26.36 27.99 31.50
CA LYS D 307 25.86 29.07 32.34
C LYS D 307 25.76 28.65 33.79
N PHE D 308 25.39 27.38 34.00
CA PHE D 308 25.32 26.88 35.36
C PHE D 308 26.69 26.90 35.98
N LYS D 309 27.67 26.33 35.30
CA LYS D 309 28.99 26.24 35.90
C LYS D 309 29.53 27.63 36.16
N ILE D 310 29.32 28.53 35.22
CA ILE D 310 29.73 29.90 35.44
C ILE D 310 28.94 30.45 36.59
N PHE D 311 27.65 30.13 36.63
CA PHE D 311 26.81 30.66 37.68
C PHE D 311 27.34 30.22 39.01
N ILE D 312 27.52 28.92 39.16
CA ILE D 312 28.02 28.41 40.40
C ILE D 312 29.40 28.98 40.65
N ASN D 313 30.29 28.83 39.69
CA ASN D 313 31.66 29.27 39.90
C ASN D 313 31.73 30.76 40.07
N ASN D 314 32.65 31.23 40.90
CA ASN D 314 32.84 32.67 41.09
C ASN D 314 31.78 33.29 42.00
N SER D 315 30.99 32.46 42.68
CA SER D 315 29.98 32.99 43.60
C SER D 315 29.46 31.93 44.54
N MET D 316 29.61 32.09 45.86
CA MET D 316 29.01 31.06 46.70
C MET D 316 29.41 29.77 46.06
N ALA D 317 30.70 29.57 45.80
CA ALA D 317 31.10 28.46 44.96
C ALA D 317 30.73 27.05 45.38
N THR D 318 30.77 26.68 46.66
CA THR D 318 30.42 25.29 46.91
C THR D 318 28.97 25.19 46.46
N LEU D 319 28.68 24.15 45.67
CA LEU D 319 27.31 23.91 45.22
C LEU D 319 26.44 23.60 46.39
N LYS D 320 26.97 22.81 47.30
CA LYS D 320 26.19 22.39 48.44
C LYS D 320 25.49 23.57 49.02
N LYS D 321 26.24 24.58 49.41
CA LYS D 321 25.59 25.70 50.09
C LYS D 321 24.54 26.34 49.20
N ILE D 322 24.82 26.45 47.90
CA ILE D 322 23.81 26.94 46.97
C ILE D 322 22.61 26.01 46.96
N GLU D 323 22.85 24.70 46.89
CA GLU D 323 21.74 23.75 46.90
C GLU D 323 21.09 23.67 48.28
N SER D 324 21.90 23.76 49.34
CA SER D 324 21.34 23.71 50.69
C SER D 324 20.37 24.86 50.93
N ASN D 325 20.61 25.99 50.28
CA ASN D 325 19.65 27.09 50.36
C ASN D 325 18.37 26.77 49.60
N PHE D 326 18.49 26.09 48.46
CA PHE D 326 17.32 25.80 47.65
C PHE D 326 16.35 24.86 48.39
N ILE D 327 16.88 23.79 48.97
CA ILE D 327 16.03 22.85 49.69
C ILE D 327 15.37 23.53 50.88
N LYS D 328 16.13 24.33 51.63
CA LYS D 328 15.56 25.06 52.75
C LYS D 328 14.58 26.13 52.26
N GLN D 329 14.79 26.64 51.05
CA GLN D 329 13.92 27.69 50.53
C GLN D 329 12.49 27.19 50.35
N ASN D 330 12.32 26.00 49.81
CA ASN D 330 11.01 25.46 49.46
C ASN D 330 10.79 24.12 50.16
N ASN D 331 10.28 24.16 51.39
CA ASN D 331 10.18 22.95 52.20
C ASN D 331 8.92 22.15 51.85
N ASN D 332 7.96 22.77 51.19
CA ASN D 332 6.73 22.06 50.83
C ASN D 332 7.01 21.01 49.76
N VAL D 333 7.77 21.41 48.74
CA VAL D 333 8.10 20.56 47.59
C VAL D 333 9.26 19.64 47.94
N LYS D 334 9.66 19.65 49.21
CA LYS D 334 10.92 19.03 49.65
C LYS D 334 11.18 17.68 49.00
N ILE D 335 10.14 16.87 48.81
CA ILE D 335 10.33 15.55 48.24
C ILE D 335 10.92 15.65 46.84
N PHE D 336 10.59 16.72 46.11
CA PHE D 336 11.13 16.96 44.78
C PHE D 336 12.27 17.97 44.76
N ALA D 337 12.79 18.35 45.92
CA ALA D 337 13.71 19.49 45.99
C ALA D 337 14.95 19.27 45.13
N LYS D 338 15.61 18.12 45.28
CA LYS D 338 16.83 17.87 44.52
C LYS D 338 16.56 17.82 43.03
N LEU D 339 15.46 17.20 42.62
CA LEU D 339 15.16 17.08 41.21
C LEU D 339 14.92 18.45 40.57
N LEU D 340 14.23 19.34 41.28
CA LEU D 340 14.06 20.71 40.77
C LEU D 340 15.39 21.42 40.63
N PHE D 341 16.25 21.32 41.64
CA PHE D 341 17.54 22.01 41.58
C PHE D 341 18.39 21.49 40.44
N ASN D 342 18.37 20.17 40.23
CA ASN D 342 19.24 19.58 39.21
C ASN D 342 18.84 19.98 37.81
N ILE D 343 17.55 20.22 37.58
CA ILE D 343 17.06 20.46 36.22
C ILE D 343 17.58 21.78 35.69
N ASP D 344 18.14 22.63 36.56
CA ASP D 344 18.65 23.92 36.11
C ASP D 344 20.03 23.78 35.51
N SER D 345 20.61 22.58 35.55
CA SER D 345 22.01 22.43 35.14
C SER D 345 22.14 21.73 33.80
N HIS D 346 21.16 20.91 33.43
CA HIS D 346 21.27 20.13 32.21
C HIS D 346 20.86 20.94 30.98
N ASN D 347 21.44 20.59 29.84
CA ASN D 347 21.10 21.20 28.58
C ASN D 347 19.75 20.68 28.08
N PRO D 348 19.11 21.41 27.18
CA PRO D 348 17.87 20.91 26.58
C PRO D 348 18.11 19.61 25.83
N LYS D 349 17.08 18.77 25.79
CA LYS D 349 17.18 17.42 25.26
C LYS D 349 15.94 17.11 24.44
N GLN D 350 16.06 16.12 23.57
CA GLN D 350 14.90 15.58 22.86
C GLN D 350 14.41 14.34 23.58
N PHE D 351 13.11 14.25 23.77
CA PHE D 351 12.55 13.16 24.57
C PHE D 351 12.71 11.84 23.83
N GLN D 352 13.31 10.86 24.51
CA GLN D 352 13.40 9.49 24.02
C GLN D 352 12.87 8.56 25.09
N LEU D 353 12.01 7.63 24.69
CA LEU D 353 11.42 6.71 25.64
C LEU D 353 12.53 5.87 26.28
N PRO D 354 12.49 5.69 27.60
CA PRO D 354 13.52 4.85 28.24
C PRO D 354 13.45 3.42 27.74
N ASN D 355 14.60 2.75 27.78
CA ASN D 355 14.72 1.45 27.12
C ASN D 355 13.80 0.41 27.74
N TYR D 356 13.43 0.55 29.01
CA TYR D 356 12.61 -0.48 29.63
C TYR D 356 11.17 -0.42 29.11
N ILE D 357 10.80 0.66 28.43
CA ILE D 357 9.49 0.72 27.78
C ILE D 357 9.57 0.11 26.39
N LYS D 358 10.54 0.55 25.58
CA LYS D 358 10.65 0.04 24.21
C LYS D 358 10.98 -1.45 24.21
N GLU D 359 11.63 -1.95 25.26
CA GLU D 359 11.99 -3.36 25.29
C GLU D 359 10.78 -4.23 25.62
N THR D 360 9.71 -3.63 26.14
CA THR D 360 8.51 -4.40 26.42
C THR D 360 7.89 -4.95 25.15
N PHE D 361 7.84 -4.15 24.09
CA PHE D 361 7.25 -4.57 22.83
C PHE D 361 8.35 -5.01 21.88
N PRO D 362 8.43 -6.29 21.53
CA PRO D 362 9.52 -6.74 20.64
C PRO D 362 9.48 -6.09 19.27
N ALA D 363 8.28 -5.82 18.74
CA ALA D 363 8.18 -5.32 17.37
C ALA D 363 8.84 -3.96 17.21
N VAL D 364 8.65 -3.06 18.17
CA VAL D 364 9.12 -1.69 18.01
C VAL D 364 10.65 -1.65 18.11
N LYS D 365 11.25 -0.74 17.34
CA LYS D 365 12.68 -0.51 17.37
C LYS D 365 12.97 0.90 16.89
N THR D 366 14.00 1.51 17.48
CA THR D 366 14.34 2.89 17.14
C THR D 366 15.03 2.95 15.78
N GLY D 367 14.56 3.86 14.93
CA GLY D 367 15.15 4.04 13.63
C GLY D 367 16.45 4.83 13.67
N SER D 368 16.94 5.16 12.48
CA SER D 368 18.20 5.89 12.38
C SER D 368 18.08 7.30 12.93
N ARG D 369 16.90 7.91 12.79
CA ARG D 369 16.67 9.29 13.20
C ARG D 369 15.95 9.40 14.54
N GLY D 370 15.82 8.31 15.29
CA GLY D 370 14.97 8.30 16.45
C GLY D 370 13.51 8.04 16.14
N GLN D 371 13.19 7.58 14.94
CA GLN D 371 11.82 7.37 14.54
C GLN D 371 11.23 6.15 15.23
N TYR D 372 9.90 6.09 15.28
CA TYR D 372 9.23 4.84 15.61
C TYR D 372 9.19 3.96 14.38
N SER D 373 9.90 2.85 14.42
CA SER D 373 9.92 1.90 13.33
C SER D 373 9.39 0.56 13.80
N ASP D 374 8.44 0.02 13.05
CA ASP D 374 7.65 -1.12 13.46
C ASP D 374 8.05 -2.33 12.63
N GLU D 375 7.34 -3.43 12.84
CA GLU D 375 7.51 -4.61 11.98
C GLU D 375 6.98 -4.34 10.59
N ASN D 376 6.13 -3.32 10.44
CA ASN D 376 5.52 -3.03 9.14
C ASN D 376 6.51 -2.35 8.20
N ASP D 377 7.38 -1.50 8.74
CA ASP D 377 8.31 -0.77 7.89
C ASP D 377 9.31 -1.72 7.24
N LYS D 378 9.34 -1.71 5.91
CA LYS D 378 10.26 -2.54 5.16
C LYS D 378 11.70 -2.10 5.42
N ILE D 379 12.58 -3.08 5.54
CA ILE D 379 13.99 -2.76 5.79
C ILE D 379 14.53 -1.98 4.61
N PRO D 380 15.30 -0.90 4.82
CA PRO D 380 15.67 -0.02 3.70
C PRO D 380 16.51 -0.73 2.66
N LEU D 381 16.30 -0.36 1.41
CA LEU D 381 17.13 -0.84 0.32
C LEU D 381 18.53 -0.24 0.42
N THR D 382 19.53 -1.06 0.15
CA THR D 382 20.91 -0.56 0.06
C THR D 382 21.00 0.49 -1.03
N ASP D 383 21.67 1.61 -0.72
CA ASP D 383 21.74 2.72 -1.67
C ASP D 383 22.37 2.28 -2.99
N ARG D 384 23.21 1.25 -2.94
CA ARG D 384 23.79 0.71 -4.17
C ARG D 384 22.72 0.05 -5.03
N GLN D 385 21.78 -0.66 -4.41
CA GLN D 385 20.76 -1.39 -5.18
C GLN D 385 19.86 -0.43 -5.95
N LEU D 386 19.61 0.76 -5.40
CA LEU D 386 18.73 1.70 -6.09
C LEU D 386 19.41 2.32 -7.30
N PHE D 387 20.66 2.76 -7.16
CA PHE D 387 21.31 3.59 -8.17
C PHE D 387 22.40 2.86 -8.95
N ASN D 388 22.81 1.67 -8.53
CA ASN D 388 23.88 0.93 -9.21
C ASN D 388 23.31 -0.39 -9.75
N THR D 389 22.72 -0.30 -10.93
CA THR D 389 22.23 -1.46 -11.66
C THR D 389 22.56 -1.29 -13.14
N SER D 390 22.77 -2.41 -13.83
CA SER D 390 22.88 -2.34 -15.27
C SER D 390 21.55 -1.89 -15.87
N TYR D 391 21.62 -1.37 -17.09
CA TYR D 391 20.43 -0.77 -17.70
C TYR D 391 19.32 -1.80 -17.89
N GLY D 392 19.68 -3.01 -18.35
CA GLY D 392 18.66 -3.98 -18.72
C GLY D 392 17.79 -4.40 -17.55
N GLN D 393 18.41 -4.60 -16.40
CA GLN D 393 17.67 -5.02 -15.22
C GLN D 393 17.63 -3.93 -14.18
N SER D 394 16.45 -3.45 -13.82
CA SER D 394 16.39 -2.50 -12.75
C SER D 394 15.78 -3.19 -11.59
N ILE D 395 16.50 -3.22 -10.49
CA ILE D 395 16.01 -3.91 -9.30
C ILE D 395 14.78 -3.25 -8.75
N THR D 396 14.78 -1.94 -8.75
CA THR D 396 13.66 -1.28 -8.14
C THR D 396 12.35 -1.56 -8.84
N LYS D 397 12.33 -1.58 -10.16
CA LYS D 397 11.10 -1.91 -10.83
C LYS D 397 11.35 -3.08 -11.75
N LEU D 398 10.53 -4.10 -11.66
CA LEU D 398 10.75 -5.26 -12.49
C LEU D 398 9.93 -5.06 -13.74
N ASP D 399 10.06 -3.89 -14.36
CA ASP D 399 9.30 -3.57 -15.55
C ASP D 399 10.13 -3.76 -16.83
N SER D 400 10.90 -4.84 -16.92
CA SER D 400 11.70 -5.15 -18.10
C SER D 400 11.65 -6.64 -18.45
N TYR D 401 10.55 -7.32 -18.16
CA TYR D 401 10.38 -8.76 -18.40
C TYR D 401 11.44 -9.60 -17.69
N ASN D 402 11.39 -9.62 -16.37
CA ASN D 402 12.15 -10.62 -15.64
C ASN D 402 11.30 -11.87 -15.46
N PRO D 403 11.69 -13.00 -16.06
CA PRO D 403 10.86 -14.21 -15.92
C PRO D 403 11.18 -15.00 -14.66
N ASP D 404 12.28 -14.68 -14.00
CA ASP D 404 12.64 -15.40 -12.78
C ASP D 404 11.83 -14.92 -11.59
N THR D 405 10.98 -13.93 -11.79
CA THR D 405 9.99 -13.60 -10.78
C THR D 405 8.98 -14.73 -10.62
N HIS D 406 8.60 -15.37 -11.73
CA HIS D 406 7.62 -16.45 -11.73
C HIS D 406 8.25 -17.79 -11.38
N ILE D 407 9.01 -17.78 -10.28
CA ILE D 407 9.65 -19.00 -9.79
C ILE D 407 9.88 -18.82 -8.29
N ASP D 408 9.78 -19.90 -7.54
CA ASP D 408 10.06 -19.88 -6.11
C ASP D 408 11.53 -20.27 -5.93
N SER D 409 12.32 -19.35 -5.36
CA SER D 409 13.77 -19.49 -5.38
C SER D 409 14.22 -20.77 -4.68
N ASN D 410 13.74 -21.00 -3.46
CA ASN D 410 14.23 -22.12 -2.67
C ASN D 410 13.70 -23.45 -3.17
N SER D 411 12.41 -23.51 -3.52
CA SER D 411 11.80 -24.80 -3.83
C SER D 411 11.89 -25.11 -5.32
N GLY D 412 11.84 -24.08 -6.18
CA GLY D 412 11.92 -24.28 -7.60
C GLY D 412 10.59 -24.43 -8.31
N LYS D 413 9.48 -24.50 -7.58
CA LYS D 413 8.17 -24.51 -8.21
C LYS D 413 7.75 -23.10 -8.59
N PHE D 414 6.70 -23.00 -9.39
CA PHE D 414 6.19 -21.71 -9.82
C PHE D 414 5.39 -21.05 -8.71
N LEU D 415 5.46 -19.72 -8.64
CA LEU D 415 4.55 -18.98 -7.79
C LEU D 415 3.20 -18.86 -8.48
N ILE D 416 2.13 -19.22 -7.76
CA ILE D 416 0.78 -19.20 -8.31
C ILE D 416 -0.02 -18.11 -7.61
N CYS D 417 -0.60 -17.21 -8.40
CA CYS D 417 -1.48 -16.19 -7.86
C CYS D 417 -2.63 -16.82 -7.09
N TYR D 418 -3.19 -16.07 -6.15
CA TYR D 418 -4.29 -16.61 -5.35
C TYR D 418 -5.63 -16.35 -6.02
N LYS D 419 -5.78 -15.19 -6.68
CA LYS D 419 -7.07 -14.83 -7.24
C LYS D 419 -7.43 -15.70 -8.43
N CYS D 420 -6.49 -15.90 -9.36
CA CYS D 420 -6.78 -16.64 -10.59
C CYS D 420 -6.16 -18.03 -10.60
N ASN D 421 -5.39 -18.40 -9.58
CA ASN D 421 -4.76 -19.71 -9.49
C ASN D 421 -3.97 -20.07 -10.75
N GLN D 422 -3.28 -19.08 -11.30
CA GLN D 422 -2.41 -19.30 -12.44
C GLN D 422 -1.09 -18.58 -12.21
N THR D 423 -0.06 -19.03 -12.91
CA THR D 423 1.13 -18.22 -13.16
C THR D 423 1.15 -17.94 -14.66
N ARG D 424 1.43 -16.70 -15.02
CA ARG D 424 1.31 -16.26 -16.40
C ARG D 424 2.65 -16.03 -17.07
N LEU D 425 3.68 -16.76 -16.64
CA LEU D 425 4.97 -16.70 -17.31
C LEU D 425 4.80 -16.90 -18.81
N GLY D 426 5.14 -15.88 -19.59
CA GLY D 426 4.95 -15.92 -21.01
C GLY D 426 6.25 -16.27 -21.72
N SER D 427 6.11 -16.66 -22.99
CA SER D 427 7.26 -17.03 -23.79
C SER D 427 8.21 -15.85 -23.95
N TRP D 428 9.48 -16.17 -24.17
CA TRP D 428 10.42 -15.14 -24.58
C TRP D 428 10.07 -14.59 -25.95
N SER D 429 9.37 -15.40 -26.76
CA SER D 429 8.89 -14.92 -28.05
C SER D 429 7.82 -13.85 -27.88
N HIS D 430 6.89 -14.04 -26.96
CA HIS D 430 5.84 -13.08 -26.68
C HIS D 430 5.82 -12.73 -25.21
N PRO D 431 6.46 -11.64 -24.79
CA PRO D 431 6.45 -11.25 -23.37
C PRO D 431 5.19 -10.55 -22.91
N GLU D 432 4.32 -10.11 -23.83
CA GLU D 432 3.10 -9.42 -23.40
C GLU D 432 2.10 -10.40 -22.82
N ASN D 433 2.32 -11.70 -23.00
CA ASN D 433 1.47 -12.69 -22.35
C ASN D 433 1.83 -12.82 -20.87
N SER D 434 3.01 -12.33 -20.49
CA SER D 434 3.41 -12.40 -19.09
C SER D 434 2.70 -11.32 -18.28
N ARG D 435 2.25 -11.68 -17.08
CA ARG D 435 1.63 -10.74 -16.16
C ARG D 435 2.48 -10.67 -14.90
N LEU D 436 2.66 -9.47 -14.37
CA LEU D 436 3.58 -9.29 -13.26
C LEU D 436 3.02 -9.94 -12.00
N ILE D 437 3.92 -10.56 -11.21
CA ILE D 437 3.53 -11.19 -9.96
C ILE D 437 4.44 -10.68 -8.85
N MET D 438 3.85 -10.33 -7.71
CA MET D 438 4.61 -10.04 -6.51
C MET D 438 4.07 -10.88 -5.37
N THR D 439 4.84 -10.96 -4.29
CA THR D 439 4.52 -11.81 -3.16
C THR D 439 4.31 -10.92 -1.94
N CYS D 440 3.40 -11.34 -1.06
CA CYS D 440 3.16 -10.59 0.16
C CYS D 440 4.43 -10.51 0.99
N ASP D 441 4.48 -9.52 1.88
CA ASP D 441 5.63 -9.38 2.76
C ASP D 441 5.39 -10.11 4.08
N TYR D 442 4.13 -10.34 4.43
CA TYR D 442 3.83 -11.19 5.58
C TYR D 442 3.39 -12.59 5.13
N CYS D 443 2.38 -12.65 4.26
CA CYS D 443 1.80 -13.94 3.87
C CYS D 443 2.79 -14.78 3.06
N GLN D 444 3.50 -14.16 2.12
CA GLN D 444 4.24 -14.87 1.07
C GLN D 444 3.30 -15.67 0.17
N THR D 445 2.13 -15.11 -0.11
CA THR D 445 1.24 -15.65 -1.12
C THR D 445 1.30 -14.80 -2.38
N PRO D 446 1.81 -15.33 -3.48
CA PRO D 446 1.98 -14.51 -4.70
C PRO D 446 0.66 -13.98 -5.21
N TRP D 447 0.68 -12.73 -5.68
CA TRP D 447 -0.46 -12.08 -6.29
C TRP D 447 -0.01 -11.41 -7.58
N HIS D 448 -0.87 -11.46 -8.60
CA HIS D 448 -0.64 -10.62 -9.77
C HIS D 448 -0.81 -9.16 -9.41
N LEU D 449 -0.08 -8.29 -10.11
CA LEU D 449 -0.35 -6.86 -10.01
C LEU D 449 -1.66 -6.53 -10.71
N ASP D 450 -2.32 -7.52 -11.26
CA ASP D 450 -3.59 -7.21 -11.86
C ASP D 450 -4.72 -7.57 -10.90
N CYS D 451 -4.62 -8.73 -10.26
CA CYS D 451 -5.67 -9.23 -9.38
C CYS D 451 -5.94 -8.34 -8.20
N VAL D 452 -4.90 -7.85 -7.56
CA VAL D 452 -5.12 -6.88 -6.53
C VAL D 452 -4.85 -5.80 -7.47
N PRO D 453 -5.82 -4.92 -7.66
CA PRO D 453 -5.42 -3.93 -8.64
C PRO D 453 -4.27 -3.29 -7.92
N ARG D 454 -3.18 -3.05 -8.61
CA ARG D 454 -2.02 -2.51 -7.97
C ARG D 454 -1.22 -1.95 -9.08
N ALA D 455 -0.78 -0.74 -8.88
CA ALA D 455 -0.06 -0.04 -9.95
C ALA D 455 1.37 -0.54 -10.06
N SER D 456 2.06 -0.77 -8.94
CA SER D 456 3.47 -1.11 -8.97
C SER D 456 3.82 -2.01 -7.79
N PHE D 457 5.13 -2.21 -7.61
CA PHE D 457 5.60 -3.25 -6.71
C PHE D 457 5.66 -2.79 -5.26
N LYS D 458 5.78 -1.48 -5.03
CA LYS D 458 5.90 -0.93 -3.68
C LYS D 458 7.04 -1.57 -2.90
N ASN D 459 8.28 -1.32 -3.34
CA ASN D 459 9.41 -1.90 -2.65
C ASN D 459 10.17 -0.86 -1.84
N LEU D 460 9.64 0.36 -1.73
CA LEU D 460 10.34 1.39 -0.97
C LEU D 460 9.67 1.69 0.36
N GLY D 461 8.38 2.05 0.33
CA GLY D 461 7.79 2.69 1.49
C GLY D 461 7.67 1.76 2.69
N SER D 462 6.79 0.78 2.60
CA SER D 462 6.53 -0.11 3.72
C SER D 462 6.15 -1.48 3.16
N LYS D 463 6.20 -2.48 4.04
CA LYS D 463 5.82 -3.83 3.64
C LYS D 463 4.40 -3.83 3.10
N TRP D 464 4.20 -4.54 1.99
CA TRP D 464 2.90 -4.58 1.34
C TRP D 464 2.03 -5.62 2.00
N LYS D 465 0.98 -5.23 2.69
CA LYS D 465 0.11 -6.21 3.29
C LYS D 465 -0.84 -6.73 2.27
N CYS D 466 -0.77 -8.02 2.03
CA CYS D 466 -1.57 -8.62 1.00
C CYS D 466 -2.99 -8.58 1.39
N PRO D 467 -3.88 -8.58 0.40
CA PRO D 467 -5.24 -8.72 0.88
C PRO D 467 -5.23 -10.12 1.45
N LEU D 468 -6.27 -10.56 2.14
CA LEU D 468 -6.29 -11.89 2.81
C LEU D 468 -5.58 -11.90 4.16
N HIS D 469 -5.20 -10.74 4.69
CA HIS D 469 -4.62 -10.72 6.03
C HIS D 469 -5.51 -9.90 6.96
N SER D 470 -5.84 -10.43 8.13
CA SER D 470 -6.78 -9.76 9.06
C SER D 470 -6.51 -8.31 9.32
N PRO D 471 -7.56 -7.53 9.57
CA PRO D 471 -7.39 -6.11 9.91
C PRO D 471 -6.72 -5.85 11.25
N THR D 472 -5.87 -4.82 11.34
CA THR D 472 -5.28 -4.47 12.63
C THR D 472 -5.93 -3.24 13.22
N LYS D 473 -6.80 -2.58 12.47
CA LYS D 473 -7.47 -1.37 12.92
C LYS D 473 -8.80 -1.23 12.19
N VAL D 474 -9.89 -1.13 12.94
CA VAL D 474 -11.23 -1.17 12.38
C VAL D 474 -12.00 0.06 12.84
N TYR D 475 -12.55 0.81 11.89
CA TYR D 475 -13.41 1.94 12.16
C TYR D 475 -14.86 1.51 11.94
N LYS D 476 -15.61 1.39 13.02
CA LYS D 476 -17.00 0.92 12.96
C LYS D 476 -17.92 2.10 13.15
N LYS D 477 -18.85 2.29 12.21
CA LYS D 477 -19.88 3.31 12.36
C LYS D 477 -20.99 2.78 13.25
N ILE D 478 -21.33 3.56 14.28
CA ILE D 478 -22.34 3.11 15.23
C ILE D 478 -23.72 3.09 14.58
N HIS D 479 -23.94 3.95 13.59
CA HIS D 479 -25.20 4.18 12.89
C HIS D 479 -26.25 4.82 13.78
N HIS D 480 -25.92 5.07 15.06
CA HIS D 480 -26.81 5.69 16.06
C HIS D 480 -28.31 5.54 15.81
N VAL D 487 -20.41 10.48 19.24
CA VAL D 487 -19.46 10.32 18.15
C VAL D 487 -20.04 9.42 17.07
N ASN D 488 -19.57 9.61 15.84
CA ASN D 488 -20.13 8.88 14.70
C ASN D 488 -19.61 7.45 14.65
N TYR D 489 -18.44 7.20 15.21
CA TYR D 489 -17.69 5.99 14.95
C TYR D 489 -17.02 5.47 16.21
N LYS D 490 -16.69 4.18 16.21
CA LYS D 490 -15.90 3.56 17.26
C LYS D 490 -14.66 2.93 16.63
N VAL D 491 -13.55 2.96 17.36
CA VAL D 491 -12.26 2.51 16.85
C VAL D 491 -11.82 1.29 17.64
N TRP D 492 -11.34 0.27 16.93
CA TRP D 492 -10.75 -0.91 17.52
C TRP D 492 -9.34 -1.08 16.99
N LYS D 493 -8.37 -1.24 17.89
CA LYS D 493 -6.99 -1.49 17.53
C LYS D 493 -6.51 -2.76 18.22
N LYS D 494 -5.89 -3.64 17.45
CA LYS D 494 -5.37 -4.88 18.00
C LYS D 494 -4.29 -4.58 19.04
N GLN D 495 -4.32 -5.32 20.15
CA GLN D 495 -3.31 -5.13 21.19
C GLN D 495 -1.92 -5.37 20.61
N ARG D 496 -0.99 -4.52 20.99
CA ARG D 496 0.39 -4.69 20.55
C ARG D 496 0.95 -5.97 21.13
N LEU D 497 1.91 -6.57 20.43
CA LEU D 497 2.51 -7.81 20.92
C LEU D 497 3.48 -7.48 22.04
N ILE D 498 3.23 -8.07 23.21
CA ILE D 498 4.05 -7.83 24.39
C ILE D 498 5.28 -8.72 24.30
N ASN D 499 6.29 -8.45 25.12
CA ASN D 499 7.43 -9.36 25.21
C ASN D 499 6.95 -10.76 25.55
N LYS D 500 7.77 -11.75 25.20
CA LYS D 500 7.32 -13.14 25.29
C LYS D 500 7.00 -13.53 26.73
N LYS D 501 7.87 -13.16 27.68
CA LYS D 501 7.65 -13.58 29.06
C LYS D 501 6.45 -12.87 29.69
N ASN D 502 6.28 -11.58 29.39
CA ASN D 502 5.20 -10.83 30.01
C ASN D 502 3.85 -11.17 29.40
N GLN D 503 3.85 -11.90 28.28
CA GLN D 503 2.59 -12.26 27.64
C GLN D 503 1.94 -13.42 28.38
N LEU D 504 0.62 -13.36 28.51
CA LEU D 504 -0.16 -14.41 29.16
C LEU D 504 -1.24 -14.90 28.21
N TYR D 505 -1.12 -16.15 27.79
CA TYR D 505 -2.10 -16.78 26.93
C TYR D 505 -3.09 -17.55 27.80
N TYR D 506 -4.37 -17.40 27.51
CA TYR D 506 -5.44 -17.93 28.34
C TYR D 506 -6.44 -18.69 27.48
N GLU D 507 -6.82 -19.88 27.93
CA GLU D 507 -7.88 -20.64 27.28
C GLU D 507 -9.12 -20.61 28.17
N PRO D 508 -10.17 -19.90 27.79
CA PRO D 508 -11.30 -19.70 28.71
C PRO D 508 -12.09 -20.99 28.90
N LEU D 509 -12.76 -21.09 30.04
CA LEU D 509 -13.59 -22.25 30.32
C LEU D 509 -14.86 -22.23 29.50
N GLN D 510 -15.27 -21.05 29.04
CA GLN D 510 -16.48 -20.92 28.25
C GLN D 510 -16.16 -21.10 26.77
N LYS D 511 -16.73 -22.13 26.15
CA LYS D 511 -16.44 -22.40 24.75
C LYS D 511 -17.08 -21.35 23.84
N ILE D 512 -18.35 -21.03 24.07
CA ILE D 512 -19.16 -20.28 23.13
C ILE D 512 -19.56 -18.96 23.76
N GLY D 513 -19.21 -17.86 23.08
CA GLY D 513 -19.67 -16.56 23.49
C GLY D 513 -18.71 -15.74 24.34
N TYR D 514 -17.46 -16.18 24.46
CA TYR D 514 -16.49 -15.39 25.20
C TYR D 514 -16.14 -14.13 24.42
N GLN D 515 -16.09 -13.00 25.11
CA GLN D 515 -15.79 -11.72 24.46
C GLN D 515 -14.29 -11.60 24.29
N ASN D 516 -13.80 -11.94 23.10
CA ASN D 516 -12.37 -11.93 22.85
C ASN D 516 -11.82 -10.51 22.81
N ASN D 517 -12.64 -9.56 22.37
CA ASN D 517 -12.28 -8.17 22.08
C ASN D 517 -11.34 -8.10 20.88
N GLY D 518 -11.24 -9.15 20.08
CA GLY D 518 -10.47 -9.13 18.86
C GLY D 518 -9.07 -9.67 18.95
N ASN D 519 -8.61 -10.09 20.14
CA ASN D 519 -7.27 -10.64 20.31
C ASN D 519 -7.39 -12.14 20.50
N ILE D 520 -6.70 -12.90 19.64
CA ILE D 520 -6.93 -14.34 19.54
C ILE D 520 -5.66 -15.05 19.09
N GLN D 521 -5.43 -16.22 19.67
CA GLN D 521 -4.52 -17.22 19.14
C GLN D 521 -5.33 -18.47 18.85
N ILE D 522 -5.23 -18.98 17.61
CA ILE D 522 -6.05 -20.09 17.15
C ILE D 522 -5.41 -21.40 17.59
N ILE D 523 -5.99 -22.02 18.62
CA ILE D 523 -5.59 -23.36 19.05
C ILE D 523 -5.96 -24.33 17.94
N PRO D 524 -5.07 -25.27 17.59
CA PRO D 524 -5.43 -26.23 16.52
C PRO D 524 -6.70 -27.00 16.77
N THR D 525 -6.92 -27.43 18.02
CA THR D 525 -8.14 -28.14 18.40
C THR D 525 -8.21 -28.28 19.91
N ASN D 534 0.48 -4.81 35.80
CA ASN D 534 -0.86 -5.36 35.63
C ASN D 534 -1.08 -5.82 34.19
N GLN D 535 -1.18 -7.13 33.99
CA GLN D 535 -1.33 -7.71 32.66
C GLN D 535 -2.79 -8.07 32.42
N ASP D 536 -3.54 -7.13 31.87
CA ASP D 536 -4.81 -7.44 31.21
C ASP D 536 -4.62 -7.67 29.73
N PHE D 537 -3.39 -7.60 29.24
CA PHE D 537 -3.05 -7.90 27.86
C PHE D 537 -2.91 -9.40 27.71
N LYS D 538 -4.03 -10.12 27.70
CA LYS D 538 -4.01 -11.56 27.60
C LYS D 538 -4.69 -11.98 26.31
N ILE D 539 -3.95 -12.73 25.48
CA ILE D 539 -4.45 -13.23 24.21
C ILE D 539 -5.30 -14.46 24.49
N THR D 540 -6.61 -14.32 24.33
CA THR D 540 -7.50 -15.44 24.50
C THR D 540 -7.22 -16.51 23.43
N GLN D 541 -7.18 -17.76 23.87
CA GLN D 541 -6.98 -18.89 22.97
C GLN D 541 -8.32 -19.54 22.70
N ILE D 542 -8.72 -19.57 21.43
CA ILE D 542 -10.05 -20.03 21.04
C ILE D 542 -9.90 -21.25 20.13
N ASP D 543 -10.70 -22.26 20.40
CA ASP D 543 -10.77 -23.41 19.50
C ASP D 543 -11.45 -23.01 18.20
N GLU D 544 -11.08 -23.70 17.11
CA GLU D 544 -11.69 -23.41 15.83
C GLU D 544 -13.19 -23.73 15.85
N ASN D 545 -13.57 -24.83 16.49
CA ASN D 545 -14.98 -25.19 16.56
C ASN D 545 -15.79 -24.13 17.28
N SER D 546 -15.15 -23.37 18.17
CA SER D 546 -15.84 -22.28 18.85
C SER D 546 -16.25 -21.18 17.88
N ILE D 547 -15.37 -20.86 16.92
CA ILE D 547 -15.65 -19.78 15.99
C ILE D 547 -16.85 -20.14 15.10
N LYS D 548 -16.98 -21.42 14.75
CA LYS D 548 -18.15 -21.86 14.01
C LYS D 548 -19.42 -21.60 14.81
N TYR D 549 -19.40 -21.95 16.10
CA TYR D 549 -20.57 -21.73 16.93
C TYR D 549 -20.85 -20.25 17.11
N ASP D 550 -19.81 -19.45 17.35
CA ASP D 550 -20.00 -18.02 17.53
C ASP D 550 -20.57 -17.38 16.27
N PHE D 551 -19.97 -17.65 15.12
CA PHE D 551 -20.43 -17.02 13.88
C PHE D 551 -21.85 -17.44 13.55
N PHE D 552 -22.17 -18.72 13.72
CA PHE D 552 -23.54 -19.17 13.49
C PHE D 552 -24.49 -18.59 14.54
N ASP D 553 -24.02 -18.47 15.78
CA ASP D 553 -24.87 -17.89 16.83
C ASP D 553 -25.25 -16.46 16.51
N LYS D 554 -24.29 -15.67 16.03
CA LYS D 554 -24.58 -14.29 15.67
C LYS D 554 -25.55 -14.22 14.49
N ILE D 555 -25.36 -15.06 13.49
CA ILE D 555 -26.21 -15.02 12.30
C ILE D 555 -27.65 -15.35 12.65
N TYR D 556 -27.85 -16.45 13.37
CA TYR D 556 -29.22 -16.90 13.64
C TYR D 556 -29.99 -15.90 14.48
N LYS D 557 -29.31 -15.24 15.42
CA LYS D 557 -29.99 -14.22 16.23
C LYS D 557 -30.44 -13.04 15.38
N SER D 558 -29.57 -12.57 14.49
CA SER D 558 -29.94 -11.44 13.63
C SER D 558 -31.10 -11.80 12.71
N LYS D 559 -31.09 -13.02 12.16
CA LYS D 559 -32.17 -13.44 11.29
C LYS D 559 -33.51 -13.45 12.02
N MET D 560 -33.51 -13.90 13.28
CA MET D 560 -34.72 -13.86 14.07
C MET D 560 -35.19 -12.44 14.30
N VAL D 561 -34.25 -11.53 14.59
CA VAL D 561 -34.61 -10.13 14.81
C VAL D 561 -35.14 -9.50 13.53
N GLN D 562 -34.45 -9.74 12.41
CA GLN D 562 -34.90 -9.18 11.14
C GLN D 562 -36.28 -9.68 10.77
N LYS D 563 -36.56 -10.95 11.00
CA LYS D 563 -37.89 -11.49 10.71
C LYS D 563 -38.93 -10.89 11.66
N ARG D 564 -38.53 -10.61 12.90
CA ARG D 564 -39.48 -10.05 13.86
C ARG D 564 -39.91 -8.64 13.45
N LYS D 565 -38.95 -7.78 13.13
CA LYS D 565 -39.28 -6.40 12.76
C LYS D 565 -40.16 -6.36 11.51
N LEU D 566 -39.80 -7.14 10.50
CA LEU D 566 -40.62 -7.19 9.28
C LEU D 566 -42.01 -7.69 9.58
N PHE D 567 -42.12 -8.76 10.37
CA PHE D 567 -43.45 -9.29 10.71
C PHE D 567 -44.21 -8.34 11.61
N GLN D 568 -43.52 -7.68 12.54
CA GLN D 568 -44.18 -6.71 13.41
C GLN D 568 -44.72 -5.53 12.62
N PHE D 569 -43.94 -5.02 11.66
CA PHE D 569 -44.38 -3.87 10.88
C PHE D 569 -45.62 -4.18 10.07
N GLN D 570 -45.66 -5.37 9.44
CA GLN D 570 -46.85 -5.78 8.72
C GLN D 570 -48.03 -5.97 9.67
N GLU D 571 -47.76 -6.51 10.86
CA GLU D 571 -48.81 -6.61 11.88
C GLU D 571 -49.15 -5.23 12.43
N SER D 572 -48.18 -4.30 12.41
CA SER D 572 -48.41 -2.97 12.97
C SER D 572 -49.46 -2.20 12.16
N LEU D 573 -49.41 -2.30 10.83
CA LEU D 573 -50.41 -1.61 10.02
C LEU D 573 -51.80 -2.19 10.26
N ILE D 574 -51.87 -3.47 10.64
CA ILE D 574 -53.14 -4.05 11.08
C ILE D 574 -53.54 -3.45 12.43
N ASP D 575 -52.57 -3.17 13.29
CA ASP D 575 -52.88 -2.56 14.58
C ASP D 575 -53.49 -1.17 14.41
N LYS D 576 -52.96 -0.39 13.46
CA LYS D 576 -53.53 0.93 13.21
C LYS D 576 -54.95 0.82 12.66
N LEU D 577 -55.29 -0.33 12.08
CA LEU D 577 -56.63 -0.55 11.56
C LEU D 577 -57.63 -0.67 12.71
N GLY D 581 -63.64 -0.63 11.43
CA GLY D 581 -64.65 -1.64 11.69
C GLY D 581 -64.35 -2.96 11.01
N SER D 582 -64.33 -2.94 9.68
CA SER D 582 -64.06 -4.13 8.88
C SER D 582 -62.62 -4.05 8.37
N GLN D 583 -61.89 -5.16 8.50
CA GLN D 583 -60.48 -5.18 8.13
C GLN D 583 -60.29 -4.88 6.64
N ASN D 584 -61.06 -5.56 5.78
CA ASN D 584 -60.96 -5.39 4.33
C ASN D 584 -59.53 -5.59 3.83
N GLY D 585 -58.81 -6.50 4.49
CA GLY D 585 -57.42 -6.73 4.11
C GLY D 585 -57.30 -7.65 2.90
N ASN D 586 -58.38 -8.34 2.55
CA ASN D 586 -58.46 -9.28 1.44
C ASN D 586 -57.53 -10.47 1.63
N SER D 587 -57.14 -10.78 2.88
CA SER D 587 -56.26 -11.92 3.11
C SER D 587 -56.96 -13.23 2.79
N GLU D 588 -58.27 -13.29 2.97
CA GLU D 588 -59.02 -14.49 2.61
C GLU D 588 -58.93 -14.77 1.11
N ASP D 589 -58.99 -13.71 0.29
CA ASP D 589 -58.81 -13.87 -1.14
C ASP D 589 -57.41 -14.37 -1.46
N ASN D 590 -56.41 -13.88 -0.74
CA ASN D 590 -55.04 -14.34 -0.93
C ASN D 590 -54.90 -15.79 -0.51
N MET D 591 -54.14 -16.56 -1.29
CA MET D 591 -53.96 -17.98 -1.02
C MET D 591 -52.63 -18.48 -1.59
N PRO E 218 22.04 3.51 42.46
CA PRO E 218 21.97 2.35 41.58
C PRO E 218 20.92 2.51 40.48
N LYS E 219 20.29 1.40 40.10
CA LYS E 219 19.25 1.40 39.07
C LYS E 219 17.89 1.30 39.73
N ILE E 220 17.00 2.23 39.39
CA ILE E 220 15.67 2.31 39.97
C ILE E 220 14.67 1.74 38.96
N SER E 221 13.78 0.88 39.45
CA SER E 221 12.79 0.23 38.60
C SER E 221 11.41 0.81 38.91
N LEU E 222 10.68 1.15 37.86
CA LEU E 222 9.33 1.70 37.97
C LEU E 222 8.37 0.85 37.18
N GLN E 223 7.41 0.22 37.87
CA GLN E 223 6.47 -0.65 37.19
C GLN E 223 5.31 0.16 36.61
N ILE E 224 5.39 0.43 35.32
CA ILE E 224 4.33 1.11 34.58
C ILE E 224 3.36 0.04 34.09
N PRO E 225 2.07 0.15 34.37
CA PRO E 225 1.11 -0.85 33.86
C PRO E 225 1.17 -0.90 32.35
N ILE E 226 0.92 -2.10 31.81
CA ILE E 226 1.14 -2.35 30.39
C ILE E 226 0.31 -1.41 29.54
N LYS E 227 -0.94 -1.16 29.94
CA LYS E 227 -1.80 -0.29 29.14
C LYS E 227 -1.21 1.11 29.01
N LEU E 228 -0.72 1.68 30.12
CA LEU E 228 -0.06 2.98 30.04
C LEU E 228 1.26 2.86 29.27
N LYS E 229 1.91 1.71 29.37
CA LYS E 229 3.15 1.51 28.63
C LYS E 229 2.87 1.32 27.14
N SER E 230 1.64 0.96 26.79
CA SER E 230 1.27 0.85 25.39
C SER E 230 0.79 2.19 24.84
N VAL E 231 0.30 3.07 25.69
CA VAL E 231 -0.09 4.40 25.22
C VAL E 231 1.15 5.11 24.76
N LEU E 232 2.09 5.32 25.66
CA LEU E 232 3.30 6.02 25.31
C LEU E 232 3.80 5.53 23.97
N VAL E 233 3.99 4.23 23.78
CA VAL E 233 4.55 3.80 22.51
C VAL E 233 3.74 4.36 21.35
N ASP E 234 2.40 4.32 21.47
CA ASP E 234 1.57 4.93 20.43
C ASP E 234 1.86 6.42 20.29
N ASP E 235 2.02 7.11 21.42
CA ASP E 235 2.42 8.52 21.36
C ASP E 235 3.76 8.67 20.66
N TRP E 236 4.66 7.72 20.87
CA TRP E 236 5.95 7.77 20.18
C TRP E 236 5.77 7.53 18.67
N GLU E 237 4.68 6.86 18.29
CA GLU E 237 4.46 6.57 16.89
C GLU E 237 3.81 7.77 16.18
N TYR E 238 2.86 8.43 16.84
CA TYR E 238 2.14 9.53 16.21
C TYR E 238 3.05 10.72 15.97
N VAL E 239 4.03 10.92 16.84
CA VAL E 239 4.80 12.16 16.81
C VAL E 239 6.04 12.01 15.94
N THR E 240 6.50 10.77 15.74
CA THR E 240 7.74 10.59 14.97
C THR E 240 7.46 9.97 13.61
N LYS E 241 6.50 9.06 13.52
CA LYS E 241 6.14 8.45 12.25
C LYS E 241 4.93 9.12 11.59
N ASP E 242 3.78 9.13 12.27
CA ASP E 242 2.61 9.77 11.69
C ASP E 242 2.75 11.28 11.63
N LYS E 243 3.70 11.84 12.38
CA LYS E 243 4.03 13.27 12.33
C LYS E 243 2.82 14.13 12.66
N LYS E 244 2.11 13.77 13.71
CA LYS E 244 0.99 14.55 14.22
C LYS E 244 1.26 14.89 15.67
N ILE E 245 0.90 16.10 16.09
CA ILE E 245 1.14 16.54 17.45
C ILE E 245 -0.18 16.71 18.19
N CYS E 246 -0.10 16.72 19.50
CA CYS E 246 -1.30 16.88 20.32
C CYS E 246 -1.72 18.34 20.38
N ARG E 247 -3.04 18.54 20.36
CA ARG E 247 -3.60 19.88 20.48
C ARG E 247 -3.14 20.36 21.80
N LEU E 248 -2.33 21.40 21.82
CA LEU E 248 -1.73 21.81 23.09
C LEU E 248 -2.68 22.27 24.18
N PRO E 249 -3.72 23.05 23.86
CA PRO E 249 -4.54 23.46 25.00
C PRO E 249 -5.53 22.37 25.25
N ALA E 250 -5.08 21.26 25.83
CA ALA E 250 -5.95 20.11 25.98
C ALA E 250 -7.07 20.31 26.95
N ASP E 251 -8.01 19.38 26.96
CA ASP E 251 -9.11 19.44 27.91
C ASP E 251 -8.75 18.95 29.31
N VAL E 252 -7.99 17.87 29.41
CA VAL E 252 -7.57 17.39 30.71
C VAL E 252 -6.11 17.68 30.85
N THR E 253 -5.78 18.79 31.46
CA THR E 253 -4.39 19.21 31.53
C THR E 253 -3.74 18.61 32.77
N VAL E 254 -2.42 18.78 32.86
CA VAL E 254 -1.66 18.22 33.98
C VAL E 254 -2.19 18.76 35.29
N GLU E 255 -2.81 19.94 35.27
CA GLU E 255 -3.24 20.56 36.51
C GLU E 255 -4.50 19.90 37.07
N MET E 256 -5.54 19.75 36.25
CA MET E 256 -6.76 19.15 36.78
C MET E 256 -6.63 17.64 36.92
N VAL E 257 -5.77 17.00 36.14
CA VAL E 257 -5.51 15.58 36.36
C VAL E 257 -5.01 15.36 37.79
N LEU E 258 -4.03 16.15 38.21
CA LEU E 258 -3.54 16.02 39.58
C LEU E 258 -4.53 16.60 40.58
N ASN E 259 -5.31 17.60 40.17
CA ASN E 259 -6.35 18.12 41.06
C ASN E 259 -7.38 17.06 41.39
N LYS E 260 -7.79 16.28 40.39
CA LYS E 260 -8.75 15.22 40.65
C LYS E 260 -8.13 14.11 41.47
N TYR E 261 -6.93 13.65 41.08
CA TYR E 261 -6.29 12.56 41.80
C TYR E 261 -6.02 12.94 43.25
N GLU E 262 -5.49 14.14 43.48
CA GLU E 262 -5.29 14.59 44.85
C GLU E 262 -6.62 14.67 45.61
N HIS E 263 -7.71 14.97 44.90
CA HIS E 263 -8.99 15.13 45.57
C HIS E 263 -9.68 13.79 45.78
N GLU E 264 -9.50 12.85 44.85
CA GLU E 264 -10.12 11.54 45.02
C GLU E 264 -9.43 10.72 46.11
N VAL E 265 -8.12 10.89 46.25
CA VAL E 265 -7.36 10.04 47.17
C VAL E 265 -7.32 10.65 48.55
N SER E 266 -7.48 11.97 48.65
CA SER E 266 -7.49 12.61 49.96
C SER E 266 -8.58 12.06 50.86
N GLN E 267 -9.80 11.94 50.33
CA GLN E 267 -10.89 11.38 51.11
C GLN E 267 -10.68 9.90 51.37
N GLU E 268 -10.00 9.21 50.46
CA GLU E 268 -9.86 7.75 50.57
C GLU E 268 -9.01 7.37 51.77
N LEU E 269 -7.92 8.08 52.01
CA LEU E 269 -6.98 7.75 53.07
C LEU E 269 -7.32 8.54 54.32
N GLU E 270 -7.24 7.89 55.48
CA GLU E 270 -7.66 8.52 56.73
C GLU E 270 -6.49 9.20 57.44
N SER E 271 -5.34 8.55 57.49
CA SER E 271 -4.25 9.03 58.33
C SER E 271 -3.75 10.39 57.83
N PRO E 272 -3.72 11.41 58.70
CA PRO E 272 -3.25 12.73 58.25
C PRO E 272 -1.79 12.73 57.82
N GLY E 273 -1.00 11.77 58.31
CA GLY E 273 0.40 11.72 57.91
C GLY E 273 0.58 11.48 56.42
N SER E 274 -0.26 10.62 55.84
CA SER E 274 -0.12 10.33 54.42
C SER E 274 -0.68 11.48 53.57
N GLN E 275 -1.66 12.23 54.10
CA GLN E 275 -2.21 13.34 53.36
C GLN E 275 -1.15 14.39 53.06
N SER E 276 -0.24 14.64 54.01
CA SER E 276 0.90 15.50 53.72
C SER E 276 1.77 14.90 52.63
N GLN E 277 2.02 13.59 52.68
CA GLN E 277 2.83 12.94 51.66
C GLN E 277 2.16 13.05 50.29
N LEU E 278 0.85 12.84 50.24
CA LEU E 278 0.14 12.96 48.97
C LEU E 278 0.18 14.37 48.41
N SER E 279 -0.18 15.35 49.24
CA SER E 279 -0.39 16.71 48.73
C SER E 279 0.91 17.30 48.17
N GLU E 280 2.05 17.00 48.80
CA GLU E 280 3.31 17.54 48.29
C GLU E 280 3.74 16.84 47.01
N TYR E 281 3.46 15.54 46.89
CA TYR E 281 3.76 14.85 45.64
C TYR E 281 2.93 15.40 44.49
N CYS E 282 1.72 15.88 44.78
CA CYS E 282 0.94 16.56 43.75
C CYS E 282 1.43 17.99 43.55
N ALA E 283 1.69 18.70 44.65
CA ALA E 283 2.24 20.05 44.53
C ALA E 283 3.64 20.03 43.92
N GLY E 284 4.46 19.07 44.34
CA GLY E 284 5.79 18.97 43.77
C GLY E 284 5.79 18.63 42.30
N LEU E 285 4.98 17.66 41.89
CA LEU E 285 5.00 17.20 40.50
C LEU E 285 4.58 18.31 39.56
N LYS E 286 3.71 19.22 40.02
CA LYS E 286 3.36 20.38 39.20
C LYS E 286 4.57 21.29 39.00
N LEU E 287 5.25 21.65 40.09
CA LEU E 287 6.39 22.56 39.98
C LEU E 287 7.51 21.95 39.14
N TYR E 288 7.76 20.65 39.32
CA TYR E 288 8.78 19.99 38.52
C TYR E 288 8.40 19.97 37.05
N PHE E 289 7.11 19.77 36.76
CA PHE E 289 6.66 19.69 35.38
C PHE E 289 6.91 21.00 34.64
N ASP E 290 6.68 22.14 35.30
CA ASP E 290 6.95 23.43 34.67
C ASP E 290 8.41 23.54 34.25
N LYS E 291 9.33 23.15 35.12
CA LYS E 291 10.75 23.23 34.79
C LYS E 291 11.13 22.17 33.78
N CYS E 292 10.44 21.03 33.76
CA CYS E 292 10.91 19.88 33.00
C CYS E 292 10.46 19.95 31.55
N LEU E 293 9.28 20.52 31.29
CA LEU E 293 8.69 20.43 29.95
C LEU E 293 9.59 21.06 28.90
N GLY E 294 10.19 22.21 29.21
CA GLY E 294 11.06 22.85 28.24
C GLY E 294 12.25 21.98 27.88
N ASN E 295 12.82 21.30 28.88
CA ASN E 295 14.09 20.62 28.67
C ASN E 295 13.92 19.28 27.97
N MET E 296 13.25 18.32 28.60
CA MET E 296 13.24 16.96 28.07
C MET E 296 11.88 16.27 27.99
N LEU E 297 10.78 16.98 27.79
CA LEU E 297 9.51 16.32 27.58
C LEU E 297 8.90 16.60 26.21
N LEU E 298 9.68 17.02 25.24
CA LEU E 298 9.17 17.39 23.93
C LEU E 298 9.97 16.69 22.85
N TYR E 299 9.27 16.01 21.94
CA TYR E 299 9.91 15.52 20.74
C TYR E 299 10.31 16.71 19.85
N ARG E 300 11.22 16.44 18.92
CA ARG E 300 11.73 17.52 18.08
C ARG E 300 10.60 18.20 17.31
N LEU E 301 9.63 17.42 16.83
CA LEU E 301 8.61 17.99 15.96
C LEU E 301 7.70 18.93 16.74
N GLU E 302 7.65 18.76 18.07
CA GLU E 302 6.76 19.59 18.88
C GLU E 302 7.45 20.84 19.40
N ARG E 303 8.75 21.00 19.14
CA ARG E 303 9.45 22.16 19.68
C ARG E 303 8.88 23.46 19.13
N LEU E 304 8.57 23.50 17.83
CA LEU E 304 8.04 24.71 17.25
C LEU E 304 6.68 25.08 17.86
N GLN E 305 5.81 24.09 18.03
CA GLN E 305 4.51 24.36 18.64
C GLN E 305 4.67 24.90 20.05
N TYR E 306 5.64 24.37 20.79
CA TYR E 306 5.98 24.95 22.08
C TYR E 306 6.44 26.38 21.94
N ASP E 307 7.26 26.66 20.92
CA ASP E 307 7.79 28.01 20.73
C ASP E 307 6.67 29.01 20.46
N GLU E 308 5.71 28.65 19.59
CA GLU E 308 4.62 29.57 19.29
C GLU E 308 3.79 29.88 20.52
N LEU E 309 3.72 28.94 21.48
CA LEU E 309 3.04 29.22 22.73
C LEU E 309 3.79 30.24 23.56
N LEU E 310 5.12 30.10 23.64
CA LEU E 310 5.93 31.13 24.29
C LEU E 310 5.79 32.46 23.57
N LYS E 311 5.80 32.43 22.24
CA LYS E 311 5.69 33.65 21.47
C LYS E 311 4.30 34.26 21.60
N LYS E 312 3.28 33.42 21.77
CA LYS E 312 1.95 33.94 22.05
C LYS E 312 1.85 34.48 23.47
N SER E 313 2.53 33.83 24.42
CA SER E 313 2.45 34.25 25.81
C SER E 313 2.97 35.67 26.00
N SER E 314 4.11 35.99 25.39
CA SER E 314 4.69 37.33 25.56
C SER E 314 3.77 38.40 25.00
N LYS E 315 3.19 38.16 23.82
CA LYS E 315 2.22 39.11 23.26
C LYS E 315 0.99 39.22 24.15
N ASP E 316 0.50 38.09 24.66
CA ASP E 316 -0.63 38.13 25.58
C ASP E 316 -0.23 38.69 26.94
N GLN E 317 1.07 38.89 27.15
CA GLN E 317 1.61 39.50 28.37
C GLN E 317 1.36 38.65 29.61
N LYS E 318 0.99 37.38 29.42
CA LYS E 318 0.90 36.47 30.55
C LYS E 318 1.94 35.36 30.40
N PRO E 319 2.69 35.05 31.46
CA PRO E 319 3.72 34.02 31.34
C PRO E 319 3.10 32.64 31.18
N LEU E 320 3.67 31.84 30.29
CA LEU E 320 3.18 30.50 30.06
C LEU E 320 3.43 29.62 31.28
N VAL E 321 2.41 28.85 31.64
CA VAL E 321 2.49 27.87 32.73
C VAL E 321 2.13 26.51 32.16
N PRO E 322 3.11 25.62 31.94
CA PRO E 322 2.84 24.39 31.18
C PRO E 322 1.74 23.52 31.76
N ILE E 323 1.60 23.45 33.08
CA ILE E 323 0.58 22.59 33.66
C ILE E 323 -0.81 23.03 33.25
N ARG E 324 -0.97 24.32 32.95
CA ARG E 324 -2.28 24.80 32.48
C ARG E 324 -2.53 24.37 31.04
N ILE E 325 -1.47 24.25 30.24
CA ILE E 325 -1.66 23.97 28.82
C ILE E 325 -1.64 22.48 28.54
N TYR E 326 -0.51 21.83 28.76
CA TYR E 326 -0.26 20.51 28.18
C TYR E 326 -1.13 19.44 28.83
N GLY E 327 -1.32 18.34 28.08
CA GLY E 327 -2.26 17.32 28.49
C GLY E 327 -1.67 16.25 29.38
N ALA E 328 -2.49 15.22 29.63
CA ALA E 328 -2.09 14.17 30.56
C ALA E 328 -0.97 13.32 29.98
N ILE E 329 -0.90 13.19 28.65
CA ILE E 329 0.12 12.36 28.04
C ILE E 329 1.51 12.93 28.31
N HIS E 330 1.63 14.26 28.38
CA HIS E 330 2.93 14.86 28.66
C HIS E 330 3.31 14.65 30.12
N LEU E 331 2.34 14.52 31.01
CA LEU E 331 2.63 14.11 32.37
C LEU E 331 3.18 12.70 32.41
N LEU E 332 2.65 11.82 31.56
CA LEU E 332 3.13 10.45 31.53
C LEU E 332 4.56 10.37 31.01
N ARG E 333 4.93 11.29 30.11
CA ARG E 333 6.31 11.33 29.63
C ARG E 333 7.27 11.65 30.76
N LEU E 334 6.89 12.57 31.65
CA LEU E 334 7.72 12.87 32.80
C LEU E 334 7.84 11.68 33.73
N ILE E 335 6.75 10.93 33.91
CA ILE E 335 6.79 9.75 34.77
C ILE E 335 7.71 8.68 34.19
N SER E 336 7.74 8.57 32.86
CA SER E 336 8.54 7.53 32.23
C SER E 336 10.02 7.73 32.49
N VAL E 337 10.51 8.97 32.41
CA VAL E 337 11.93 9.24 32.64
C VAL E 337 12.24 9.63 34.08
N LEU E 338 11.29 9.43 35.00
CA LEU E 338 11.58 9.71 36.39
C LEU E 338 12.71 8.84 36.95
N PRO E 339 12.76 7.52 36.73
CA PRO E 339 13.91 6.75 37.23
C PRO E 339 15.25 7.24 36.72
N GLU E 340 15.33 7.65 35.45
CA GLU E 340 16.59 8.16 34.93
C GLU E 340 16.96 9.48 35.59
N LEU E 341 15.98 10.33 35.86
CA LEU E 341 16.25 11.60 36.53
C LEU E 341 16.65 11.37 37.99
N ILE E 342 16.04 10.39 38.64
CA ILE E 342 16.37 10.11 40.04
C ILE E 342 17.80 9.61 40.15
N SER E 343 18.20 8.70 39.24
CA SER E 343 19.52 8.10 39.34
C SER E 343 20.63 9.12 39.12
N SER E 344 20.36 10.14 38.30
CA SER E 344 21.38 11.15 38.03
C SER E 344 21.76 11.93 39.27
N THR E 345 20.77 12.27 40.10
CA THR E 345 21.01 13.14 41.23
C THR E 345 21.57 12.37 42.42
N THR E 346 21.67 13.06 43.56
CA THR E 346 22.14 12.47 44.81
C THR E 346 21.05 12.63 45.86
N MET E 347 20.29 11.56 46.08
CA MET E 347 19.13 11.63 46.97
C MET E 347 19.23 10.55 48.03
N ASP E 348 18.49 10.75 49.11
CA ASP E 348 18.35 9.73 50.14
C ASP E 348 17.61 8.53 49.56
N LEU E 349 18.05 7.33 49.94
CA LEU E 349 17.43 6.12 49.43
C LEU E 349 15.97 6.02 49.88
N GLN E 350 15.68 6.41 51.13
CA GLN E 350 14.32 6.30 51.63
C GLN E 350 13.37 7.22 50.86
N SER E 351 13.91 8.24 50.20
CA SER E 351 13.08 9.11 49.38
C SER E 351 12.91 8.54 47.97
N CYS E 352 13.88 7.75 47.52
CA CYS E 352 13.73 7.09 46.23
C CYS E 352 12.54 6.13 46.23
N GLN E 353 12.46 5.25 47.23
CA GLN E 353 11.28 4.41 47.35
C GLN E 353 10.04 5.23 47.69
N LEU E 354 10.23 6.42 48.27
CA LEU E 354 9.07 7.26 48.57
C LEU E 354 8.43 7.78 47.28
N LEU E 355 9.25 8.30 46.36
CA LEU E 355 8.71 8.74 45.07
C LEU E 355 8.17 7.57 44.27
N ILE E 356 8.97 6.52 44.10
CA ILE E 356 8.58 5.42 43.21
C ILE E 356 7.32 4.74 43.71
N LYS E 357 7.24 4.46 45.01
CA LYS E 357 6.02 3.88 45.56
C LYS E 357 4.84 4.83 45.36
N GLN E 358 5.06 6.12 45.61
CA GLN E 358 3.99 7.08 45.43
C GLN E 358 3.56 7.18 43.97
N THR E 359 4.55 7.22 43.07
CA THR E 359 4.23 7.24 41.64
C THR E 359 3.52 5.97 41.20
N GLU E 360 4.00 4.81 41.66
CA GLU E 360 3.32 3.56 41.34
C GLU E 360 1.88 3.57 41.83
N ASP E 361 1.60 4.31 42.89
CA ASP E 361 0.22 4.47 43.34
C ASP E 361 -0.54 5.40 42.41
N PHE E 362 0.13 6.41 41.85
CA PHE E 362 -0.52 7.30 40.89
C PHE E 362 -0.84 6.56 39.60
N LEU E 363 0.14 5.83 39.06
CA LEU E 363 -0.08 5.12 37.80
C LEU E 363 -1.23 4.13 37.90
N VAL E 364 -1.34 3.46 39.06
CA VAL E 364 -2.48 2.58 39.28
C VAL E 364 -3.78 3.36 39.17
N TRP E 365 -3.84 4.53 39.81
CA TRP E 365 -5.02 5.36 39.69
C TRP E 365 -5.25 5.81 38.26
N LEU E 366 -4.17 6.12 37.53
CA LEU E 366 -4.31 6.54 36.14
C LEU E 366 -4.84 5.39 35.29
N LEU E 367 -4.48 4.15 35.63
CA LEU E 367 -4.99 3.00 34.91
C LEU E 367 -6.50 2.89 35.04
N MET E 368 -7.03 3.13 36.23
CA MET E 368 -8.47 3.01 36.44
C MET E 368 -9.23 4.07 35.63
N HIS E 369 -8.57 5.15 35.25
CA HIS E 369 -9.19 6.21 34.46
C HIS E 369 -8.56 6.38 33.09
N VAL E 370 -7.92 5.33 32.56
CA VAL E 370 -7.22 5.44 31.29
C VAL E 370 -8.22 5.71 30.16
N ASP E 371 -9.46 5.26 30.32
CA ASP E 371 -10.41 5.32 29.21
C ASP E 371 -10.71 6.75 28.81
N GLU E 372 -10.90 7.64 29.78
CA GLU E 372 -11.42 8.97 29.47
C GLU E 372 -10.32 10.03 29.45
N TYR E 373 -9.07 9.63 29.67
CA TYR E 373 -7.95 10.52 29.31
C TYR E 373 -7.37 10.19 27.95
N PHE E 374 -7.05 8.93 27.72
CA PHE E 374 -6.44 8.51 26.46
C PHE E 374 -7.48 7.78 25.62
N ASN E 375 -8.09 8.51 24.70
CA ASN E 375 -9.04 7.93 23.77
C ASN E 375 -8.44 7.93 22.38
N ASP E 376 -8.66 6.84 21.65
CA ASP E 376 -8.11 6.68 20.31
C ASP E 376 -9.15 7.16 19.31
N LYS E 377 -8.99 8.41 18.87
CA LYS E 377 -9.87 9.01 17.87
C LYS E 377 -9.02 9.46 16.69
N ASP E 378 -9.49 9.17 15.49
CA ASP E 378 -8.75 9.54 14.30
C ASP E 378 -8.78 11.05 14.11
N PRO E 379 -7.63 11.70 13.99
CA PRO E 379 -7.64 13.16 13.81
C PRO E 379 -8.37 13.61 12.55
N ASN E 380 -8.39 12.77 11.54
CA ASN E 380 -9.02 13.19 10.33
C ASN E 380 -10.48 13.27 10.70
N ARG E 381 -10.96 12.31 11.46
CA ARG E 381 -12.39 12.29 11.71
C ARG E 381 -12.91 13.14 12.85
N SER E 382 -12.67 12.75 14.08
CA SER E 382 -13.29 13.48 15.17
C SER E 382 -13.02 14.94 15.21
N ASP E 383 -11.76 15.31 15.26
CA ASP E 383 -11.33 16.72 15.39
C ASP E 383 -11.38 17.03 16.85
N ASP E 384 -11.81 16.07 17.66
CA ASP E 384 -11.75 16.23 19.10
C ASP E 384 -10.62 15.35 19.57
N ALA E 385 -9.90 14.73 18.65
CA ALA E 385 -8.89 13.78 19.06
C ALA E 385 -7.75 14.47 19.71
N LEU E 386 -7.02 13.76 20.56
CA LEU E 386 -5.99 14.45 21.28
C LEU E 386 -4.90 14.91 20.36
N TYR E 387 -4.75 14.25 19.22
CA TYR E 387 -3.68 14.61 18.30
C TYR E 387 -4.26 15.28 17.08
N VAL E 388 -3.55 16.27 16.55
CA VAL E 388 -3.94 16.97 15.33
C VAL E 388 -2.76 16.91 14.37
N ASN E 389 -3.06 16.77 13.08
CA ASN E 389 -2.00 16.65 12.09
C ASN E 389 -1.22 17.95 11.97
N THR E 390 -0.13 17.89 11.21
CA THR E 390 0.79 19.01 11.05
C THR E 390 0.84 19.41 9.58
N SER E 391 0.77 20.71 9.33
CA SER E 391 0.83 21.22 7.96
C SER E 391 2.22 20.99 7.39
N SER E 392 2.30 21.00 6.05
CA SER E 392 3.58 20.79 5.39
C SER E 392 4.52 21.96 5.63
N GLN E 393 3.99 23.07 6.16
CA GLN E 393 4.85 24.20 6.49
C GLN E 393 5.30 24.14 7.95
N TYR E 394 4.43 23.72 8.85
CA TYR E 394 4.84 23.52 10.24
C TYR E 394 5.87 22.42 10.35
N GLU E 395 5.69 21.33 9.62
CA GLU E 395 6.66 20.24 9.65
C GLU E 395 7.99 20.66 9.08
N GLY E 396 7.97 21.51 8.05
CA GLY E 396 9.21 21.91 7.40
C GLY E 396 10.16 22.65 8.32
N VAL E 397 9.63 23.64 9.06
CA VAL E 397 10.50 24.42 9.94
C VAL E 397 10.94 23.59 11.13
N ALA E 398 10.01 22.82 11.71
CA ALA E 398 10.32 22.06 12.92
C ALA E 398 11.42 21.03 12.65
N LEU E 399 11.34 20.34 11.52
CA LEU E 399 12.33 19.31 11.22
C LEU E 399 13.53 19.89 10.50
N GLY E 400 13.31 20.78 9.54
CA GLY E 400 14.41 21.38 8.80
C GLY E 400 15.28 22.27 9.66
N GLU F 260 -6.46 -34.30 66.60
CA GLU F 260 -7.60 -33.57 67.15
C GLU F 260 -8.61 -34.54 67.76
N ASP F 261 -9.72 -34.00 68.27
CA ASP F 261 -10.72 -34.84 68.91
C ASP F 261 -11.97 -34.97 68.04
N PHE F 262 -12.30 -33.92 67.29
CA PHE F 262 -13.50 -33.94 66.47
C PHE F 262 -13.18 -34.39 65.05
N CYS F 263 -14.19 -34.93 64.38
CA CYS F 263 -14.08 -35.33 62.98
C CYS F 263 -14.47 -34.16 62.09
N SER F 264 -13.57 -33.80 61.16
CA SER F 264 -13.84 -32.65 60.30
C SER F 264 -15.08 -32.86 59.43
N ALA F 265 -15.37 -34.12 59.09
CA ALA F 265 -16.48 -34.37 58.18
C ALA F 265 -17.73 -34.83 58.94
N CYS F 266 -17.57 -35.32 60.17
CA CYS F 266 -18.73 -35.48 61.03
C CYS F 266 -19.03 -34.21 61.82
N ASN F 267 -18.08 -33.27 61.83
CA ASN F 267 -18.16 -32.02 62.59
C ASN F 267 -18.33 -32.31 64.07
N GLN F 268 -17.89 -33.48 64.56
CA GLN F 268 -18.12 -33.89 65.93
C GLN F 268 -17.10 -34.97 66.30
N SER F 269 -17.01 -35.25 67.60
CA SER F 269 -16.00 -36.17 68.10
C SER F 269 -16.32 -37.61 67.69
N GLY F 270 -15.40 -38.24 66.98
CA GLY F 270 -15.63 -39.57 66.46
C GLY F 270 -14.39 -40.44 66.57
N SER F 271 -14.63 -41.75 66.64
CA SER F 271 -13.56 -42.72 66.50
C SER F 271 -12.90 -42.57 65.13
N PHE F 272 -11.58 -42.63 65.12
CA PHE F 272 -10.80 -42.06 64.02
C PHE F 272 -10.00 -43.10 63.27
N LEU F 273 -9.98 -42.95 61.95
CA LEU F 273 -8.92 -43.46 61.09
C LEU F 273 -8.04 -42.28 60.73
N CYS F 274 -6.73 -42.42 60.94
CA CYS F 274 -5.83 -41.29 60.90
C CYS F 274 -4.84 -41.42 59.77
N CYS F 275 -4.78 -40.40 58.92
CA CYS F 275 -3.68 -40.27 57.97
C CYS F 275 -2.41 -39.85 58.71
N ASP F 276 -1.31 -40.54 58.42
CA ASP F 276 -0.07 -40.27 59.14
C ASP F 276 0.46 -38.86 58.88
N THR F 277 0.43 -38.42 57.61
CA THR F 277 1.06 -37.14 57.28
C THR F 277 0.28 -35.96 57.83
N CYS F 278 -1.04 -35.97 57.70
CA CYS F 278 -1.82 -34.84 58.19
C CYS F 278 -2.33 -35.14 59.59
N PRO F 279 -2.13 -34.22 60.54
CA PRO F 279 -2.64 -34.47 61.89
C PRO F 279 -4.14 -34.65 61.95
N LYS F 280 -4.87 -34.05 61.02
CA LYS F 280 -6.32 -34.19 60.99
C LYS F 280 -6.71 -35.63 60.69
N SER F 281 -7.71 -36.12 61.41
CA SER F 281 -8.24 -37.46 61.23
C SER F 281 -9.75 -37.40 61.18
N PHE F 282 -10.36 -38.43 60.60
CA PHE F 282 -11.78 -38.40 60.27
C PHE F 282 -12.49 -39.61 60.85
N HIS F 283 -13.80 -39.47 61.03
CA HIS F 283 -14.63 -40.58 61.47
C HIS F 283 -14.92 -41.53 60.32
N PHE F 284 -15.07 -42.81 60.64
CA PHE F 284 -15.16 -43.84 59.59
C PHE F 284 -16.40 -43.68 58.73
N LEU F 285 -17.47 -43.14 59.31
CA LEU F 285 -18.74 -43.08 58.59
C LEU F 285 -18.63 -42.20 57.36
N CYS F 286 -18.07 -41.01 57.56
CA CYS F 286 -17.90 -40.07 56.47
C CYS F 286 -16.66 -40.43 55.71
N LEU F 287 -16.73 -41.54 54.99
CA LEU F 287 -15.61 -41.95 54.19
C LEU F 287 -16.11 -41.90 52.77
N ASP F 288 -15.35 -41.28 51.88
CA ASP F 288 -15.86 -41.09 50.53
C ASP F 288 -16.08 -42.48 50.00
N PRO F 289 -15.15 -43.39 50.29
CA PRO F 289 -15.48 -44.76 49.93
C PRO F 289 -15.75 -45.28 51.29
N PRO F 290 -16.88 -45.94 51.47
CA PRO F 290 -17.11 -46.31 52.86
C PRO F 290 -15.99 -47.21 53.32
N ILE F 291 -15.49 -46.98 54.53
CA ILE F 291 -14.39 -47.75 55.04
C ILE F 291 -14.80 -48.26 56.39
N ASP F 292 -15.38 -49.44 56.43
CA ASP F 292 -15.89 -49.93 57.70
C ASP F 292 -14.76 -50.26 58.65
N PRO F 293 -14.85 -49.77 59.89
CA PRO F 293 -13.81 -50.02 60.88
C PRO F 293 -13.29 -51.44 60.85
N ASN F 294 -14.17 -52.42 60.73
CA ASN F 294 -13.73 -53.81 60.79
C ASN F 294 -12.62 -54.07 59.79
N ASN F 295 -12.73 -53.51 58.58
CA ASN F 295 -11.74 -53.67 57.53
C ASN F 295 -11.00 -52.35 57.35
N LEU F 296 -9.72 -52.32 57.73
CA LEU F 296 -8.96 -51.09 57.72
C LEU F 296 -7.82 -51.17 56.73
N PRO F 297 -7.45 -50.05 56.12
CA PRO F 297 -6.25 -50.02 55.27
C PRO F 297 -4.99 -50.15 56.10
N LYS F 298 -3.89 -50.43 55.41
CA LYS F 298 -2.63 -50.80 56.06
C LYS F 298 -1.88 -49.55 56.50
N GLY F 299 -2.05 -49.18 57.76
CA GLY F 299 -1.20 -48.17 58.38
C GLY F 299 -1.45 -46.74 57.99
N ASP F 300 -1.29 -46.43 56.70
CA ASP F 300 -1.27 -45.03 56.28
C ASP F 300 -2.64 -44.39 56.33
N TRP F 301 -3.59 -44.91 55.57
CA TRP F 301 -4.91 -44.29 55.41
C TRP F 301 -4.78 -42.82 55.01
N HIS F 302 -4.15 -42.59 53.86
CA HIS F 302 -3.94 -41.23 53.39
C HIS F 302 -5.27 -40.60 53.00
N CYS F 303 -5.54 -39.41 53.54
CA CYS F 303 -6.76 -38.71 53.20
C CYS F 303 -6.71 -38.19 51.77
N ASN F 304 -7.88 -37.84 51.25
CA ASN F 304 -7.97 -37.35 49.87
C ASN F 304 -7.05 -36.17 49.65
N GLU F 305 -7.03 -35.21 50.58
CA GLU F 305 -6.17 -34.04 50.44
C GLU F 305 -4.70 -34.43 50.44
N CYS F 306 -4.31 -35.36 51.34
CA CYS F 306 -2.94 -35.84 51.35
C CYS F 306 -2.65 -36.70 50.13
N LYS F 307 -3.62 -37.53 49.71
CA LYS F 307 -3.41 -38.36 48.53
C LYS F 307 -3.19 -37.52 47.29
N PHE F 308 -3.78 -36.32 47.26
CA PHE F 308 -3.59 -35.46 46.10
C PHE F 308 -2.15 -34.95 46.00
N LYS F 309 -1.57 -34.55 47.14
CA LYS F 309 -0.22 -34.00 47.11
C LYS F 309 0.80 -35.03 46.66
N ILE F 310 0.72 -36.24 47.22
CA ILE F 310 1.70 -37.28 46.88
C ILE F 310 1.52 -37.75 45.45
N PHE F 311 0.28 -37.72 44.95
CA PHE F 311 0.03 -38.11 43.57
C PHE F 311 0.72 -37.17 42.60
N ILE F 312 0.53 -35.86 42.77
CA ILE F 312 1.19 -34.88 41.91
C ILE F 312 2.63 -34.68 42.34
N ASN F 313 3.00 -35.20 43.51
CA ASN F 313 4.30 -35.04 44.15
C ASN F 313 4.56 -33.59 44.54
N ASN F 314 3.51 -32.83 44.86
CA ASN F 314 3.64 -31.45 45.32
C ASN F 314 4.36 -30.58 44.29
N SER F 315 4.04 -30.77 43.02
CA SER F 315 4.66 -30.05 41.92
C SER F 315 3.63 -29.14 41.26
N MET F 316 3.96 -27.84 41.16
CA MET F 316 3.04 -26.90 40.54
C MET F 316 2.94 -27.11 39.04
N ALA F 317 4.08 -27.34 38.37
CA ALA F 317 4.09 -27.44 36.92
C ALA F 317 3.22 -28.60 36.44
N THR F 318 3.36 -29.78 37.06
CA THR F 318 2.48 -30.89 36.74
C THR F 318 1.04 -30.56 37.13
N LEU F 319 0.85 -29.96 38.31
CA LEU F 319 -0.49 -29.58 38.75
C LEU F 319 -1.19 -28.73 37.69
N LYS F 320 -0.52 -27.67 37.21
CA LYS F 320 -1.07 -26.89 36.11
C LYS F 320 -1.20 -27.75 34.86
N LYS F 321 -0.20 -28.60 34.59
CA LYS F 321 -0.26 -29.46 33.42
C LYS F 321 -1.38 -30.48 33.54
N ILE F 322 -1.43 -31.20 34.66
CA ILE F 322 -2.47 -32.23 34.82
C ILE F 322 -3.85 -31.58 34.83
N GLU F 323 -3.93 -30.34 35.32
CA GLU F 323 -5.15 -29.56 35.14
C GLU F 323 -5.39 -29.30 33.67
N SER F 324 -4.46 -28.61 33.00
CA SER F 324 -4.65 -28.24 31.61
C SER F 324 -4.94 -29.47 30.74
N ASN F 325 -4.39 -30.62 31.12
CA ASN F 325 -4.76 -31.86 30.44
C ASN F 325 -6.20 -32.24 30.76
N PHE F 326 -6.62 -32.03 32.01
CA PHE F 326 -7.97 -32.45 32.41
C PHE F 326 -9.04 -31.63 31.69
N ILE F 327 -8.83 -30.32 31.55
CA ILE F 327 -9.77 -29.50 30.80
C ILE F 327 -9.83 -29.93 29.34
N LYS F 328 -8.66 -30.11 28.72
CA LYS F 328 -8.64 -30.51 27.31
C LYS F 328 -9.25 -31.90 27.13
N GLN F 329 -9.06 -32.78 28.10
CA GLN F 329 -9.67 -34.11 28.02
C GLN F 329 -11.18 -34.03 28.06
N ASN F 330 -11.73 -33.21 28.96
CA ASN F 330 -13.19 -33.13 29.13
C ASN F 330 -13.76 -31.99 28.29
N ASN F 331 -13.45 -32.04 27.00
CA ASN F 331 -14.04 -31.08 26.07
C ASN F 331 -15.53 -31.30 25.95
N ASN F 332 -16.02 -32.48 26.33
CA ASN F 332 -17.45 -32.73 26.31
C ASN F 332 -18.18 -31.81 27.28
N VAL F 333 -17.70 -31.72 28.51
CA VAL F 333 -18.24 -30.77 29.48
C VAL F 333 -17.13 -29.86 29.98
N LYS F 334 -16.94 -28.71 29.31
CA LYS F 334 -15.83 -27.84 29.66
C LYS F 334 -16.16 -26.95 30.84
N ILE F 335 -17.39 -26.42 30.89
CA ILE F 335 -17.71 -25.46 31.93
C ILE F 335 -17.58 -26.07 33.32
N PHE F 336 -17.84 -27.37 33.42
CA PHE F 336 -17.61 -28.10 34.68
C PHE F 336 -16.26 -28.84 34.63
N ALA F 337 -15.19 -28.10 34.33
CA ALA F 337 -13.87 -28.71 34.31
C ALA F 337 -13.09 -28.46 35.59
N LYS F 338 -12.89 -27.19 35.95
CA LYS F 338 -12.19 -26.88 37.19
C LYS F 338 -12.90 -27.49 38.38
N LEU F 339 -14.23 -27.51 38.34
CA LEU F 339 -15.00 -28.05 39.46
C LEU F 339 -14.77 -29.55 39.62
N LEU F 340 -14.80 -30.30 38.53
CA LEU F 340 -14.51 -31.73 38.62
C LEU F 340 -13.06 -31.97 39.02
N PHE F 341 -12.15 -31.11 38.56
CA PHE F 341 -10.74 -31.29 38.90
C PHE F 341 -10.50 -31.12 40.39
N ASN F 342 -11.17 -30.15 41.01
CA ASN F 342 -10.91 -29.84 42.42
C ASN F 342 -11.50 -30.89 43.35
N ILE F 343 -12.63 -31.49 42.96
CA ILE F 343 -13.43 -32.26 43.92
C ILE F 343 -12.69 -33.52 44.37
N ASP F 344 -11.73 -34.00 43.58
CA ASP F 344 -11.01 -35.19 43.98
C ASP F 344 -10.06 -34.90 45.12
N SER F 345 -9.47 -33.69 45.13
CA SER F 345 -8.48 -33.36 46.15
C SER F 345 -9.11 -33.13 47.51
N HIS F 346 -10.22 -32.38 47.54
CA HIS F 346 -10.81 -32.00 48.81
C HIS F 346 -11.31 -33.21 49.58
N ASN F 347 -11.04 -33.23 50.88
CA ASN F 347 -11.54 -34.30 51.73
C ASN F 347 -13.05 -34.20 51.87
N PRO F 348 -13.73 -35.33 52.09
CA PRO F 348 -15.18 -35.30 52.21
C PRO F 348 -15.61 -34.45 53.40
N LYS F 349 -16.80 -33.85 53.27
CA LYS F 349 -17.32 -32.97 54.30
C LYS F 349 -18.84 -33.10 54.35
N GLN F 350 -19.37 -33.08 55.57
CA GLN F 350 -20.81 -33.17 55.76
C GLN F 350 -21.52 -32.01 55.06
N PHE F 351 -22.70 -32.28 54.54
CA PHE F 351 -23.49 -31.22 53.91
C PHE F 351 -23.88 -30.19 54.95
N GLN F 352 -23.54 -28.94 54.72
CA GLN F 352 -23.86 -27.92 55.69
C GLN F 352 -24.68 -26.85 55.03
N LEU F 353 -25.86 -26.58 55.55
CA LEU F 353 -26.72 -25.64 54.85
C LEU F 353 -26.04 -24.27 54.83
N PRO F 354 -25.77 -23.71 53.65
CA PRO F 354 -24.95 -22.51 53.58
C PRO F 354 -25.58 -21.35 54.32
N ASN F 355 -24.73 -20.45 54.81
CA ASN F 355 -25.21 -19.38 55.68
C ASN F 355 -26.20 -18.46 54.96
N TYR F 356 -25.93 -18.14 53.69
CA TYR F 356 -26.74 -17.14 53.01
C TYR F 356 -28.20 -17.57 52.89
N ILE F 357 -28.44 -18.84 52.55
CA ILE F 357 -29.82 -19.33 52.53
C ILE F 357 -30.39 -19.35 53.93
N LYS F 358 -29.55 -19.65 54.93
CA LYS F 358 -30.00 -19.61 56.32
C LYS F 358 -30.20 -18.16 56.79
N GLU F 359 -29.30 -17.26 56.40
CA GLU F 359 -29.32 -15.90 56.94
C GLU F 359 -30.60 -15.17 56.57
N THR F 360 -31.17 -15.48 55.41
CA THR F 360 -32.40 -14.81 55.00
C THR F 360 -33.56 -15.14 55.93
N PHE F 361 -33.64 -16.39 56.38
CA PHE F 361 -34.76 -16.79 57.21
C PHE F 361 -34.59 -16.24 58.63
N PRO F 362 -35.67 -15.73 59.24
CA PRO F 362 -35.54 -15.11 60.58
C PRO F 362 -35.03 -16.05 61.66
N ALA F 363 -35.43 -17.32 61.63
CA ALA F 363 -35.21 -18.22 62.76
C ALA F 363 -34.39 -19.43 62.35
N VAL F 364 -33.66 -19.98 63.31
CA VAL F 364 -32.86 -21.18 63.14
C VAL F 364 -33.15 -22.13 64.29
N LYS F 365 -33.29 -23.43 63.98
CA LYS F 365 -33.59 -24.40 65.03
C LYS F 365 -32.32 -25.08 65.54
N THR F 366 -31.57 -25.71 64.66
CA THR F 366 -30.40 -26.51 65.04
C THR F 366 -29.13 -25.75 64.68
N GLY F 367 -28.20 -25.68 65.63
CA GLY F 367 -26.93 -25.01 65.41
C GLY F 367 -25.75 -25.77 65.99
N ASP F 543 -15.03 -37.60 18.06
CA ASP F 543 -14.26 -37.88 16.85
C ASP F 543 -14.62 -36.84 15.79
N GLU F 544 -14.06 -36.95 14.58
CA GLU F 544 -14.35 -35.95 13.56
C GLU F 544 -15.83 -35.92 13.20
N ASN F 545 -16.43 -37.10 12.96
CA ASN F 545 -17.85 -37.14 12.64
C ASN F 545 -18.69 -36.70 13.83
N SER F 546 -18.22 -36.97 15.05
CA SER F 546 -18.95 -36.56 16.24
C SER F 546 -19.06 -35.04 16.31
N ILE F 547 -17.98 -34.33 16.00
CA ILE F 547 -18.02 -32.87 16.00
C ILE F 547 -19.04 -32.36 14.99
N LYS F 548 -19.05 -32.93 13.78
CA LYS F 548 -20.04 -32.55 12.79
C LYS F 548 -21.44 -32.92 13.27
N TYR F 549 -21.60 -34.11 13.86
CA TYR F 549 -22.89 -34.50 14.40
C TYR F 549 -23.30 -33.60 15.56
N ASP F 550 -22.36 -33.27 16.45
CA ASP F 550 -22.67 -32.37 17.56
C ASP F 550 -22.99 -30.97 17.04
N PHE F 551 -22.38 -30.58 15.93
CA PHE F 551 -22.74 -29.30 15.32
C PHE F 551 -24.07 -29.39 14.58
N PHE F 552 -24.33 -30.54 13.95
CA PHE F 552 -25.51 -30.67 13.10
C PHE F 552 -26.80 -30.65 13.91
N ASP F 553 -26.85 -31.43 14.98
CA ASP F 553 -28.10 -31.56 15.73
C ASP F 553 -28.51 -30.23 16.37
N LYS F 554 -27.53 -29.48 16.92
CA LYS F 554 -27.85 -28.18 17.48
C LYS F 554 -28.40 -27.25 16.41
N ILE F 555 -27.79 -27.24 15.23
CA ILE F 555 -28.35 -26.50 14.10
C ILE F 555 -29.75 -27.01 13.79
N TYR F 556 -29.91 -28.34 13.72
CA TYR F 556 -31.22 -28.91 13.42
C TYR F 556 -32.23 -28.60 14.50
N LYS F 557 -31.85 -28.73 15.77
CA LYS F 557 -32.76 -28.36 16.85
C LYS F 557 -33.08 -26.88 16.81
N SER F 558 -32.12 -26.06 16.39
CA SER F 558 -32.35 -24.63 16.28
C SER F 558 -33.41 -24.31 15.22
N LYS F 559 -33.48 -25.12 14.17
CA LYS F 559 -34.33 -24.78 13.03
C LYS F 559 -35.81 -24.79 13.41
N MET F 560 -36.29 -25.86 14.05
CA MET F 560 -37.71 -25.92 14.41
C MET F 560 -38.07 -24.80 15.37
N VAL F 561 -37.18 -24.53 16.34
CA VAL F 561 -37.41 -23.44 17.27
C VAL F 561 -37.55 -22.13 16.51
N GLN F 562 -36.67 -21.90 15.53
CA GLN F 562 -36.84 -20.76 14.65
C GLN F 562 -38.14 -20.83 13.88
N LYS F 563 -38.49 -22.02 13.38
CA LYS F 563 -39.71 -22.16 12.59
C LYS F 563 -40.95 -21.96 13.46
N ARG F 564 -41.00 -22.61 14.63
CA ARG F 564 -42.23 -22.61 15.40
C ARG F 564 -42.49 -21.24 16.01
N LYS F 565 -41.42 -20.49 16.33
CA LYS F 565 -41.62 -19.10 16.75
C LYS F 565 -42.11 -18.23 15.61
N LEU F 566 -41.53 -18.41 14.41
CA LEU F 566 -42.03 -17.68 13.25
C LEU F 566 -43.46 -18.12 12.92
N PHE F 567 -43.74 -19.41 13.03
CA PHE F 567 -45.09 -19.89 12.74
C PHE F 567 -46.11 -19.35 13.73
N GLN F 568 -45.75 -19.29 15.03
CA GLN F 568 -46.69 -18.84 16.02
C GLN F 568 -47.03 -17.36 15.83
N PHE F 569 -46.09 -16.57 15.31
CA PHE F 569 -46.43 -15.21 14.93
C PHE F 569 -47.43 -15.20 13.78
N GLN F 570 -47.27 -16.12 12.84
CA GLN F 570 -48.19 -16.20 11.71
C GLN F 570 -49.60 -16.57 12.17
N GLU F 571 -49.72 -17.52 13.11
CA GLU F 571 -51.06 -17.88 13.57
C GLU F 571 -51.59 -16.81 14.52
N SER F 572 -50.71 -15.95 15.03
CA SER F 572 -51.18 -14.73 15.69
C SER F 572 -51.72 -13.74 14.66
N LEU F 573 -51.17 -13.76 13.44
CA LEU F 573 -51.69 -12.89 12.39
C LEU F 573 -53.09 -13.32 11.96
N ILE F 574 -53.30 -14.63 11.79
CA ILE F 574 -54.64 -15.09 11.43
C ILE F 574 -55.59 -14.91 12.61
N ASP F 575 -55.09 -15.04 13.83
CA ASP F 575 -55.92 -14.80 15.00
C ASP F 575 -56.13 -13.32 15.23
N LYS F 576 -55.28 -12.48 14.63
CA LYS F 576 -55.54 -11.04 14.65
C LYS F 576 -56.86 -10.73 13.96
N LEU F 577 -57.14 -11.43 12.85
CA LEU F 577 -58.50 -11.45 12.33
C LEU F 577 -59.39 -12.21 13.30
N VAL F 578 -60.43 -11.55 13.78
CA VAL F 578 -61.22 -12.02 14.91
C VAL F 578 -62.15 -13.13 14.46
N SER F 579 -62.32 -14.14 15.32
CA SER F 579 -63.26 -15.25 15.23
C SER F 579 -62.90 -16.27 14.15
N ASN F 580 -61.88 -16.02 13.33
CA ASN F 580 -61.48 -16.97 12.30
C ASN F 580 -60.10 -16.62 11.79
N GLY F 581 -59.36 -17.64 11.35
CA GLY F 581 -58.07 -17.40 10.76
C GLY F 581 -58.20 -16.78 9.38
N SER F 582 -57.26 -15.87 9.07
CA SER F 582 -57.28 -15.22 7.76
C SER F 582 -57.02 -16.23 6.65
N GLN F 583 -56.06 -17.14 6.85
CA GLN F 583 -55.83 -18.19 5.88
C GLN F 583 -56.95 -19.20 5.89
N ASN F 584 -57.64 -19.36 7.03
CA ASN F 584 -58.74 -20.28 7.29
C ASN F 584 -58.25 -21.73 7.29
N GLY F 585 -56.96 -21.98 7.07
CA GLY F 585 -56.44 -23.33 7.08
C GLY F 585 -54.96 -23.32 7.38
N ASN F 586 -54.38 -24.51 7.47
CA ASN F 586 -52.96 -24.69 7.73
C ASN F 586 -52.27 -25.17 6.46
N SER F 587 -51.17 -24.50 6.11
CA SER F 587 -50.41 -24.86 4.91
C SER F 587 -49.43 -25.99 5.21
N PRO G 218 -15.19 -10.74 43.26
CA PRO G 218 -15.55 -10.85 44.67
C PRO G 218 -16.11 -12.23 45.02
N LYS G 219 -17.14 -12.26 45.85
CA LYS G 219 -17.86 -13.49 46.16
C LYS G 219 -18.98 -13.65 45.14
N ILE G 220 -19.27 -14.90 44.78
CA ILE G 220 -20.21 -15.13 43.69
C ILE G 220 -21.63 -15.05 44.21
N SER G 221 -22.43 -14.20 43.57
CA SER G 221 -23.79 -13.93 44.01
C SER G 221 -24.76 -14.78 43.19
N LEU G 222 -25.38 -15.76 43.85
CA LEU G 222 -26.37 -16.63 43.24
C LEU G 222 -27.66 -16.51 44.02
N GLN G 223 -28.78 -16.37 43.32
CA GLN G 223 -30.07 -16.11 43.93
C GLN G 223 -30.94 -17.36 43.83
N ILE G 224 -31.26 -17.94 44.99
CA ILE G 224 -32.23 -19.03 45.07
C ILE G 224 -33.63 -18.40 45.10
N PRO G 225 -34.62 -18.95 44.39
CA PRO G 225 -35.99 -18.48 44.58
C PRO G 225 -36.45 -18.66 46.01
N ILE G 226 -37.32 -17.76 46.46
CA ILE G 226 -37.66 -17.66 47.87
C ILE G 226 -38.34 -18.94 48.36
N LYS G 227 -39.21 -19.53 47.54
CA LYS G 227 -39.86 -20.77 47.94
C LYS G 227 -38.85 -21.90 48.01
N LEU G 228 -37.90 -21.94 47.06
CA LEU G 228 -36.87 -22.98 47.07
C LEU G 228 -35.99 -22.87 48.31
N LYS G 229 -35.74 -21.64 48.78
CA LYS G 229 -34.99 -21.47 50.01
C LYS G 229 -35.70 -22.16 51.18
N SER G 230 -37.03 -22.02 51.25
CA SER G 230 -37.79 -22.73 52.27
C SER G 230 -37.69 -24.23 52.08
N VAL G 231 -37.72 -24.69 50.83
CA VAL G 231 -37.69 -26.12 50.55
C VAL G 231 -36.46 -26.76 51.16
N LEU G 232 -35.28 -26.18 50.92
CA LEU G 232 -34.04 -26.73 51.48
C LEU G 232 -33.99 -26.56 52.99
N VAL G 233 -34.29 -25.35 53.49
CA VAL G 233 -34.16 -25.09 54.92
C VAL G 233 -35.11 -25.97 55.73
N ASP G 234 -36.37 -26.06 55.30
CA ASP G 234 -37.30 -26.96 55.97
C ASP G 234 -36.84 -28.40 55.86
N ASP G 235 -36.33 -28.80 54.68
CA ASP G 235 -35.90 -30.18 54.50
C ASP G 235 -34.77 -30.54 55.44
N TRP G 236 -33.83 -29.61 55.65
CA TRP G 236 -32.74 -29.84 56.60
C TRP G 236 -33.29 -30.05 58.02
N GLU G 237 -34.41 -29.40 58.33
CA GLU G 237 -35.03 -29.60 59.64
C GLU G 237 -35.46 -31.04 59.84
N TYR G 238 -36.02 -31.66 58.80
CA TYR G 238 -36.57 -33.02 58.93
C TYR G 238 -35.47 -34.03 59.22
N VAL G 239 -34.37 -33.98 58.47
CA VAL G 239 -33.33 -35.01 58.60
C VAL G 239 -32.69 -34.96 59.97
N THR G 240 -32.37 -33.74 60.46
CA THR G 240 -31.74 -33.63 61.76
C THR G 240 -32.67 -34.04 62.89
N LYS G 241 -33.96 -33.69 62.79
CA LYS G 241 -34.91 -33.92 63.85
C LYS G 241 -35.74 -35.18 63.64
N ASP G 242 -36.46 -35.28 62.52
CA ASP G 242 -37.31 -36.44 62.29
C ASP G 242 -36.48 -37.67 61.92
N LYS G 243 -35.24 -37.45 61.47
CA LYS G 243 -34.33 -38.49 61.00
C LYS G 243 -34.91 -39.29 59.84
N LYS G 244 -35.68 -38.67 58.96
CA LYS G 244 -36.24 -39.37 57.83
C LYS G 244 -35.21 -39.54 56.72
N ILE G 245 -35.32 -40.61 55.96
CA ILE G 245 -34.42 -40.91 54.86
C ILE G 245 -35.25 -41.20 53.61
N CYS G 246 -34.79 -40.69 52.46
CA CYS G 246 -35.50 -40.90 51.21
C CYS G 246 -35.50 -42.37 50.81
N ARG G 247 -36.64 -42.84 50.31
CA ARG G 247 -36.68 -44.14 49.67
C ARG G 247 -35.86 -44.09 48.39
N LEU G 248 -34.91 -45.01 48.26
CA LEU G 248 -33.98 -44.96 47.14
C LEU G 248 -33.96 -46.32 46.43
N PRO G 249 -34.10 -46.35 45.09
CA PRO G 249 -34.17 -45.18 44.20
C PRO G 249 -35.44 -44.34 44.37
N ALA G 250 -35.30 -43.03 44.23
CA ALA G 250 -36.37 -42.10 44.58
C ALA G 250 -37.47 -42.11 43.52
N ASP G 251 -38.61 -41.50 43.89
CA ASP G 251 -39.74 -41.43 42.97
C ASP G 251 -39.39 -40.65 41.71
N VAL G 252 -38.72 -39.50 41.88
CA VAL G 252 -38.28 -38.67 40.77
C VAL G 252 -36.76 -38.67 40.77
N THR G 253 -36.17 -39.38 39.82
CA THR G 253 -34.72 -39.49 39.75
C THR G 253 -34.11 -38.16 39.30
N VAL G 254 -32.83 -38.00 39.64
CA VAL G 254 -32.09 -36.82 39.18
C VAL G 254 -32.09 -36.77 37.66
N GLU G 255 -31.99 -37.92 37.02
CA GLU G 255 -31.88 -37.96 35.56
C GLU G 255 -33.11 -37.37 34.88
N MET G 256 -34.28 -37.99 35.04
CA MET G 256 -35.43 -37.56 34.27
C MET G 256 -35.85 -36.15 34.62
N VAL G 257 -35.53 -35.70 35.84
CA VAL G 257 -35.69 -34.28 36.14
C VAL G 257 -34.76 -33.43 35.28
N LEU G 258 -33.48 -33.83 35.22
CA LEU G 258 -32.50 -33.00 34.53
C LEU G 258 -32.50 -33.25 33.02
N ASN G 259 -32.66 -34.51 32.62
CA ASN G 259 -32.75 -34.80 31.18
C ASN G 259 -33.94 -34.08 30.55
N LYS G 260 -35.04 -33.97 31.29
CA LYS G 260 -36.21 -33.27 30.76
C LYS G 260 -35.92 -31.79 30.57
N TYR G 261 -35.20 -31.17 31.52
CA TYR G 261 -34.78 -29.78 31.34
C TYR G 261 -34.05 -29.59 30.02
N GLU G 262 -33.21 -30.56 29.64
CA GLU G 262 -32.51 -30.47 28.36
C GLU G 262 -33.50 -30.55 27.19
N HIS G 263 -34.73 -31.00 27.46
CA HIS G 263 -35.68 -31.22 26.37
C HIS G 263 -36.56 -29.98 26.13
N GLU G 264 -37.26 -29.50 27.17
CA GLU G 264 -38.15 -28.36 26.94
C GLU G 264 -37.37 -27.10 26.58
N VAL G 265 -36.33 -26.77 27.34
CA VAL G 265 -35.57 -25.56 27.10
C VAL G 265 -34.91 -25.62 25.73
N SER G 266 -34.66 -26.83 25.22
CA SER G 266 -34.12 -26.97 23.88
C SER G 266 -35.05 -26.40 22.83
N GLN G 267 -36.36 -26.63 22.98
CA GLN G 267 -37.31 -26.13 21.99
C GLN G 267 -37.57 -24.64 22.15
N GLU G 268 -36.87 -23.98 23.08
CA GLU G 268 -37.13 -22.57 23.31
C GLU G 268 -35.99 -21.70 22.78
N LEU G 269 -34.76 -22.20 22.80
CA LEU G 269 -33.60 -21.44 22.37
C LEU G 269 -33.43 -21.61 20.87
N GLU G 270 -33.26 -20.49 20.16
CA GLU G 270 -33.23 -20.54 18.70
C GLU G 270 -31.81 -20.58 18.17
N SER G 271 -30.85 -20.07 18.94
CA SER G 271 -29.49 -20.00 18.47
C SER G 271 -28.83 -21.38 18.47
N PRO G 272 -27.80 -21.59 17.64
CA PRO G 272 -27.05 -22.84 17.73
C PRO G 272 -26.24 -22.94 19.02
N GLY G 273 -25.53 -21.88 19.38
CA GLY G 273 -24.75 -21.91 20.61
C GLY G 273 -25.62 -22.11 21.83
N SER G 274 -26.75 -21.40 21.90
CA SER G 274 -27.64 -21.53 23.05
C SER G 274 -28.11 -22.96 23.24
N GLN G 275 -28.22 -23.71 22.14
CA GLN G 275 -28.53 -25.14 22.26
C GLN G 275 -27.33 -25.91 22.78
N SER G 276 -26.12 -25.50 22.40
CA SER G 276 -24.93 -26.18 22.89
C SER G 276 -24.71 -25.93 24.37
N GLN G 277 -24.79 -24.67 24.79
CA GLN G 277 -24.58 -24.34 26.20
C GLN G 277 -25.59 -25.05 27.09
N LEU G 278 -26.83 -25.20 26.60
CA LEU G 278 -27.84 -25.91 27.38
C LEU G 278 -27.44 -27.36 27.62
N SER G 279 -27.09 -28.09 26.56
CA SER G 279 -26.67 -29.47 26.73
C SER G 279 -25.33 -29.54 27.45
N GLU G 280 -24.47 -28.54 27.23
CA GLU G 280 -23.20 -28.46 27.96
C GLU G 280 -23.42 -28.44 29.46
N TYR G 281 -24.10 -27.42 29.97
CA TYR G 281 -24.31 -27.30 31.40
C TYR G 281 -25.17 -28.45 31.93
N CYS G 282 -26.11 -28.93 31.12
CA CYS G 282 -26.99 -30.00 31.60
C CYS G 282 -26.24 -31.32 31.73
N ALA G 283 -25.44 -31.68 30.73
CA ALA G 283 -24.70 -32.94 30.80
C ALA G 283 -23.63 -32.89 31.89
N GLY G 284 -23.01 -31.72 32.08
CA GLY G 284 -22.03 -31.57 33.13
C GLY G 284 -22.61 -31.79 34.51
N LEU G 285 -23.80 -31.24 34.76
CA LEU G 285 -24.44 -31.41 36.06
C LEU G 285 -24.69 -32.87 36.36
N LYS G 286 -25.03 -33.65 35.33
CA LYS G 286 -25.13 -35.10 35.49
C LYS G 286 -23.79 -35.70 35.86
N LEU G 287 -22.69 -35.13 35.34
CA LEU G 287 -21.37 -35.63 35.68
C LEU G 287 -20.93 -35.12 37.04
N TYR G 288 -21.14 -33.83 37.31
CA TYR G 288 -20.69 -33.24 38.56
C TYR G 288 -21.36 -33.88 39.76
N PHE G 289 -22.66 -34.14 39.67
CA PHE G 289 -23.37 -34.74 40.80
C PHE G 289 -22.79 -36.09 41.18
N ASP G 290 -22.28 -36.83 40.18
CA ASP G 290 -21.76 -38.17 40.45
C ASP G 290 -20.56 -38.13 41.39
N LYS G 291 -19.56 -37.30 41.06
CA LYS G 291 -18.38 -37.22 41.92
C LYS G 291 -18.68 -36.48 43.21
N CYS G 292 -19.62 -35.53 43.18
CA CYS G 292 -19.82 -34.65 44.32
C CYS G 292 -20.85 -35.20 45.29
N LEU G 293 -21.41 -36.37 44.99
CA LEU G 293 -22.36 -36.96 45.94
C LEU G 293 -21.65 -37.50 47.17
N GLY G 294 -20.71 -38.43 46.97
CA GLY G 294 -20.06 -39.06 48.10
C GLY G 294 -19.25 -38.08 48.93
N ASN G 295 -18.90 -36.93 48.34
CA ASN G 295 -18.07 -35.96 49.05
C ASN G 295 -18.91 -35.10 50.00
N MET G 296 -19.88 -34.36 49.46
CA MET G 296 -20.42 -33.24 50.23
C MET G 296 -21.91 -33.31 50.51
N LEU G 297 -22.71 -33.74 49.52
CA LEU G 297 -24.14 -33.40 49.52
C LEU G 297 -24.89 -34.13 50.63
N LEU G 298 -24.30 -35.17 51.21
CA LEU G 298 -25.04 -36.01 52.14
C LEU G 298 -24.85 -35.53 53.59
N TYR G 299 -25.78 -35.94 54.45
CA TYR G 299 -25.75 -35.61 55.86
C TYR G 299 -25.10 -36.72 56.66
N ARG G 300 -24.99 -36.50 57.98
CA ARG G 300 -24.46 -37.54 58.86
C ARG G 300 -25.34 -38.77 58.83
N LEU G 301 -26.66 -38.60 59.03
CA LEU G 301 -27.58 -39.72 58.93
C LEU G 301 -27.61 -40.29 57.53
N GLU G 302 -27.62 -39.42 56.51
CA GLU G 302 -27.65 -39.88 55.13
C GLU G 302 -26.40 -40.70 54.79
N ARG G 303 -25.26 -40.33 55.37
CA ARG G 303 -24.01 -41.01 55.02
C ARG G 303 -24.07 -42.48 55.39
N LEU G 304 -24.68 -42.81 56.52
CA LEU G 304 -24.86 -44.21 56.89
C LEU G 304 -25.69 -44.93 55.83
N GLN G 305 -26.75 -44.28 55.34
CA GLN G 305 -27.57 -44.89 54.30
C GLN G 305 -26.82 -44.97 52.98
N TYR G 306 -25.94 -44.01 52.72
CA TYR G 306 -25.14 -44.04 51.50
C TYR G 306 -24.17 -45.22 51.52
N ASP G 307 -23.60 -45.53 52.68
CA ASP G 307 -22.62 -46.61 52.78
C ASP G 307 -23.21 -47.93 52.31
N GLU G 308 -24.44 -48.20 52.69
CA GLU G 308 -25.07 -49.43 52.29
C GLU G 308 -25.04 -49.55 50.79
N LEU G 309 -25.45 -48.49 50.12
CA LEU G 309 -25.53 -48.54 48.66
C LEU G 309 -24.29 -49.12 48.01
N LEU G 310 -23.11 -48.68 48.45
CA LEU G 310 -21.87 -49.15 47.86
C LEU G 310 -21.72 -50.66 48.01
N LYS G 311 -22.04 -51.18 49.19
CA LYS G 311 -22.11 -52.63 49.36
C LYS G 311 -23.17 -53.24 48.46
N LYS G 312 -24.34 -52.60 48.39
CA LYS G 312 -25.40 -53.08 47.51
C LYS G 312 -24.95 -53.06 46.06
N SER G 313 -24.28 -51.99 45.64
CA SER G 313 -23.70 -51.96 44.30
C SER G 313 -22.59 -53.00 44.16
N SER G 314 -21.79 -53.19 45.21
CA SER G 314 -20.75 -54.20 45.18
C SER G 314 -21.33 -55.60 45.09
N LYS G 315 -22.41 -55.86 45.84
CA LYS G 315 -23.02 -57.19 45.79
C LYS G 315 -23.54 -57.51 44.40
N ASP G 316 -24.02 -56.50 43.67
CA ASP G 316 -24.41 -56.71 42.29
C ASP G 316 -23.20 -56.69 41.36
N GLN G 317 -22.10 -56.09 41.82
CA GLN G 317 -20.88 -55.76 41.07
C GLN G 317 -21.15 -54.68 40.02
N LYS G 318 -22.39 -54.22 39.86
CA LYS G 318 -22.64 -53.12 38.95
C LYS G 318 -22.19 -51.80 39.58
N PRO G 319 -21.61 -50.89 38.81
CA PRO G 319 -21.15 -49.63 39.38
C PRO G 319 -22.29 -48.80 39.94
N LEU G 320 -22.03 -48.14 41.06
CA LEU G 320 -23.03 -47.25 41.64
C LEU G 320 -23.09 -45.96 40.86
N VAL G 321 -24.31 -45.58 40.46
CA VAL G 321 -24.53 -44.38 39.66
C VAL G 321 -25.46 -43.47 40.46
N PRO G 322 -24.93 -42.47 41.15
CA PRO G 322 -25.78 -41.60 42.00
C PRO G 322 -26.93 -40.93 41.26
N ILE G 323 -26.71 -40.50 40.01
CA ILE G 323 -27.68 -39.67 39.32
C ILE G 323 -29.00 -40.41 39.10
N ARG G 324 -28.94 -41.68 38.70
CA ARG G 324 -30.19 -42.37 38.38
C ARG G 324 -30.97 -42.73 39.63
N ILE G 325 -30.30 -42.83 40.78
CA ILE G 325 -30.94 -43.40 41.96
C ILE G 325 -31.55 -42.31 42.84
N TYR G 326 -30.81 -41.22 43.10
CA TYR G 326 -31.27 -40.25 44.08
C TYR G 326 -32.32 -39.31 43.49
N GLY G 327 -32.96 -38.54 44.37
CA GLY G 327 -34.02 -37.64 43.94
C GLY G 327 -33.51 -36.25 43.62
N ALA G 328 -34.44 -35.42 43.15
CA ALA G 328 -34.08 -34.10 42.67
C ALA G 328 -33.69 -33.16 43.80
N ILE G 329 -34.20 -33.41 45.01
CA ILE G 329 -33.88 -32.54 46.15
C ILE G 329 -32.38 -32.55 46.42
N HIS G 330 -31.72 -33.68 46.20
CA HIS G 330 -30.27 -33.72 46.32
C HIS G 330 -29.61 -32.83 45.27
N LEU G 331 -30.16 -32.81 44.06
CA LEU G 331 -29.67 -31.88 43.04
C LEU G 331 -29.82 -30.44 43.52
N LEU G 332 -30.94 -30.12 44.15
CA LEU G 332 -31.14 -28.78 44.68
C LEU G 332 -30.10 -28.47 45.75
N ARG G 333 -29.70 -29.49 46.52
CA ARG G 333 -28.64 -29.29 47.51
C ARG G 333 -27.33 -28.89 46.85
N LEU G 334 -27.02 -29.49 45.70
CA LEU G 334 -25.77 -29.16 45.01
C LEU G 334 -25.76 -27.71 44.56
N ILE G 335 -26.88 -27.21 44.04
CA ILE G 335 -26.93 -25.84 43.55
C ILE G 335 -26.73 -24.85 44.70
N SER G 336 -27.26 -25.16 45.88
CA SER G 336 -27.06 -24.29 47.03
C SER G 336 -25.59 -24.20 47.40
N VAL G 337 -24.87 -25.33 47.35
CA VAL G 337 -23.45 -25.34 47.69
C VAL G 337 -22.63 -24.81 46.51
N LEU G 338 -23.25 -24.65 45.35
CA LEU G 338 -22.51 -24.31 44.15
C LEU G 338 -21.72 -23.01 44.26
N PRO G 339 -22.30 -21.86 44.63
CA PRO G 339 -21.53 -20.61 44.55
C PRO G 339 -20.29 -20.59 45.42
N GLU G 340 -20.26 -21.37 46.49
CA GLU G 340 -19.04 -21.49 47.27
C GLU G 340 -17.99 -22.28 46.49
N LEU G 341 -18.42 -23.25 45.69
CA LEU G 341 -17.48 -24.12 45.00
C LEU G 341 -16.74 -23.38 43.89
N ILE G 342 -17.43 -22.49 43.16
CA ILE G 342 -16.73 -21.71 42.15
C ILE G 342 -15.67 -20.82 42.79
N SER G 343 -15.91 -20.38 44.02
CA SER G 343 -14.96 -19.49 44.70
C SER G 343 -13.58 -20.15 44.81
N SER G 344 -13.55 -21.46 45.07
CA SER G 344 -12.27 -22.16 45.17
C SER G 344 -11.62 -22.31 43.80
N THR G 345 -12.41 -22.33 42.74
CA THR G 345 -11.86 -22.55 41.41
C THR G 345 -11.20 -21.29 40.87
N THR G 346 -10.47 -21.45 39.77
CA THR G 346 -9.71 -20.38 39.16
C THR G 346 -10.36 -19.80 37.91
N MET G 347 -11.64 -20.09 37.67
CA MET G 347 -12.30 -19.58 36.48
C MET G 347 -12.38 -18.07 36.52
N ASP G 348 -12.13 -17.43 35.38
CA ASP G 348 -12.29 -16.00 35.27
C ASP G 348 -13.75 -15.59 35.42
N LEU G 349 -14.03 -14.31 35.40
CA LEU G 349 -15.40 -13.88 35.66
C LEU G 349 -16.33 -14.29 34.57
N GLN G 350 -15.90 -14.13 33.33
CA GLN G 350 -16.83 -14.40 32.23
C GLN G 350 -17.34 -15.83 32.26
N SER G 351 -16.45 -16.80 32.48
CA SER G 351 -16.88 -18.18 32.57
C SER G 351 -17.81 -18.39 33.75
N CYS G 352 -17.50 -17.75 34.89
CA CYS G 352 -18.34 -17.89 36.08
C CYS G 352 -19.74 -17.32 35.85
N GLN G 353 -19.83 -16.21 35.15
CA GLN G 353 -21.13 -15.69 34.85
C GLN G 353 -22.00 -16.77 34.26
N LEU G 354 -21.54 -17.42 33.19
CA LEU G 354 -22.42 -18.37 32.52
C LEU G 354 -22.77 -19.51 33.43
N LEU G 355 -21.80 -19.99 34.20
CA LEU G 355 -22.10 -21.13 35.03
C LEU G 355 -23.27 -20.69 35.85
N ILE G 356 -23.28 -19.42 36.25
CA ILE G 356 -24.38 -18.99 37.10
C ILE G 356 -25.64 -18.78 36.28
N LYS G 357 -25.48 -18.31 35.04
CA LYS G 357 -26.64 -17.84 34.28
C LYS G 357 -27.58 -18.99 33.93
N GLN G 358 -27.05 -20.16 33.56
CA GLN G 358 -27.93 -21.31 33.45
C GLN G 358 -28.50 -21.70 34.81
N THR G 359 -27.67 -21.62 35.86
CA THR G 359 -28.13 -22.02 37.19
C THR G 359 -29.34 -21.22 37.62
N GLU G 360 -29.29 -19.89 37.51
CA GLU G 360 -30.46 -19.09 37.83
C GLU G 360 -31.62 -19.40 36.90
N ASP G 361 -31.36 -19.52 35.59
CA ASP G 361 -32.42 -19.86 34.65
C ASP G 361 -32.91 -21.28 34.87
N PHE G 362 -32.04 -22.16 35.37
CA PHE G 362 -32.48 -23.50 35.72
C PHE G 362 -33.54 -23.45 36.81
N LEU G 363 -33.24 -22.77 37.92
CA LEU G 363 -34.17 -22.76 39.04
C LEU G 363 -35.46 -22.01 38.69
N VAL G 364 -35.41 -21.14 37.67
CA VAL G 364 -36.63 -20.52 37.18
C VAL G 364 -37.57 -21.58 36.62
N TRP G 365 -37.01 -22.62 35.99
CA TRP G 365 -37.85 -23.76 35.61
C TRP G 365 -38.46 -24.39 36.85
N LEU G 366 -37.62 -24.58 37.89
CA LEU G 366 -38.00 -25.40 39.03
C LEU G 366 -39.30 -24.92 39.65
N LEU G 367 -39.51 -23.61 39.71
CA LEU G 367 -40.72 -23.07 40.31
C LEU G 367 -41.97 -23.55 39.57
N MET G 368 -41.86 -23.77 38.27
CA MET G 368 -43.02 -24.24 37.50
C MET G 368 -43.46 -25.63 37.97
N HIS G 369 -42.50 -26.51 38.24
CA HIS G 369 -42.80 -27.84 38.75
C HIS G 369 -42.32 -28.06 40.19
N VAL G 370 -42.11 -26.98 40.94
CA VAL G 370 -41.74 -27.15 42.35
C VAL G 370 -42.85 -27.85 43.11
N ASP G 371 -44.09 -27.72 42.64
CA ASP G 371 -45.21 -28.35 43.32
C ASP G 371 -45.22 -29.86 43.09
N GLU G 372 -44.69 -30.30 41.94
CA GLU G 372 -44.83 -31.70 41.56
C GLU G 372 -44.00 -32.62 42.44
N TYR G 373 -42.73 -32.30 42.64
CA TYR G 373 -41.78 -33.23 43.25
C TYR G 373 -41.02 -32.69 44.46
N PHE G 374 -40.61 -31.41 44.48
CA PHE G 374 -40.23 -30.83 45.76
C PHE G 374 -41.41 -30.74 46.71
N ASN G 375 -42.51 -30.14 46.28
CA ASN G 375 -43.67 -30.04 47.15
C ASN G 375 -44.42 -31.37 47.14
N ASP G 376 -44.93 -31.75 48.31
CA ASP G 376 -45.59 -33.03 48.43
C ASP G 376 -46.92 -33.03 47.68
N LYS G 377 -46.95 -33.77 46.57
CA LYS G 377 -48.17 -34.02 45.82
C LYS G 377 -48.80 -35.31 46.34
N ASP G 378 -50.08 -35.25 46.67
CA ASP G 378 -50.77 -36.31 47.38
C ASP G 378 -50.02 -36.63 48.68
N PRO G 379 -49.91 -35.66 49.60
CA PRO G 379 -49.00 -35.84 50.74
C PRO G 379 -49.45 -36.88 51.75
N ASN G 380 -50.70 -37.34 51.64
CA ASN G 380 -51.21 -38.29 52.64
C ASN G 380 -50.39 -39.58 52.65
N ARG G 381 -50.05 -40.10 51.48
CA ARG G 381 -49.25 -41.32 51.42
C ARG G 381 -47.80 -41.03 51.75
N SER G 382 -47.20 -41.91 52.57
CA SER G 382 -45.82 -41.70 52.99
C SER G 382 -44.85 -41.84 51.82
N ASP G 383 -45.20 -42.65 50.82
CA ASP G 383 -44.34 -42.80 49.65
C ASP G 383 -44.20 -41.48 48.90
N ASP G 384 -45.29 -40.72 48.80
CA ASP G 384 -45.23 -39.40 48.17
C ASP G 384 -44.28 -38.48 48.92
N ALA G 385 -44.29 -38.54 50.25
CA ALA G 385 -43.30 -37.82 51.04
C ALA G 385 -41.90 -38.29 50.67
N LEU G 386 -41.02 -37.33 50.38
CA LEU G 386 -39.69 -37.68 49.88
C LEU G 386 -38.88 -38.46 50.91
N TYR G 387 -38.94 -38.04 52.17
CA TYR G 387 -38.16 -38.64 53.23
C TYR G 387 -39.08 -39.42 54.16
N VAL G 388 -38.65 -40.62 54.56
CA VAL G 388 -39.44 -41.55 55.34
C VAL G 388 -38.72 -41.83 56.66
N ASN G 389 -39.47 -41.87 57.76
CA ASN G 389 -38.89 -42.01 59.08
C ASN G 389 -38.15 -43.33 59.23
N THR G 390 -37.13 -43.34 60.09
CA THR G 390 -36.27 -44.50 60.27
C THR G 390 -36.15 -44.83 61.76
N SER G 391 -35.63 -46.03 62.03
CA SER G 391 -35.56 -46.53 63.40
C SER G 391 -34.47 -45.83 64.19
N SER G 392 -34.64 -45.79 65.51
CA SER G 392 -33.70 -45.08 66.37
C SER G 392 -32.36 -45.81 66.47
N GLN G 393 -32.39 -47.13 66.57
CA GLN G 393 -31.13 -47.88 66.64
C GLN G 393 -30.33 -47.70 65.36
N TYR G 394 -31.02 -47.46 64.23
CA TYR G 394 -30.33 -47.06 63.02
C TYR G 394 -29.64 -45.72 63.21
N GLU G 395 -30.32 -44.77 63.87
CA GLU G 395 -29.73 -43.46 64.14
C GLU G 395 -28.53 -43.59 65.06
N GLY G 396 -28.55 -44.54 65.99
CA GLY G 396 -27.39 -44.75 66.85
C GLY G 396 -26.15 -45.13 66.05
N VAL G 397 -26.33 -45.97 65.03
CA VAL G 397 -25.21 -46.27 64.13
C VAL G 397 -24.84 -45.02 63.31
N ALA G 398 -25.85 -44.21 62.96
CA ALA G 398 -25.58 -42.99 62.21
C ALA G 398 -24.72 -42.02 63.00
N LEU G 399 -24.89 -42.02 64.33
CA LEU G 399 -23.97 -41.25 65.17
C LEU G 399 -22.55 -41.79 65.05
N GLY G 400 -22.40 -43.11 65.03
CA GLY G 400 -21.09 -43.73 65.00
C GLY G 400 -20.49 -44.01 66.35
N MET G 401 -21.11 -43.55 67.44
CA MET G 401 -20.63 -43.82 68.78
C MET G 401 -21.71 -44.48 69.63
#